data_8HQ3
#
_entry.id   8HQ3
#
_cell.length_a   105.079
_cell.length_b   105.079
_cell.length_c   305.368
_cell.angle_alpha   90.00
_cell.angle_beta   90.00
_cell.angle_gamma   90.00
#
_symmetry.space_group_name_H-M   'P 43 21 2'
#
loop_
_entity.id
_entity.type
_entity.pdbx_description
1 polymer 'GTP-binding nuclear protein Ran'
2 polymer 'YRB1 isoform 1'
3 polymer 'CRM1 isoform 1'
4 non-polymer 'MAGNESIUM ION'
5 non-polymer 'NITRATE ION'
6 non-polymer GLYCEROL
7 non-polymer "GUANOSINE-5'-TRIPHOSPHATE"
8 non-polymer 'CHLORIDE ION'
9 non-polymer 'DIMETHYL SULFOXIDE'
10 non-polymer 'methyl (3~{S},5~{R},6~{E},8~{Z},10~{R},12~{E},14~{E},16~{R})-3,16-bis(azanyl)-8,10,12-trimethyl-16-[(2~{S},4~{R},5~{S},6~{S})-5-methyl-4-oxidanyl-6-[(~{E})-prop-1-enyl]oxan-2-yl]-5-oxidanyl-hexadeca-6,8,12,14-tetraenoate'
11 water water
#
loop_
_entity_poly.entity_id
_entity_poly.type
_entity_poly.pdbx_seq_one_letter_code
_entity_poly.pdbx_strand_id
1 'polypeptide(L)'
;MAAQGEPQVQFKLVLVGDGGTGKTTFVKRHLTGEFEKKYVATLGVEVHPLVFHTNRGPIKFNVWDTAGLEKFGGLRDGYY
IQAQCAIIMFDVTSRVTYKNVPNWHRDLVRVCENIPIVLCGNKVDIKDRKVKAKSIVFHRKKNLQYYDISAKSNYNFEKP
FLWLARKLIGDPNLEFVAMPAAAPPEVVMDPALAAQYEHDLEVAQTTALPDEDDDL
;
A
2 'polypeptide(L)'
;DIHFEPVVHLEKVDVKTMEEDEEVLYKVRAKLFRFDADAKEWKERGTGDCKFLKNKKTNKVRILMRRDKTLKICANHIIA
PEYTLKPNVGSDRSWVYACTADIAEGEAEAFTFAIRFGSKENADKFKEEFEKAQEINKKA
;
B
3 'polypeptide(L)'
;GGSMEGILDFSNDLDIALLDQVVSTFYQGEGVQQKQAQEILTKFQDNPDAWEKVDQILQFSTNPQSKFIALSILDKLITR
KWKLLPNDHRIGIRNFVVGMIISMCQDDEVFKTQKNLINKSDLTLVQILKQEWPQNWPEFIPELIGSSSSSVNVCENNMI
VLKLLSEEVFDFSAEQMTQAKALHLKNSMSKEFEQIFKLCFQVLEQGSSSSLIVATLESLLRYLHWIPYRYIYETNILEL
LSTKFMTSPDTRAITLKCLTEVSNLKIPQDNDLIKRQTVLFFQNTLQQIATSVMPVTADLKATYANANGNDQSFLQDLAM
FLTTYLARNRALLESDESLRELLLNAHQYLIQLSKIEERELFKTTLDYWHNLVADLFYEPLKKHIYEEICSQLRLVIIEN
MVRPEEIQLYKSEREVLVYLTHLNVIDTEEIMISKLARQIDGSEWSWHNINTLSWAIGSISGTMSEDTEKRFVVTVIKDL
LGLCEQKRGKDNKAVVARDIMYVVGEYPRFLKAHWNFLRTVILKLFEFMHETHEGVQDMACDTFIKIVQKCKYHFVIQQP
RESEPFIQTIIRDIQKTTADLQPQQVHTFYKACGIIISEERSVAERNRLLSDLMQLPNMAWDTIVEQSTANPTLLLDSET
VKIIANIIKTNVAVCTSMGADFYPQLGHIYYNMLQLYRAVSSMISTQVAAEGLIATKTPKVRGLRTIKKEILKLVETYIS
KARNLDDVVKVLVEPLLNAVLEDYMNNVPDARDAEVLNCMTTVVEKVGHMIPQGVILILQSVFECTLDMINKDFTEYPEH
RVEFYKLLKVINEKSFAAFLELPPAAFKLFVDAICWAFKHNNRDVEVNGLQIALDLVKNIERMGNVPFANEFHKNYFFIF
VSETFFVLTDSDHKSGFSKQALLLMKLISLVYDNKISVPLYQEAEVPQGTSNQVYLSQYLANMLSNAFPHLTSEQIASFL
SALTKQCKDLVVFKGTLRDFLVQIKEVGGDPTDYLFAEDKENA
;
C
#
# COMPACT_ATOMS: atom_id res chain seq x y z
N VAL A 9 -22.70 14.35 -19.00
CA VAL A 9 -21.22 14.23 -18.94
C VAL A 9 -20.85 13.03 -18.06
N GLN A 10 -20.62 11.84 -18.67
CA GLN A 10 -20.29 10.64 -17.92
C GLN A 10 -19.21 9.80 -18.60
N PHE A 11 -18.42 9.08 -17.77
CA PHE A 11 -17.23 8.38 -18.24
C PHE A 11 -17.18 7.01 -17.59
N LYS A 12 -16.90 5.98 -18.38
CA LYS A 12 -16.71 4.64 -17.83
C LYS A 12 -15.31 4.54 -17.23
N LEU A 13 -15.28 4.14 -15.96
CA LEU A 13 -14.05 3.95 -15.20
C LEU A 13 -13.99 2.48 -14.79
N VAL A 14 -12.87 1.84 -15.11
CA VAL A 14 -12.67 0.46 -14.71
C VAL A 14 -11.65 0.44 -13.57
N LEU A 15 -11.99 -0.33 -12.53
CA LEU A 15 -11.12 -0.46 -11.38
C LEU A 15 -10.65 -1.91 -11.33
N VAL A 16 -9.32 -2.10 -11.38
CA VAL A 16 -8.73 -3.43 -11.41
C VAL A 16 -7.60 -3.51 -10.41
N GLY A 17 -7.23 -4.75 -10.06
CA GLY A 17 -6.22 -5.00 -9.05
C GLY A 17 -6.51 -6.29 -8.28
N ASP A 18 -5.49 -6.76 -7.55
CA ASP A 18 -5.59 -8.03 -6.84
C ASP A 18 -6.71 -8.00 -5.81
N GLY A 19 -7.18 -9.21 -5.48
CA GLY A 19 -8.19 -9.35 -4.45
C GLY A 19 -7.65 -8.82 -3.14
N GLY A 20 -8.48 -8.06 -2.42
CA GLY A 20 -8.16 -7.62 -1.08
C GLY A 20 -7.38 -6.31 -1.05
N THR A 21 -7.18 -5.67 -2.22
CA THR A 21 -6.37 -4.46 -2.30
C THR A 21 -7.14 -3.21 -1.84
N GLY A 22 -8.48 -3.27 -1.81
CA GLY A 22 -9.32 -2.19 -1.32
C GLY A 22 -10.13 -1.47 -2.38
N LYS A 23 -10.32 -2.08 -3.55
CA LYS A 23 -11.07 -1.47 -4.64
C LYS A 23 -12.49 -1.15 -4.20
N THR A 24 -13.22 -2.18 -3.76
CA THR A 24 -14.61 -1.99 -3.38
C THR A 24 -14.72 -1.04 -2.18
N THR A 25 -13.80 -1.14 -1.22
CA THR A 25 -13.82 -0.33 -0.01
C THR A 25 -13.67 1.14 -0.39
N PHE A 26 -12.76 1.40 -1.33
CA PHE A 26 -12.49 2.75 -1.82
C PHE A 26 -13.72 3.34 -2.49
N VAL A 27 -14.34 2.56 -3.38
CA VAL A 27 -15.51 3.04 -4.10
C VAL A 27 -16.65 3.29 -3.11
N LYS A 28 -16.92 2.32 -2.25
CA LYS A 28 -18.03 2.43 -1.30
C LYS A 28 -17.89 3.69 -0.43
N ARG A 29 -16.67 3.99 -0.01
CA ARG A 29 -16.41 5.18 0.78
C ARG A 29 -16.77 6.42 -0.02
N HIS A 30 -16.40 6.44 -1.30
CA HIS A 30 -16.74 7.53 -2.19
C HIS A 30 -18.26 7.63 -2.43
N LEU A 31 -18.97 6.48 -2.50
CA LEU A 31 -20.42 6.45 -2.76
C LEU A 31 -21.22 6.91 -1.54
N THR A 32 -20.91 6.36 -0.35
CA THR A 32 -21.76 6.51 0.82
C THR A 32 -21.06 7.17 2.00
N GLY A 33 -19.72 7.18 2.01
CA GLY A 33 -18.96 7.71 3.13
C GLY A 33 -18.54 6.65 4.16
N GLU A 34 -19.08 5.42 4.02
CA GLU A 34 -18.80 4.34 4.95
C GLU A 34 -17.45 3.68 4.66
N PHE A 35 -16.84 3.15 5.72
CA PHE A 35 -15.64 2.36 5.62
C PHE A 35 -15.99 0.92 5.97
N GLU A 36 -16.05 0.05 4.97
CA GLU A 36 -16.34 -1.36 5.21
C GLU A 36 -15.06 -2.04 5.67
N LYS A 37 -15.07 -2.57 6.92
CA LYS A 37 -13.94 -3.29 7.48
C LYS A 37 -13.87 -4.73 6.98
N LYS A 38 -15.00 -5.32 6.58
CA LYS A 38 -15.01 -6.73 6.20
C LYS A 38 -14.56 -6.90 4.75
N TYR A 39 -13.86 -8.00 4.47
CA TYR A 39 -13.52 -8.37 3.11
C TYR A 39 -14.59 -9.30 2.55
N VAL A 40 -15.45 -8.76 1.69
CA VAL A 40 -16.39 -9.55 0.90
C VAL A 40 -15.99 -9.40 -0.57
N ALA A 41 -15.42 -10.45 -1.14
CA ALA A 41 -14.86 -10.43 -2.47
C ALA A 41 -15.94 -10.10 -3.50
N THR A 42 -15.60 -9.25 -4.46
CA THR A 42 -16.49 -8.90 -5.55
C THR A 42 -16.66 -10.10 -6.48
N LEU A 43 -17.91 -10.34 -6.89
CA LEU A 43 -18.24 -11.41 -7.83
C LEU A 43 -18.38 -10.80 -9.22
N GLY A 44 -17.34 -10.95 -10.05
CA GLY A 44 -17.35 -10.39 -11.40
C GLY A 44 -17.10 -8.88 -11.39
N VAL A 45 -18.17 -8.11 -11.24
CA VAL A 45 -18.10 -6.65 -11.26
C VAL A 45 -19.30 -6.10 -10.48
N GLU A 46 -19.12 -4.93 -9.85
CA GLU A 46 -20.21 -4.10 -9.40
C GLU A 46 -20.09 -2.76 -10.08
N VAL A 47 -21.21 -2.29 -10.63
CA VAL A 47 -21.26 -1.03 -11.35
C VAL A 47 -22.02 -0.02 -10.52
N HIS A 48 -21.45 1.15 -10.30
CA HIS A 48 -22.13 2.20 -9.55
C HIS A 48 -21.79 3.53 -10.18
N PRO A 49 -22.78 4.42 -10.37
CA PRO A 49 -22.47 5.80 -10.75
C PRO A 49 -21.87 6.58 -9.58
N LEU A 50 -20.90 7.44 -9.87
CA LEU A 50 -20.26 8.30 -8.88
C LEU A 50 -20.13 9.71 -9.47
N VAL A 51 -20.71 10.72 -8.80
CA VAL A 51 -20.74 12.07 -9.32
C VAL A 51 -19.84 12.94 -8.46
N PHE A 52 -19.06 13.80 -9.12
CA PHE A 52 -18.36 14.88 -8.43
C PHE A 52 -18.84 16.20 -9.01
N HIS A 53 -18.92 17.22 -8.15
CA HIS A 53 -19.19 18.58 -8.56
C HIS A 53 -17.86 19.28 -8.81
N THR A 54 -17.71 19.85 -10.02
CA THR A 54 -16.52 20.57 -10.41
C THR A 54 -16.88 22.03 -10.73
N ASN A 55 -15.85 22.87 -10.88
CA ASN A 55 -16.03 24.25 -11.33
C ASN A 55 -16.50 24.27 -12.79
N ARG A 56 -16.34 23.15 -13.52
CA ARG A 56 -16.84 23.04 -14.87
C ARG A 56 -18.15 22.22 -14.88
N GLY A 57 -18.90 22.23 -13.78
CA GLY A 57 -20.12 21.44 -13.67
C GLY A 57 -19.87 20.00 -13.22
N PRO A 58 -20.94 19.18 -13.10
CA PRO A 58 -20.82 17.84 -12.55
C PRO A 58 -20.21 16.85 -13.52
N ILE A 59 -19.41 15.91 -12.98
CA ILE A 59 -18.82 14.84 -13.77
C ILE A 59 -19.26 13.52 -13.16
N LYS A 60 -19.72 12.61 -14.02
CA LYS A 60 -20.21 11.32 -13.59
C LYS A 60 -19.25 10.24 -14.06
N PHE A 61 -18.77 9.43 -13.10
CA PHE A 61 -18.04 8.21 -13.42
C PHE A 61 -18.96 7.00 -13.30
N ASN A 62 -19.03 6.21 -14.38
N ASN A 62 -19.06 6.21 -14.36
CA ASN A 62 -19.66 4.90 -14.37
CA ASN A 62 -19.72 4.91 -14.26
C ASN A 62 -18.61 3.90 -13.89
C ASN A 62 -18.64 3.91 -13.88
N VAL A 63 -18.62 3.58 -12.58
CA VAL A 63 -17.53 2.83 -11.98
C VAL A 63 -17.80 1.33 -12.06
N TRP A 64 -16.96 0.66 -12.84
CA TRP A 64 -16.91 -0.79 -12.96
C TRP A 64 -15.85 -1.32 -12.02
N ASP A 65 -16.28 -1.66 -10.80
CA ASP A 65 -15.43 -2.23 -9.78
C ASP A 65 -15.34 -3.74 -10.01
N THR A 66 -14.19 -4.21 -10.56
CA THR A 66 -14.06 -5.59 -10.97
C THR A 66 -13.46 -6.45 -9.84
N ALA A 67 -13.66 -7.77 -9.97
CA ALA A 67 -13.11 -8.75 -9.05
C ALA A 67 -11.65 -9.04 -9.36
N GLY A 68 -10.85 -9.09 -8.32
CA GLY A 68 -9.44 -9.36 -8.41
C GLY A 68 -9.09 -10.83 -8.14
N LEU A 69 -10.01 -11.62 -7.58
CA LEU A 69 -9.71 -13.02 -7.33
C LEU A 69 -10.04 -13.80 -8.59
N GLU A 70 -9.11 -14.66 -9.01
CA GLU A 70 -9.25 -15.38 -10.26
C GLU A 70 -10.57 -16.17 -10.27
N LYS A 71 -10.95 -16.77 -9.14
CA LYS A 71 -12.12 -17.63 -9.12
C LYS A 71 -13.41 -16.81 -9.21
N PHE A 72 -13.33 -15.49 -8.96
CA PHE A 72 -14.51 -14.64 -9.04
C PHE A 72 -14.39 -13.64 -10.20
N GLY A 73 -13.52 -13.92 -11.16
CA GLY A 73 -13.12 -12.97 -12.18
C GLY A 73 -14.23 -12.62 -13.18
N GLY A 74 -15.19 -13.52 -13.36
CA GLY A 74 -16.30 -13.32 -14.28
C GLY A 74 -15.81 -13.12 -15.72
N LEU A 75 -16.22 -12.00 -16.34
CA LEU A 75 -15.92 -11.71 -17.74
C LEU A 75 -14.49 -11.20 -17.93
N ARG A 76 -13.81 -10.87 -16.83
CA ARG A 76 -12.42 -10.42 -16.85
C ARG A 76 -12.32 -9.19 -17.77
N ASP A 77 -11.55 -9.31 -18.86
CA ASP A 77 -11.26 -8.16 -19.72
C ASP A 77 -12.52 -7.73 -20.48
N GLY A 78 -13.53 -8.59 -20.54
CA GLY A 78 -14.87 -8.23 -20.99
C GLY A 78 -15.40 -6.99 -20.29
N TYR A 79 -14.98 -6.75 -19.03
CA TYR A 79 -15.44 -5.58 -18.29
C TYR A 79 -14.79 -4.29 -18.79
N TYR A 80 -13.68 -4.39 -19.54
CA TYR A 80 -12.85 -3.23 -19.84
C TYR A 80 -13.33 -2.52 -21.11
N ILE A 81 -14.26 -3.15 -21.84
CA ILE A 81 -14.71 -2.65 -23.12
C ILE A 81 -15.27 -1.24 -22.97
N GLN A 82 -14.68 -0.29 -23.73
CA GLN A 82 -15.13 1.08 -23.87
C GLN A 82 -14.98 1.84 -22.56
N ALA A 83 -14.04 1.40 -21.71
CA ALA A 83 -13.62 2.21 -20.58
C ALA A 83 -12.92 3.46 -21.11
N GLN A 84 -13.21 4.61 -20.47
CA GLN A 84 -12.57 5.86 -20.84
C GLN A 84 -11.45 6.21 -19.85
N CYS A 85 -11.40 5.51 -18.72
CA CYS A 85 -10.33 5.72 -17.75
C CYS A 85 -10.26 4.52 -16.83
N ALA A 86 -9.18 4.43 -16.03
CA ALA A 86 -9.02 3.29 -15.17
C ALA A 86 -8.20 3.66 -13.95
N ILE A 87 -8.45 2.90 -12.88
CA ILE A 87 -7.58 2.85 -11.72
C ILE A 87 -7.06 1.43 -11.60
N ILE A 88 -5.73 1.28 -11.42
CA ILE A 88 -5.14 0.00 -11.07
C ILE A 88 -4.70 0.10 -9.61
N MET A 89 -5.20 -0.84 -8.79
CA MET A 89 -5.00 -0.79 -7.35
C MET A 89 -4.03 -1.89 -6.90
N PHE A 90 -3.14 -1.55 -5.97
CA PHE A 90 -2.46 -2.57 -5.18
C PHE A 90 -2.43 -2.14 -3.72
N ASP A 91 -1.82 -2.98 -2.91
CA ASP A 91 -1.80 -2.81 -1.46
C ASP A 91 -0.35 -2.73 -1.02
N VAL A 92 0.06 -1.59 -0.48
CA VAL A 92 1.46 -1.37 -0.13
C VAL A 92 1.89 -2.26 1.03
N THR A 93 0.95 -2.99 1.65
CA THR A 93 1.32 -3.95 2.67
C THR A 93 1.44 -5.36 2.09
N SER A 94 1.16 -5.52 0.78
CA SER A 94 1.32 -6.84 0.12
C SER A 94 2.13 -6.71 -1.17
N ARG A 95 3.35 -7.24 -1.18
CA ARG A 95 4.25 -7.09 -2.35
C ARG A 95 3.66 -7.77 -3.59
N VAL A 96 3.02 -8.93 -3.43
CA VAL A 96 2.47 -9.68 -4.59
C VAL A 96 1.48 -8.78 -5.34
N THR A 97 0.75 -7.93 -4.60
CA THR A 97 -0.23 -7.00 -5.23
C THR A 97 0.51 -6.07 -6.19
N TYR A 98 1.72 -5.65 -5.81
CA TYR A 98 2.49 -4.79 -6.69
C TYR A 98 3.13 -5.59 -7.82
N LYS A 99 3.62 -6.79 -7.53
CA LYS A 99 4.19 -7.67 -8.55
C LYS A 99 3.17 -7.96 -9.66
N ASN A 100 1.88 -7.97 -9.34
CA ASN A 100 0.84 -8.27 -10.32
C ASN A 100 0.34 -7.02 -11.04
N VAL A 101 0.84 -5.83 -10.70
CA VAL A 101 0.40 -4.61 -11.38
C VAL A 101 0.69 -4.67 -12.88
N PRO A 102 1.87 -5.12 -13.36
CA PRO A 102 2.12 -5.27 -14.79
C PRO A 102 1.14 -6.18 -15.52
N ASN A 103 0.66 -7.22 -14.83
CA ASN A 103 -0.32 -8.15 -15.37
C ASN A 103 -1.67 -7.47 -15.60
N TRP A 104 -2.17 -6.75 -14.59
CA TRP A 104 -3.41 -6.01 -14.70
C TRP A 104 -3.28 -4.94 -15.80
N HIS A 105 -2.15 -4.22 -15.80
CA HIS A 105 -1.95 -3.17 -16.77
C HIS A 105 -1.99 -3.75 -18.18
N ARG A 106 -1.30 -4.89 -18.38
CA ARG A 106 -1.28 -5.59 -19.67
C ARG A 106 -2.69 -5.88 -20.14
N ASP A 107 -3.49 -6.57 -19.32
CA ASP A 107 -4.83 -6.97 -19.70
C ASP A 107 -5.68 -5.74 -20.06
N LEU A 108 -5.56 -4.70 -19.24
CA LEU A 108 -6.32 -3.47 -19.37
C LEU A 108 -5.99 -2.76 -20.69
N VAL A 109 -4.70 -2.44 -20.95
CA VAL A 109 -4.36 -1.57 -22.07
C VAL A 109 -4.53 -2.30 -23.39
N ARG A 110 -4.52 -3.63 -23.38
CA ARG A 110 -4.80 -4.38 -24.59
C ARG A 110 -6.21 -4.12 -25.08
N VAL A 111 -7.13 -3.83 -24.15
CA VAL A 111 -8.51 -3.55 -24.53
C VAL A 111 -8.74 -2.03 -24.62
N CYS A 112 -8.08 -1.26 -23.77
CA CYS A 112 -8.23 0.19 -23.73
C CYS A 112 -6.86 0.84 -24.00
N GLU A 113 -6.64 1.16 -25.28
CA GLU A 113 -5.29 1.47 -25.75
C GLU A 113 -4.82 2.87 -25.34
N ASN A 114 -5.74 3.83 -25.27
CA ASN A 114 -5.33 5.23 -25.14
C ASN A 114 -6.20 5.93 -24.10
N ILE A 115 -6.12 5.47 -22.84
CA ILE A 115 -6.95 6.04 -21.79
C ILE A 115 -6.07 6.47 -20.64
N PRO A 116 -6.50 7.52 -19.88
CA PRO A 116 -5.80 7.89 -18.66
C PRO A 116 -5.99 6.83 -17.57
N ILE A 117 -4.89 6.52 -16.88
CA ILE A 117 -4.84 5.46 -15.88
C ILE A 117 -4.08 5.98 -14.67
N VAL A 118 -4.68 5.77 -13.50
CA VAL A 118 -4.03 6.02 -12.22
C VAL A 118 -3.65 4.69 -11.58
N LEU A 119 -2.42 4.60 -11.11
CA LEU A 119 -1.95 3.53 -10.26
C LEU A 119 -2.02 4.03 -8.81
N CYS A 120 -2.66 3.24 -7.96
CA CYS A 120 -2.91 3.61 -6.57
C CYS A 120 -2.35 2.54 -5.65
N GLY A 121 -1.48 2.94 -4.73
CA GLY A 121 -1.00 2.02 -3.69
C GLY A 121 -1.82 2.25 -2.44
N ASN A 122 -2.75 1.35 -2.11
CA ASN A 122 -3.69 1.60 -0.98
C ASN A 122 -3.12 1.11 0.36
N LYS A 123 -3.77 1.46 1.48
CA LYS A 123 -3.36 0.98 2.83
C LYS A 123 -2.03 1.62 3.26
N VAL A 124 -1.85 2.90 2.94
CA VAL A 124 -0.62 3.62 3.40
C VAL A 124 -0.79 3.98 4.88
N ASP A 125 -1.98 3.74 5.43
CA ASP A 125 -2.24 4.03 6.87
C ASP A 125 -1.54 2.97 7.73
N ILE A 126 -1.30 1.78 7.18
CA ILE A 126 -0.68 0.71 7.95
C ILE A 126 0.80 1.02 8.09
N LYS A 127 1.30 0.95 9.32
CA LYS A 127 2.66 1.38 9.64
C LYS A 127 3.70 0.49 8.97
N ASP A 128 3.47 -0.83 9.01
CA ASP A 128 4.41 -1.80 8.44
C ASP A 128 4.18 -1.92 6.94
N ARG A 129 4.69 -0.93 6.21
CA ARG A 129 4.56 -0.91 4.76
C ARG A 129 5.57 -1.90 4.17
N LYS A 130 5.14 -2.68 3.18
CA LYS A 130 6.00 -3.69 2.56
C LYS A 130 6.44 -3.28 1.18
N VAL A 131 5.59 -2.58 0.41
CA VAL A 131 6.01 -2.09 -0.90
C VAL A 131 6.52 -0.66 -0.73
N LYS A 132 7.84 -0.51 -0.69
CA LYS A 132 8.47 0.75 -0.37
C LYS A 132 8.36 1.71 -1.55
N ALA A 133 8.31 3.01 -1.22
CA ALA A 133 8.22 4.10 -2.19
C ALA A 133 9.21 3.93 -3.34
N LYS A 134 10.46 3.62 -3.02
CA LYS A 134 11.52 3.49 -4.01
C LYS A 134 11.31 2.29 -4.95
N SER A 135 10.46 1.32 -4.59
CA SER A 135 10.22 0.15 -5.43
C SER A 135 9.19 0.47 -6.51
N ILE A 136 8.40 1.53 -6.29
CA ILE A 136 7.24 1.80 -7.13
C ILE A 136 7.66 2.71 -8.30
N VAL A 137 7.99 2.08 -9.44
CA VAL A 137 8.49 2.77 -10.62
C VAL A 137 7.72 2.36 -11.88
N PHE A 138 6.74 1.45 -11.75
CA PHE A 138 6.16 0.83 -12.93
C PHE A 138 5.44 1.86 -13.79
N HIS A 139 4.79 2.81 -13.11
CA HIS A 139 4.00 3.84 -13.75
C HIS A 139 4.79 4.69 -14.74
N ARG A 140 6.11 4.84 -14.53
CA ARG A 140 6.87 5.87 -15.22
C ARG A 140 6.88 5.63 -16.73
N LYS A 141 7.35 4.45 -17.14
CA LYS A 141 7.40 4.15 -18.57
C LYS A 141 6.00 3.93 -19.13
N LYS A 142 4.99 3.70 -18.28
CA LYS A 142 3.66 3.45 -18.80
C LYS A 142 2.79 4.70 -18.77
N ASN A 143 3.38 5.84 -18.34
CA ASN A 143 2.70 7.12 -18.31
C ASN A 143 1.42 7.03 -17.44
N LEU A 144 1.49 6.27 -16.35
CA LEU A 144 0.39 6.24 -15.40
C LEU A 144 0.65 7.31 -14.35
N GLN A 145 -0.41 7.91 -13.84
CA GLN A 145 -0.30 8.69 -12.62
C GLN A 145 -0.19 7.70 -11.45
N TYR A 146 0.52 8.09 -10.38
CA TYR A 146 0.61 7.29 -9.17
C TYR A 146 0.18 8.13 -7.96
N TYR A 147 -0.63 7.54 -7.09
CA TYR A 147 -0.88 8.08 -5.75
C TYR A 147 -0.78 6.99 -4.70
N ASP A 148 -0.08 7.32 -3.61
CA ASP A 148 -0.28 6.67 -2.32
C ASP A 148 -1.68 7.07 -1.86
N ILE A 149 -2.51 6.08 -1.51
CA ILE A 149 -3.83 6.37 -0.96
C ILE A 149 -4.11 5.52 0.27
N SER A 150 -5.10 5.96 1.06
CA SER A 150 -5.69 5.12 2.09
C SER A 150 -7.20 5.33 2.10
N ALA A 151 -7.94 4.27 1.75
CA ALA A 151 -9.38 4.31 1.84
C ALA A 151 -9.82 4.48 3.30
N LYS A 152 -8.94 4.14 4.26
CA LYS A 152 -9.29 4.15 5.67
C LYS A 152 -9.04 5.52 6.30
N SER A 153 -7.86 6.09 6.08
CA SER A 153 -7.53 7.41 6.60
C SER A 153 -8.01 8.53 5.68
N ASN A 154 -8.40 8.20 4.44
CA ASN A 154 -8.78 9.16 3.39
C ASN A 154 -7.59 9.90 2.82
N TYR A 155 -6.37 9.41 3.07
CA TYR A 155 -5.17 10.03 2.50
C TYR A 155 -5.28 10.01 0.97
N ASN A 156 -5.19 11.20 0.35
CA ASN A 156 -5.21 11.38 -1.11
C ASN A 156 -6.46 10.78 -1.76
N PHE A 157 -7.59 10.75 -1.08
CA PHE A 157 -8.58 9.79 -1.52
C PHE A 157 -9.41 10.35 -2.67
N GLU A 158 -9.41 11.67 -2.87
CA GLU A 158 -10.06 12.30 -4.03
C GLU A 158 -9.14 12.38 -5.25
N LYS A 159 -7.82 12.26 -5.05
CA LYS A 159 -6.84 12.57 -6.07
C LYS A 159 -7.03 11.75 -7.35
N PRO A 160 -7.24 10.42 -7.29
CA PRO A 160 -7.43 9.63 -8.51
C PRO A 160 -8.53 10.21 -9.41
N PHE A 161 -9.66 10.60 -8.80
CA PHE A 161 -10.80 11.10 -9.56
C PHE A 161 -10.57 12.52 -10.08
N LEU A 162 -9.91 13.36 -9.28
CA LEU A 162 -9.58 14.71 -9.70
C LEU A 162 -8.66 14.66 -10.91
N TRP A 163 -7.69 13.73 -10.87
CA TRP A 163 -6.72 13.66 -11.96
C TRP A 163 -7.40 13.15 -13.23
N LEU A 164 -8.19 12.10 -13.08
CA LEU A 164 -8.88 11.52 -14.21
C LEU A 164 -9.83 12.55 -14.82
N ALA A 165 -10.52 13.31 -13.97
CA ALA A 165 -11.49 14.30 -14.40
C ALA A 165 -10.80 15.39 -15.23
N ARG A 166 -9.62 15.82 -14.77
CA ARG A 166 -8.83 16.81 -15.50
C ARG A 166 -8.44 16.27 -16.87
N LYS A 167 -7.99 15.01 -16.91
CA LYS A 167 -7.64 14.37 -18.16
C LYS A 167 -8.86 14.25 -19.08
N LEU A 168 -10.00 13.79 -18.55
CA LEU A 168 -11.15 13.51 -19.41
C LEU A 168 -11.80 14.78 -19.95
N ILE A 169 -11.95 15.81 -19.12
CA ILE A 169 -12.56 17.06 -19.51
C ILE A 169 -11.55 17.91 -20.29
N GLY A 170 -10.26 17.58 -20.14
CA GLY A 170 -9.18 18.26 -20.85
C GLY A 170 -8.94 19.65 -20.29
N ASP A 171 -9.06 19.80 -18.97
CA ASP A 171 -8.88 21.08 -18.31
C ASP A 171 -8.05 20.85 -17.06
N PRO A 172 -6.78 21.32 -17.01
CA PRO A 172 -5.89 21.08 -15.87
C PRO A 172 -6.20 21.97 -14.65
N ASN A 173 -7.09 22.96 -14.82
CA ASN A 173 -7.50 23.83 -13.74
C ASN A 173 -8.79 23.34 -13.08
N LEU A 174 -9.37 22.25 -13.57
CA LEU A 174 -10.63 21.75 -13.03
C LEU A 174 -10.44 21.44 -11.54
N GLU A 175 -11.34 21.97 -10.71
CA GLU A 175 -11.34 21.74 -9.28
C GLU A 175 -12.64 21.02 -8.91
N PHE A 176 -12.59 20.20 -7.86
CA PHE A 176 -13.80 19.80 -7.14
C PHE A 176 -14.25 20.98 -6.28
N VAL A 177 -15.56 21.21 -6.23
CA VAL A 177 -16.12 22.35 -5.53
C VAL A 177 -17.20 21.84 -4.60
N ALA A 178 -17.59 22.66 -3.64
CA ALA A 178 -18.60 22.27 -2.67
C ALA A 178 -19.97 22.16 -3.37
N MET A 179 -20.60 20.98 -3.30
CA MET A 179 -21.93 20.80 -3.87
C MET A 179 -22.92 21.71 -3.13
N PRO A 180 -23.70 22.56 -3.85
CA PRO A 180 -24.65 23.47 -3.20
C PRO A 180 -25.58 22.78 -2.19
N ALA A 181 -25.89 23.50 -1.11
CA ALA A 181 -26.61 22.94 0.03
C ALA A 181 -27.99 23.57 0.12
N ALA A 182 -29.00 22.88 -0.40
CA ALA A 182 -30.37 23.38 -0.35
C ALA A 182 -30.81 23.49 1.11
N ALA A 183 -31.60 24.52 1.42
CA ALA A 183 -32.19 24.67 2.73
C ALA A 183 -33.09 23.46 3.02
N PRO A 184 -32.92 22.80 4.17
CA PRO A 184 -33.66 21.57 4.44
C PRO A 184 -35.10 21.81 4.91
N PRO A 185 -36.00 20.82 4.78
CA PRO A 185 -37.41 20.99 5.16
C PRO A 185 -37.66 20.93 6.67
N GLU A 186 -38.62 21.75 7.13
CA GLU A 186 -39.07 21.75 8.51
C GLU A 186 -39.85 20.46 8.77
N VAL A 187 -39.74 19.94 10.00
CA VAL A 187 -40.16 18.58 10.28
C VAL A 187 -41.45 18.61 11.10
N VAL A 188 -42.29 17.57 10.92
CA VAL A 188 -43.47 17.37 11.75
C VAL A 188 -43.43 15.96 12.33
N MET A 189 -43.57 15.86 13.66
CA MET A 189 -43.46 14.59 14.35
C MET A 189 -44.81 13.87 14.25
N ASP A 190 -44.81 12.70 13.60
CA ASP A 190 -45.98 11.85 13.48
C ASP A 190 -46.17 11.09 14.78
N PRO A 191 -47.27 11.32 15.55
CA PRO A 191 -47.46 10.64 16.84
C PRO A 191 -47.67 9.12 16.71
N ALA A 192 -48.08 8.66 15.53
CA ALA A 192 -48.25 7.24 15.24
C ALA A 192 -46.90 6.52 15.17
N LEU A 193 -45.82 7.28 14.87
CA LEU A 193 -44.47 6.73 14.84
C LEU A 193 -43.64 7.34 15.99
N ALA A 194 -44.21 7.32 17.20
CA ALA A 194 -43.57 7.79 18.42
C ALA A 194 -42.86 6.64 19.13
N ALA A 195 -43.60 5.54 19.32
CA ALA A 195 -43.03 4.35 20.00
C ALA A 195 -41.98 3.71 19.08
N GLN A 196 -42.22 3.75 17.76
CA GLN A 196 -41.24 3.17 16.80
C GLN A 196 -39.89 3.88 16.99
N TYR A 197 -39.92 5.22 17.08
CA TYR A 197 -38.65 5.97 17.20
C TYR A 197 -37.88 5.51 18.44
N GLU A 198 -38.58 5.41 19.58
CA GLU A 198 -37.89 5.03 20.84
C GLU A 198 -37.18 3.69 20.63
N HIS A 199 -37.86 2.72 20.02
CA HIS A 199 -37.28 1.38 19.83
C HIS A 199 -35.99 1.47 19.00
N ASP A 200 -36.06 2.17 17.86
CA ASP A 200 -34.90 2.24 16.94
C ASP A 200 -33.75 2.99 17.63
N LEU A 201 -34.07 4.04 18.39
CA LEU A 201 -33.02 4.85 19.06
C LEU A 201 -32.43 4.04 20.21
N GLU A 202 -33.27 3.28 20.92
CA GLU A 202 -32.78 2.45 22.00
C GLU A 202 -31.68 1.53 21.49
N VAL A 203 -31.95 0.88 20.35
CA VAL A 203 -31.03 -0.06 19.73
C VAL A 203 -29.73 0.66 19.33
N ALA A 204 -29.88 1.87 18.78
CA ALA A 204 -28.74 2.65 18.30
C ALA A 204 -27.87 3.12 19.46
N GLN A 205 -28.49 3.56 20.57
CA GLN A 205 -27.76 4.03 21.75
C GLN A 205 -26.98 2.90 22.42
N THR A 206 -27.46 1.67 22.29
CA THR A 206 -26.87 0.53 22.96
C THR A 206 -26.04 -0.31 21.98
N THR A 207 -25.90 0.15 20.74
CA THR A 207 -24.90 -0.42 19.85
C THR A 207 -23.71 0.53 19.79
N ALA A 208 -22.52 0.00 20.08
CA ALA A 208 -21.32 0.82 20.21
C ALA A 208 -20.89 1.32 18.84
N LEU A 209 -20.43 2.57 18.81
CA LEU A 209 -19.82 3.16 17.63
C LEU A 209 -18.50 2.46 17.36
N PRO A 210 -18.12 2.23 16.09
CA PRO A 210 -16.82 1.61 15.79
C PRO A 210 -15.64 2.56 16.02
N ASP A 211 -14.48 1.96 16.31
CA ASP A 211 -13.17 2.61 16.28
C ASP A 211 -13.12 3.78 17.26
N GLU A 212 -13.50 3.52 18.50
CA GLU A 212 -13.62 4.56 19.51
C GLU A 212 -12.22 5.07 19.91
N ASP A 213 -11.15 4.40 19.46
CA ASP A 213 -9.78 4.84 19.69
C ASP A 213 -9.30 5.82 18.63
N ASP A 214 -10.05 6.02 17.54
CA ASP A 214 -9.63 6.91 16.47
C ASP A 214 -9.79 8.37 16.89
N ASP A 215 -9.11 9.25 16.16
CA ASP A 215 -9.11 10.69 16.45
C ASP A 215 -10.53 11.25 16.34
N LEU A 216 -11.25 10.86 15.28
CA LEU A 216 -12.68 11.06 15.20
C LEU A 216 -13.36 9.71 14.95
N PHE B 4 -6.07 54.02 -21.83
CA PHE B 4 -5.77 52.69 -22.35
C PHE B 4 -6.74 51.63 -21.85
N GLU B 5 -7.41 50.96 -22.78
CA GLU B 5 -8.36 49.93 -22.41
C GLU B 5 -7.63 48.82 -21.69
N PRO B 6 -8.19 48.34 -20.57
CA PRO B 6 -7.60 47.26 -19.78
C PRO B 6 -7.76 45.91 -20.45
N VAL B 7 -6.89 44.97 -20.13
CA VAL B 7 -6.98 43.63 -20.68
C VAL B 7 -8.28 43.02 -20.18
N VAL B 8 -8.99 42.34 -21.06
CA VAL B 8 -10.26 41.72 -20.70
C VAL B 8 -10.09 40.55 -19.72
N THR B 17 -22.48 26.93 -3.40
CA THR B 17 -22.46 26.33 -2.04
C THR B 17 -23.80 26.55 -1.33
N MET B 18 -24.42 27.71 -1.57
CA MET B 18 -25.73 28.08 -1.04
C MET B 18 -25.65 28.31 0.48
N GLU B 19 -24.55 28.90 0.94
CA GLU B 19 -24.33 29.18 2.36
C GLU B 19 -24.02 30.68 2.57
N GLU B 20 -24.18 31.47 1.50
CA GLU B 20 -23.86 32.89 1.50
C GLU B 20 -24.88 33.67 2.30
N ASP B 21 -26.09 33.11 2.47
CA ASP B 21 -27.16 33.75 3.22
C ASP B 21 -27.07 33.44 4.71
N GLU B 22 -26.01 32.75 5.15
CA GLU B 22 -26.00 32.15 6.49
C GLU B 22 -24.81 32.64 7.32
N GLU B 23 -25.05 32.82 8.62
CA GLU B 23 -24.00 33.04 9.59
C GLU B 23 -23.62 31.70 10.23
N VAL B 24 -22.32 31.49 10.49
CA VAL B 24 -21.85 30.31 11.18
C VAL B 24 -21.86 30.57 12.68
N LEU B 25 -22.78 29.93 13.41
CA LEU B 25 -22.85 30.03 14.86
C LEU B 25 -21.77 29.18 15.52
N TYR B 26 -21.45 28.03 14.93
CA TYR B 26 -20.57 27.08 15.57
C TYR B 26 -19.97 26.17 14.50
N LYS B 27 -18.71 25.77 14.71
CA LYS B 27 -18.02 24.87 13.80
C LYS B 27 -17.18 23.90 14.62
N VAL B 28 -17.23 22.61 14.27
CA VAL B 28 -16.45 21.63 14.99
C VAL B 28 -16.19 20.43 14.08
N ARG B 29 -14.99 19.86 14.18
CA ARG B 29 -14.66 18.65 13.45
C ARG B 29 -15.39 17.48 14.10
N ALA B 30 -15.94 16.59 13.25
CA ALA B 30 -16.75 15.48 13.72
C ALA B 30 -16.74 14.34 12.70
N LYS B 31 -16.98 13.11 13.19
CA LYS B 31 -17.34 11.96 12.38
C LYS B 31 -18.81 11.62 12.61
N LEU B 32 -19.56 11.52 11.51
CA LEU B 32 -21.00 11.28 11.54
C LEU B 32 -21.28 9.87 11.04
N PHE B 33 -22.20 9.19 11.75
CA PHE B 33 -22.61 7.82 11.45
C PHE B 33 -24.13 7.78 11.28
N ARG B 34 -24.61 6.82 10.48
CA ARG B 34 -26.03 6.52 10.38
C ARG B 34 -26.21 5.06 10.77
N PHE B 35 -27.29 4.75 11.49
CA PHE B 35 -27.53 3.39 11.95
C PHE B 35 -28.26 2.61 10.86
N ASP B 36 -27.70 1.45 10.48
CA ASP B 36 -28.32 0.56 9.51
C ASP B 36 -28.99 -0.57 10.28
N ALA B 37 -30.31 -0.46 10.47
CA ALA B 37 -31.06 -1.46 11.21
C ALA B 37 -30.98 -2.82 10.52
N ASP B 38 -30.98 -2.83 9.18
CA ASP B 38 -30.88 -4.08 8.43
C ASP B 38 -29.69 -4.89 8.94
N ALA B 39 -28.53 -4.23 9.08
CA ALA B 39 -27.33 -4.88 9.57
C ALA B 39 -27.16 -4.62 11.07
N LYS B 40 -28.05 -3.80 11.64
CA LYS B 40 -27.95 -3.44 13.04
C LYS B 40 -26.50 -3.03 13.36
N GLU B 41 -25.93 -2.17 12.51
CA GLU B 41 -24.58 -1.66 12.72
C GLU B 41 -24.53 -0.17 12.37
N TRP B 42 -23.59 0.54 12.98
CA TRP B 42 -23.37 1.94 12.66
C TRP B 42 -22.50 2.06 11.41
N LYS B 43 -22.87 2.95 10.49
CA LYS B 43 -22.08 3.18 9.28
C LYS B 43 -21.70 4.65 9.17
N GLU B 44 -20.40 4.91 8.94
CA GLU B 44 -19.92 6.26 8.66
C GLU B 44 -20.63 6.88 7.48
N ARG B 45 -20.94 8.17 7.61
CA ARG B 45 -21.51 8.94 6.53
C ARG B 45 -20.53 10.04 6.11
N GLY B 46 -19.63 10.43 7.01
CA GLY B 46 -18.65 11.43 6.61
C GLY B 46 -17.84 11.93 7.79
N THR B 47 -16.64 12.41 7.47
CA THR B 47 -15.76 13.07 8.42
C THR B 47 -15.43 14.45 7.88
N GLY B 48 -15.57 15.49 8.70
CA GLY B 48 -15.27 16.85 8.27
C GLY B 48 -15.82 17.86 9.27
N ASP B 49 -15.99 19.10 8.80
CA ASP B 49 -16.47 20.16 9.66
C ASP B 49 -17.99 20.11 9.74
N CYS B 50 -18.51 20.04 10.97
CA CYS B 50 -19.93 20.21 11.23
C CYS B 50 -20.17 21.67 11.57
N LYS B 51 -21.09 22.32 10.87
CA LYS B 51 -21.39 23.73 11.09
C LYS B 51 -22.86 23.93 11.44
N PHE B 52 -23.13 24.85 12.36
CA PHE B 52 -24.49 25.31 12.63
C PHE B 52 -24.67 26.64 11.91
N LEU B 53 -25.57 26.65 10.92
CA LEU B 53 -25.72 27.81 10.07
C LEU B 53 -27.06 28.46 10.36
N LYS B 54 -27.04 29.78 10.62
CA LYS B 54 -28.25 30.54 10.86
C LYS B 54 -28.57 31.34 9.60
N ASN B 55 -29.71 31.00 8.97
CA ASN B 55 -30.20 31.69 7.80
C ASN B 55 -30.66 33.09 8.20
N LYS B 56 -30.09 34.12 7.55
CA LYS B 56 -30.31 35.51 7.94
C LYS B 56 -31.70 36.00 7.55
N LYS B 57 -32.38 35.28 6.64
CA LYS B 57 -33.75 35.63 6.27
C LYS B 57 -34.76 35.07 7.26
N THR B 58 -34.67 33.76 7.55
CA THR B 58 -35.66 33.05 8.34
C THR B 58 -35.22 32.90 9.79
N ASN B 59 -33.93 33.12 10.06
CA ASN B 59 -33.33 32.91 11.39
C ASN B 59 -33.47 31.45 11.83
N LYS B 60 -33.57 30.52 10.87
CA LYS B 60 -33.60 29.08 11.14
C LYS B 60 -32.17 28.55 11.14
N VAL B 61 -31.85 27.71 12.13
CA VAL B 61 -30.52 27.13 12.26
C VAL B 61 -30.56 25.68 11.79
N ARG B 62 -29.60 25.33 10.92
CA ARG B 62 -29.45 23.97 10.45
C ARG B 62 -28.06 23.47 10.79
N ILE B 63 -27.92 22.14 10.80
CA ILE B 63 -26.63 21.48 10.72
C ILE B 63 -26.28 21.29 9.26
N LEU B 64 -25.09 21.75 8.88
CA LEU B 64 -24.54 21.43 7.57
C LEU B 64 -23.13 20.88 7.77
N MET B 65 -22.93 19.66 7.26
CA MET B 65 -21.67 18.97 7.44
C MET B 65 -21.20 18.52 6.06
N ARG B 66 -19.90 18.68 5.80
CA ARG B 66 -19.35 18.32 4.48
C ARG B 66 -18.14 17.40 4.67
N ARG B 67 -18.05 16.34 3.87
CA ARG B 67 -16.91 15.37 3.98
C ARG B 67 -15.61 16.08 3.59
N ASP B 68 -14.51 15.71 4.23
CA ASP B 68 -13.18 16.29 3.85
C ASP B 68 -12.81 15.80 2.46
N LYS B 69 -11.90 16.51 1.77
CA LYS B 69 -11.43 16.09 0.42
C LYS B 69 -12.51 16.35 -0.64
N THR B 70 -13.68 15.72 -0.51
CA THR B 70 -14.73 15.86 -1.56
C THR B 70 -15.63 17.06 -1.28
N LEU B 71 -15.70 17.52 -0.03
CA LEU B 71 -16.59 18.64 0.35
C LEU B 71 -18.05 18.25 0.05
N LYS B 72 -18.33 16.94 0.00
CA LYS B 72 -19.70 16.45 -0.25
C LYS B 72 -20.52 16.55 1.05
N ILE B 73 -21.82 16.77 0.95
CA ILE B 73 -22.67 16.97 2.12
C ILE B 73 -22.96 15.60 2.74
N CYS B 74 -22.75 15.47 4.04
CA CYS B 74 -23.13 14.26 4.74
C CYS B 74 -24.21 14.54 5.80
N ALA B 75 -24.52 15.82 6.05
CA ALA B 75 -25.66 16.19 6.89
C ALA B 75 -26.16 17.56 6.47
N ASN B 76 -27.49 17.65 6.35
CA ASN B 76 -28.17 18.89 6.03
C ASN B 76 -29.60 18.78 6.56
N HIS B 77 -29.85 19.36 7.75
CA HIS B 77 -31.16 19.28 8.37
C HIS B 77 -31.32 20.37 9.42
N ILE B 78 -32.58 20.76 9.63
CA ILE B 78 -32.95 21.71 10.67
C ILE B 78 -32.68 21.07 12.03
N ILE B 79 -32.17 21.88 12.96
CA ILE B 79 -32.01 21.45 14.34
C ILE B 79 -33.37 21.59 15.02
N ALA B 80 -34.22 20.57 14.84
CA ALA B 80 -35.58 20.59 15.35
C ALA B 80 -35.58 20.71 16.88
N PRO B 81 -36.43 21.59 17.45
CA PRO B 81 -36.63 21.65 18.90
C PRO B 81 -37.01 20.31 19.53
N GLU B 82 -37.59 19.40 18.74
CA GLU B 82 -38.04 18.10 19.22
C GLU B 82 -36.92 17.09 19.37
N TYR B 83 -35.76 17.34 18.75
CA TYR B 83 -34.67 16.37 18.81
C TYR B 83 -34.04 16.36 20.20
N THR B 84 -33.55 15.18 20.59
CA THR B 84 -32.84 15.02 21.84
C THR B 84 -31.55 14.25 21.56
N LEU B 85 -30.44 14.83 22.00
CA LEU B 85 -29.12 14.20 22.01
C LEU B 85 -29.05 13.20 23.14
N LYS B 86 -28.70 11.95 22.83
CA LYS B 86 -28.63 10.88 23.80
C LYS B 86 -27.22 10.32 23.76
N PRO B 87 -26.67 9.78 24.87
CA PRO B 87 -25.35 9.17 24.84
C PRO B 87 -25.37 7.86 24.05
N ASN B 88 -24.20 7.47 23.53
CA ASN B 88 -23.96 6.13 23.04
C ASN B 88 -23.27 5.35 24.15
N VAL B 89 -23.50 4.03 24.20
CA VAL B 89 -22.95 3.17 25.24
C VAL B 89 -21.41 3.09 25.15
N GLY B 90 -20.84 3.30 23.96
CA GLY B 90 -19.42 3.07 23.73
C GLY B 90 -18.53 4.32 23.92
N SER B 91 -19.14 5.48 24.09
CA SER B 91 -18.44 6.72 23.85
C SER B 91 -18.83 7.75 24.91
N ASP B 92 -17.86 8.54 25.37
CA ASP B 92 -18.14 9.72 26.18
C ASP B 92 -17.94 11.00 25.36
N ARG B 93 -17.85 10.86 24.01
CA ARG B 93 -17.65 12.03 23.17
C ARG B 93 -18.52 11.96 21.93
N SER B 94 -19.76 11.48 22.07
CA SER B 94 -20.68 11.28 20.97
C SER B 94 -22.12 11.50 21.43
N TRP B 95 -22.99 11.88 20.49
CA TRP B 95 -24.43 11.94 20.69
C TRP B 95 -25.12 11.14 19.60
N VAL B 96 -26.22 10.47 19.96
CA VAL B 96 -27.11 9.90 18.96
C VAL B 96 -28.44 10.63 19.06
N TYR B 97 -29.05 10.87 17.90
CA TYR B 97 -30.37 11.46 17.86
C TYR B 97 -31.05 11.03 16.57
N ALA B 98 -32.39 10.96 16.63
CA ALA B 98 -33.21 10.70 15.46
C ALA B 98 -33.36 12.02 14.72
N CYS B 99 -33.27 11.93 13.39
CA CYS B 99 -33.51 13.05 12.50
C CYS B 99 -34.64 12.64 11.55
N THR B 100 -35.65 13.48 11.42
CA THR B 100 -36.82 13.10 10.65
C THR B 100 -36.66 13.46 9.18
N ALA B 101 -35.84 14.47 8.85
CA ALA B 101 -35.76 14.97 7.48
C ALA B 101 -34.36 15.52 7.17
N ASP B 102 -33.49 14.65 6.65
CA ASP B 102 -32.18 15.06 6.19
C ASP B 102 -32.12 14.96 4.67
N ILE B 103 -31.59 16.01 4.02
CA ILE B 103 -31.54 16.08 2.56
C ILE B 103 -30.10 16.07 2.04
N ALA B 104 -29.15 15.48 2.79
CA ALA B 104 -27.77 15.41 2.32
C ALA B 104 -27.69 14.66 0.98
N GLU B 105 -28.47 13.57 0.82
CA GLU B 105 -28.40 12.75 -0.38
C GLU B 105 -29.62 12.98 -1.25
N GLY B 106 -30.24 14.17 -1.15
CA GLY B 106 -31.37 14.54 -2.00
C GLY B 106 -32.69 14.54 -1.24
N GLU B 107 -33.55 13.56 -1.53
CA GLU B 107 -34.88 13.49 -0.93
C GLU B 107 -34.77 13.36 0.60
N ALA B 108 -35.60 14.11 1.32
CA ALA B 108 -35.60 14.12 2.78
C ALA B 108 -35.88 12.73 3.32
N GLU B 109 -35.11 12.31 4.32
CA GLU B 109 -35.21 10.96 4.86
C GLU B 109 -34.91 10.99 6.35
N ALA B 110 -35.50 10.04 7.07
CA ALA B 110 -35.28 9.91 8.50
C ALA B 110 -34.01 9.10 8.70
N PHE B 111 -33.28 9.42 9.76
CA PHE B 111 -32.07 8.70 10.12
C PHE B 111 -31.93 8.69 11.63
N THR B 112 -31.30 7.62 12.13
CA THR B 112 -30.67 7.68 13.44
C THR B 112 -29.21 8.05 13.23
N PHE B 113 -28.84 9.27 13.68
CA PHE B 113 -27.48 9.75 13.57
C PHE B 113 -26.72 9.50 14.87
N ALA B 114 -25.40 9.29 14.71
CA ALA B 114 -24.45 9.46 15.79
C ALA B 114 -23.34 10.37 15.29
N ILE B 115 -22.97 11.36 16.11
CA ILE B 115 -21.88 12.24 15.75
C ILE B 115 -20.84 12.17 16.85
N ARG B 116 -19.58 11.97 16.46
CA ARG B 116 -18.48 11.82 17.40
C ARG B 116 -17.46 12.92 17.17
N PHE B 117 -16.87 13.41 18.27
CA PHE B 117 -15.98 14.56 18.28
C PHE B 117 -14.61 14.12 18.77
N GLY B 118 -13.67 15.07 18.82
CA GLY B 118 -12.30 14.76 19.19
C GLY B 118 -12.15 14.55 20.70
N SER B 119 -13.11 15.06 21.47
CA SER B 119 -13.04 15.04 22.92
C SER B 119 -14.43 15.23 23.52
N LYS B 120 -14.53 14.94 24.83
CA LYS B 120 -15.77 15.08 25.57
C LYS B 120 -16.15 16.55 25.61
N GLU B 121 -15.15 17.40 25.82
CA GLU B 121 -15.36 18.85 25.85
C GLU B 121 -16.04 19.31 24.56
N ASN B 122 -15.58 18.80 23.42
CA ASN B 122 -16.18 19.17 22.13
C ASN B 122 -17.63 18.68 22.08
N ALA B 123 -17.86 17.48 22.58
CA ALA B 123 -19.20 16.89 22.57
C ALA B 123 -20.13 17.71 23.46
N ASP B 124 -19.64 18.09 24.66
CA ASP B 124 -20.43 18.89 25.60
C ASP B 124 -20.71 20.27 25.03
N LYS B 125 -19.71 20.86 24.37
CA LYS B 125 -19.89 22.16 23.73
C LYS B 125 -20.92 22.05 22.61
N PHE B 126 -20.87 20.97 21.81
CA PHE B 126 -21.80 20.74 20.71
C PHE B 126 -23.24 20.70 21.22
N LYS B 127 -23.47 19.98 22.32
CA LYS B 127 -24.77 19.85 22.96
C LYS B 127 -25.28 21.21 23.42
N GLU B 128 -24.40 21.99 24.05
CA GLU B 128 -24.72 23.35 24.47
C GLU B 128 -25.20 24.19 23.28
N GLU B 129 -24.44 24.15 22.18
CA GLU B 129 -24.76 24.92 20.98
C GLU B 129 -26.01 24.38 20.29
N PHE B 130 -26.19 23.05 20.35
CA PHE B 130 -27.33 22.38 19.72
C PHE B 130 -28.61 22.86 20.39
N GLU B 131 -28.55 22.99 21.73
CA GLU B 131 -29.69 23.43 22.52
C GLU B 131 -29.95 24.92 22.29
N LYS B 132 -28.90 25.74 22.25
CA LYS B 132 -29.05 27.15 21.88
C LYS B 132 -29.78 27.31 20.55
N ALA B 133 -29.45 26.45 19.59
CA ALA B 133 -30.00 26.53 18.25
C ALA B 133 -31.45 26.07 18.22
N GLN B 134 -31.78 25.03 19.01
CA GLN B 134 -33.16 24.60 19.20
C GLN B 134 -34.00 25.80 19.67
N GLU B 135 -33.47 26.54 20.65
CA GLU B 135 -34.15 27.69 21.24
C GLU B 135 -34.32 28.80 20.21
N ILE B 136 -33.32 28.96 19.33
CA ILE B 136 -33.45 29.93 18.25
C ILE B 136 -34.54 29.48 17.28
N ASN B 137 -34.64 28.17 17.03
CA ASN B 137 -35.59 27.61 16.08
C ASN B 137 -37.01 27.62 16.65
N LYS B 138 -37.12 27.86 17.95
CA LYS B 138 -38.45 27.95 18.60
C LYS B 138 -38.96 29.39 18.46
N LYS B 139 -38.11 30.36 18.80
CA LYS B 139 -38.50 31.80 18.71
C LYS B 139 -38.84 32.14 17.26
N ALA B 140 -38.06 31.63 16.31
CA ALA B 140 -38.31 31.88 14.87
C ALA B 140 -39.52 31.07 14.41
N SER C 3 -37.00 -13.69 -20.13
CA SER C 3 -36.62 -14.77 -21.07
C SER C 3 -35.12 -14.73 -21.34
N MET C 4 -34.44 -13.69 -20.84
CA MET C 4 -32.98 -13.54 -21.07
C MET C 4 -32.27 -14.83 -20.63
N GLU C 5 -32.88 -15.60 -19.71
CA GLU C 5 -32.22 -16.79 -19.20
C GLU C 5 -32.30 -17.92 -20.21
N GLY C 6 -32.91 -17.66 -21.37
CA GLY C 6 -33.01 -18.69 -22.43
C GLY C 6 -31.64 -19.10 -22.94
N ILE C 7 -30.68 -18.16 -22.96
CA ILE C 7 -29.32 -18.46 -23.51
C ILE C 7 -28.66 -19.52 -22.64
N LEU C 8 -29.08 -19.63 -21.37
CA LEU C 8 -28.44 -20.59 -20.43
C LEU C 8 -29.00 -21.99 -20.66
N ASP C 9 -30.05 -22.11 -21.48
CA ASP C 9 -30.69 -23.44 -21.73
C ASP C 9 -29.67 -24.41 -22.32
N PHE C 10 -29.03 -24.04 -23.43
CA PHE C 10 -27.99 -24.88 -24.07
C PHE C 10 -28.62 -26.15 -24.66
N SER C 11 -29.57 -26.76 -23.95
CA SER C 11 -30.28 -27.95 -24.49
C SER C 11 -30.92 -27.57 -25.83
N ASN C 12 -31.43 -26.34 -25.93
CA ASN C 12 -32.00 -25.86 -27.22
C ASN C 12 -30.91 -25.10 -27.99
N ASP C 13 -31.16 -24.78 -29.26
CA ASP C 13 -30.17 -24.00 -30.06
C ASP C 13 -30.02 -22.61 -29.45
N LEU C 14 -28.89 -21.94 -29.68
CA LEU C 14 -28.64 -20.61 -29.06
C LEU C 14 -29.25 -19.49 -29.89
N ASP C 15 -30.11 -18.68 -29.29
CA ASP C 15 -30.68 -17.53 -29.98
C ASP C 15 -29.70 -16.36 -29.87
N ILE C 16 -29.24 -15.88 -31.03
CA ILE C 16 -28.17 -14.90 -31.12
C ILE C 16 -28.72 -13.50 -30.85
N ALA C 17 -29.96 -13.22 -31.28
CA ALA C 17 -30.56 -11.91 -31.05
C ALA C 17 -30.85 -11.71 -29.56
N LEU C 18 -31.05 -12.83 -28.86
CA LEU C 18 -31.29 -12.84 -27.43
C LEU C 18 -29.98 -12.55 -26.69
N LEU C 19 -28.87 -13.16 -27.15
CA LEU C 19 -27.55 -12.92 -26.57
C LEU C 19 -27.17 -11.45 -26.76
N ASP C 20 -27.45 -10.89 -27.94
CA ASP C 20 -27.11 -9.50 -28.20
C ASP C 20 -27.97 -8.57 -27.34
N GLN C 21 -29.15 -9.04 -26.93
CA GLN C 21 -30.02 -8.32 -26.02
C GLN C 21 -29.34 -8.26 -24.64
N VAL C 22 -28.98 -9.44 -24.12
CA VAL C 22 -28.38 -9.61 -22.82
C VAL C 22 -27.08 -8.80 -22.75
N VAL C 23 -26.23 -8.95 -23.79
CA VAL C 23 -24.97 -8.25 -23.85
C VAL C 23 -25.21 -6.73 -23.84
N SER C 24 -26.14 -6.26 -24.68
CA SER C 24 -26.43 -4.84 -24.77
C SER C 24 -26.90 -4.27 -23.44
N THR C 25 -27.80 -5.02 -22.79
CA THR C 25 -28.34 -4.67 -21.48
C THR C 25 -27.21 -4.53 -20.46
N PHE C 26 -26.26 -5.46 -20.49
CA PHE C 26 -25.14 -5.40 -19.58
C PHE C 26 -24.33 -4.13 -19.80
N TYR C 27 -23.88 -3.90 -21.05
CA TYR C 27 -22.89 -2.86 -21.29
C TYR C 27 -23.51 -1.46 -21.26
N GLN C 28 -24.73 -1.33 -21.83
CA GLN C 28 -25.40 -0.05 -21.97
C GLN C 28 -26.46 0.16 -20.88
N GLY C 29 -27.05 -0.93 -20.37
CA GLY C 29 -28.16 -0.85 -19.43
C GLY C 29 -27.77 -0.25 -18.08
N GLU C 30 -28.72 -0.29 -17.14
CA GLU C 30 -28.61 0.40 -15.87
C GLU C 30 -29.31 -0.39 -14.77
N GLY C 31 -28.93 -0.07 -13.52
CA GLY C 31 -29.52 -0.60 -12.31
C GLY C 31 -29.79 -2.11 -12.40
N VAL C 32 -31.08 -2.46 -12.27
CA VAL C 32 -31.55 -3.81 -12.03
C VAL C 32 -31.33 -4.66 -13.26
N GLN C 33 -31.58 -4.06 -14.43
CA GLN C 33 -31.53 -4.75 -15.70
C GLN C 33 -30.10 -5.19 -16.02
N GLN C 34 -29.16 -4.26 -15.84
CA GLN C 34 -27.75 -4.52 -16.07
C GLN C 34 -27.28 -5.70 -15.21
N LYS C 35 -27.76 -5.73 -13.95
CA LYS C 35 -27.36 -6.74 -12.98
C LYS C 35 -27.80 -8.14 -13.43
N GLN C 36 -29.06 -8.27 -13.86
CA GLN C 36 -29.60 -9.56 -14.25
C GLN C 36 -28.88 -10.10 -15.48
N ALA C 37 -28.64 -9.21 -16.45
CA ALA C 37 -27.93 -9.57 -17.68
C ALA C 37 -26.50 -10.02 -17.35
N GLN C 38 -25.88 -9.31 -16.40
CA GLN C 38 -24.54 -9.61 -15.91
C GLN C 38 -24.46 -11.07 -15.47
N GLU C 39 -25.37 -11.48 -14.58
CA GLU C 39 -25.33 -12.80 -14.00
C GLU C 39 -25.52 -13.85 -15.10
N ILE C 40 -26.46 -13.58 -16.02
CA ILE C 40 -26.77 -14.50 -17.10
C ILE C 40 -25.51 -14.67 -17.96
N LEU C 41 -24.94 -13.55 -18.42
CA LEU C 41 -23.72 -13.55 -19.23
C LEU C 41 -22.59 -14.34 -18.58
N THR C 42 -22.36 -14.08 -17.28
CA THR C 42 -21.29 -14.72 -16.54
C THR C 42 -21.51 -16.24 -16.51
N LYS C 43 -22.76 -16.68 -16.28
CA LYS C 43 -23.11 -18.10 -16.27
C LYS C 43 -22.94 -18.69 -17.67
N PHE C 44 -23.36 -17.94 -18.69
CA PHE C 44 -23.22 -18.39 -20.06
C PHE C 44 -21.74 -18.65 -20.34
N GLN C 45 -20.90 -17.65 -20.04
CA GLN C 45 -19.48 -17.71 -20.35
C GLN C 45 -18.82 -18.89 -19.63
N ASP C 46 -19.22 -19.15 -18.38
CA ASP C 46 -18.56 -20.16 -17.55
C ASP C 46 -19.10 -21.55 -17.85
N ASN C 47 -20.22 -21.65 -18.59
CA ASN C 47 -20.74 -22.94 -19.00
C ASN C 47 -19.66 -23.67 -19.78
N PRO C 48 -19.27 -24.91 -19.41
CA PRO C 48 -18.10 -25.58 -19.99
C PRO C 48 -18.22 -25.98 -21.46
N ASP C 49 -19.44 -25.97 -22.01
CA ASP C 49 -19.68 -26.34 -23.40
C ASP C 49 -19.97 -25.11 -24.25
N ALA C 50 -19.84 -23.90 -23.67
CA ALA C 50 -20.20 -22.67 -24.35
C ALA C 50 -19.27 -22.41 -25.54
N TRP C 51 -18.06 -22.99 -25.51
CA TRP C 51 -17.07 -22.78 -26.56
C TRP C 51 -17.59 -23.28 -27.91
N GLU C 52 -18.53 -24.23 -27.86
CA GLU C 52 -19.11 -24.82 -29.07
C GLU C 52 -19.98 -23.79 -29.78
N LYS C 53 -20.48 -22.81 -29.03
CA LYS C 53 -21.42 -21.83 -29.55
C LYS C 53 -20.69 -20.63 -30.15
N VAL C 54 -19.35 -20.61 -30.04
CA VAL C 54 -18.53 -19.46 -30.44
C VAL C 54 -18.63 -19.22 -31.95
N ASP C 55 -18.51 -20.29 -32.76
CA ASP C 55 -18.53 -20.16 -34.21
C ASP C 55 -19.83 -19.47 -34.66
N GLN C 56 -20.95 -19.89 -34.05
CA GLN C 56 -22.27 -19.39 -34.35
C GLN C 56 -22.37 -17.91 -34.01
N ILE C 57 -21.83 -17.49 -32.85
CA ILE C 57 -21.87 -16.12 -32.39
C ILE C 57 -21.04 -15.24 -33.32
N LEU C 58 -19.84 -15.73 -33.68
CA LEU C 58 -18.88 -14.95 -34.46
C LEU C 58 -19.41 -14.69 -35.88
N GLN C 59 -20.26 -15.61 -36.38
CA GLN C 59 -20.75 -15.50 -37.75
C GLN C 59 -22.01 -14.64 -37.79
N PHE C 60 -22.93 -14.89 -36.85
CA PHE C 60 -24.31 -14.46 -37.00
C PHE C 60 -24.64 -13.31 -36.04
N SER C 61 -23.77 -13.00 -35.06
CA SER C 61 -24.02 -11.86 -34.19
C SER C 61 -23.73 -10.58 -34.96
N THR C 62 -24.51 -9.54 -34.65
CA THR C 62 -24.23 -8.20 -35.15
C THR C 62 -23.37 -7.43 -34.13
N ASN C 63 -23.58 -7.74 -32.84
CA ASN C 63 -23.03 -6.97 -31.73
C ASN C 63 -21.56 -7.34 -31.50
N PRO C 64 -20.61 -6.40 -31.68
CA PRO C 64 -19.18 -6.69 -31.47
C PRO C 64 -18.82 -7.10 -30.04
N GLN C 65 -19.62 -6.67 -29.06
CA GLN C 65 -19.44 -7.06 -27.68
C GLN C 65 -19.73 -8.55 -27.50
N SER C 66 -20.77 -9.05 -28.16
CA SER C 66 -21.09 -10.47 -28.16
C SER C 66 -19.92 -11.28 -28.68
N LYS C 67 -19.29 -10.77 -29.74
CA LYS C 67 -18.20 -11.49 -30.36
C LYS C 67 -16.95 -11.43 -29.47
N PHE C 68 -16.80 -10.33 -28.72
CA PHE C 68 -15.72 -10.19 -27.77
C PHE C 68 -15.83 -11.27 -26.70
N ILE C 69 -17.03 -11.42 -26.13
CA ILE C 69 -17.30 -12.41 -25.11
C ILE C 69 -17.16 -13.82 -25.67
N ALA C 70 -17.56 -14.01 -26.94
CA ALA C 70 -17.34 -15.28 -27.62
C ALA C 70 -15.86 -15.65 -27.62
N LEU C 71 -14.99 -14.68 -27.94
CA LEU C 71 -13.55 -14.91 -28.00
C LEU C 71 -12.99 -15.21 -26.61
N SER C 72 -13.47 -14.53 -25.56
CA SER C 72 -13.14 -14.86 -24.18
C SER C 72 -13.40 -16.33 -23.89
N ILE C 73 -14.57 -16.82 -24.31
CA ILE C 73 -14.95 -18.22 -24.10
C ILE C 73 -13.96 -19.12 -24.84
N LEU C 74 -13.59 -18.76 -26.07
CA LEU C 74 -12.67 -19.58 -26.84
C LEU C 74 -11.30 -19.59 -26.16
N ASP C 75 -10.88 -18.42 -25.66
CA ASP C 75 -9.58 -18.26 -24.99
C ASP C 75 -9.50 -19.21 -23.80
N LYS C 76 -10.59 -19.37 -23.06
CA LYS C 76 -10.68 -20.31 -21.95
C LYS C 76 -10.35 -21.73 -22.42
N LEU C 77 -11.00 -22.15 -23.51
CA LEU C 77 -10.74 -23.45 -24.12
C LEU C 77 -9.27 -23.55 -24.56
N ILE C 78 -8.79 -22.57 -25.32
CA ILE C 78 -7.46 -22.63 -25.90
C ILE C 78 -6.37 -22.75 -24.82
N THR C 79 -6.54 -22.01 -23.71
CA THR C 79 -5.50 -21.90 -22.69
C THR C 79 -5.61 -23.05 -21.67
N ARG C 80 -6.74 -23.76 -21.56
CA ARG C 80 -6.91 -24.77 -20.52
C ARG C 80 -7.07 -26.20 -21.08
N LYS C 81 -7.77 -26.36 -22.20
CA LYS C 81 -8.28 -27.67 -22.61
C LYS C 81 -7.97 -27.98 -24.06
N TRP C 82 -7.20 -27.11 -24.72
CA TRP C 82 -6.91 -27.22 -26.13
C TRP C 82 -6.46 -28.65 -26.51
N LYS C 83 -5.57 -29.25 -25.72
CA LYS C 83 -4.91 -30.48 -26.12
C LYS C 83 -5.84 -31.68 -26.07
N LEU C 84 -7.06 -31.54 -25.51
CA LEU C 84 -8.09 -32.57 -25.60
C LEU C 84 -8.72 -32.62 -26.99
N LEU C 85 -8.63 -31.53 -27.76
CA LEU C 85 -9.28 -31.46 -29.06
C LEU C 85 -8.53 -32.31 -30.08
N PRO C 86 -9.24 -33.01 -31.00
CA PRO C 86 -8.59 -33.67 -32.14
C PRO C 86 -7.80 -32.67 -32.97
N ASN C 87 -6.74 -33.16 -33.64
CA ASN C 87 -5.90 -32.32 -34.48
C ASN C 87 -6.77 -31.59 -35.52
N ASP C 88 -7.71 -32.30 -36.13
CA ASP C 88 -8.53 -31.74 -37.20
C ASP C 88 -9.31 -30.53 -36.69
N HIS C 89 -9.85 -30.62 -35.47
CA HIS C 89 -10.68 -29.59 -34.90
C HIS C 89 -9.83 -28.36 -34.52
N ARG C 90 -8.61 -28.60 -34.02
CA ARG C 90 -7.66 -27.53 -33.72
C ARG C 90 -7.27 -26.76 -34.99
N ILE C 91 -7.04 -27.49 -36.10
CA ILE C 91 -6.81 -26.86 -37.39
C ILE C 91 -8.04 -26.06 -37.83
N GLY C 92 -9.24 -26.64 -37.66
CA GLY C 92 -10.47 -25.96 -38.07
C GLY C 92 -10.68 -24.65 -37.30
N ILE C 93 -10.43 -24.69 -35.98
CA ILE C 93 -10.55 -23.50 -35.15
C ILE C 93 -9.51 -22.47 -35.56
N ARG C 94 -8.26 -22.92 -35.71
CA ARG C 94 -7.14 -22.06 -36.12
C ARG C 94 -7.47 -21.32 -37.42
N ASN C 95 -7.95 -22.02 -38.44
CA ASN C 95 -8.29 -21.43 -39.73
C ASN C 95 -9.47 -20.46 -39.59
N PHE C 96 -10.46 -20.81 -38.78
CA PHE C 96 -11.62 -19.94 -38.57
C PHE C 96 -11.19 -18.59 -37.98
N VAL C 97 -10.30 -18.64 -36.99
CA VAL C 97 -9.79 -17.43 -36.36
C VAL C 97 -9.00 -16.59 -37.36
N VAL C 98 -8.02 -17.20 -38.04
CA VAL C 98 -7.21 -16.52 -39.05
C VAL C 98 -8.11 -15.91 -40.13
N GLY C 99 -9.03 -16.71 -40.65
CA GLY C 99 -9.98 -16.23 -41.66
C GLY C 99 -10.78 -15.01 -41.19
N MET C 100 -11.20 -15.01 -39.93
CA MET C 100 -12.04 -13.94 -39.40
C MET C 100 -11.24 -12.65 -39.27
N ILE C 101 -9.95 -12.76 -38.91
CA ILE C 101 -9.08 -11.61 -38.75
C ILE C 101 -8.84 -10.95 -40.12
N ILE C 102 -8.46 -11.77 -41.12
CA ILE C 102 -8.19 -11.29 -42.47
C ILE C 102 -9.43 -10.59 -43.02
N SER C 103 -10.58 -11.25 -42.89
CA SER C 103 -11.85 -10.69 -43.33
C SER C 103 -12.08 -9.31 -42.72
N MET C 104 -11.91 -9.17 -41.40
CA MET C 104 -12.15 -7.90 -40.71
C MET C 104 -11.17 -6.81 -41.17
N CYS C 105 -9.94 -7.22 -41.53
CA CYS C 105 -8.90 -6.32 -41.97
C CYS C 105 -9.10 -5.86 -43.42
N GLN C 106 -9.79 -6.67 -44.23
CA GLN C 106 -9.96 -6.37 -45.64
C GLN C 106 -11.15 -5.43 -45.84
N ASP C 107 -12.02 -5.32 -44.83
CA ASP C 107 -13.09 -4.33 -44.81
C ASP C 107 -12.58 -3.10 -44.06
N ASP C 108 -12.29 -2.01 -44.80
CA ASP C 108 -11.73 -0.80 -44.23
C ASP C 108 -12.66 -0.19 -43.18
N GLU C 109 -13.98 -0.29 -43.38
CA GLU C 109 -14.95 0.22 -42.41
C GLU C 109 -14.80 -0.51 -41.08
N VAL C 110 -14.70 -1.85 -41.12
CA VAL C 110 -14.57 -2.68 -39.93
C VAL C 110 -13.19 -2.46 -39.30
N PHE C 111 -12.15 -2.47 -40.14
CA PHE C 111 -10.78 -2.29 -39.65
C PHE C 111 -10.65 -1.00 -38.83
N LYS C 112 -11.27 0.09 -39.29
CA LYS C 112 -11.13 1.40 -38.65
C LYS C 112 -11.97 1.46 -37.37
N THR C 113 -13.16 0.82 -37.35
CA THR C 113 -14.16 1.06 -36.33
C THR C 113 -14.22 -0.06 -35.30
N GLN C 114 -13.56 -1.20 -35.54
CA GLN C 114 -13.70 -2.36 -34.66
C GLN C 114 -12.32 -2.81 -34.14
N LYS C 115 -11.53 -1.85 -33.64
CA LYS C 115 -10.16 -2.15 -33.21
C LYS C 115 -10.15 -3.11 -32.02
N ASN C 116 -11.09 -2.94 -31.07
CA ASN C 116 -11.15 -3.78 -29.88
C ASN C 116 -11.34 -5.24 -30.26
N LEU C 117 -12.25 -5.50 -31.19
CA LEU C 117 -12.58 -6.86 -31.57
C LEU C 117 -11.43 -7.47 -32.36
N ILE C 118 -10.78 -6.66 -33.20
CA ILE C 118 -9.64 -7.16 -33.96
C ILE C 118 -8.50 -7.52 -32.99
N ASN C 119 -8.26 -6.66 -32.00
CA ASN C 119 -7.16 -6.84 -31.07
C ASN C 119 -7.39 -8.09 -30.23
N LYS C 120 -8.65 -8.33 -29.87
CA LYS C 120 -9.04 -9.50 -29.11
C LYS C 120 -8.83 -10.76 -29.93
N SER C 121 -9.19 -10.69 -31.22
CA SER C 121 -9.00 -11.77 -32.17
C SER C 121 -7.51 -12.10 -32.33
N ASP C 122 -6.68 -11.06 -32.40
CA ASP C 122 -5.24 -11.20 -32.52
C ASP C 122 -4.65 -11.88 -31.28
N LEU C 123 -5.15 -11.52 -30.09
CA LEU C 123 -4.70 -12.16 -28.87
C LEU C 123 -5.13 -13.61 -28.85
N THR C 124 -6.36 -13.91 -29.31
CA THR C 124 -6.84 -15.28 -29.42
C THR C 124 -5.94 -16.08 -30.36
N LEU C 125 -5.55 -15.48 -31.46
CA LEU C 125 -4.63 -16.13 -32.38
C LEU C 125 -3.32 -16.45 -31.67
N VAL C 126 -2.82 -15.50 -30.86
CA VAL C 126 -1.54 -15.68 -30.21
C VAL C 126 -1.65 -16.79 -29.17
N GLN C 127 -2.83 -16.93 -28.54
CA GLN C 127 -3.06 -18.03 -27.61
C GLN C 127 -2.95 -19.38 -28.34
N ILE C 128 -3.43 -19.44 -29.58
CA ILE C 128 -3.32 -20.64 -30.40
C ILE C 128 -1.85 -20.88 -30.77
N LEU C 129 -1.12 -19.84 -31.19
CA LEU C 129 0.29 -19.97 -31.52
C LEU C 129 1.05 -20.57 -30.33
N LYS C 130 0.72 -20.15 -29.10
CA LYS C 130 1.41 -20.64 -27.91
C LYS C 130 1.19 -22.14 -27.73
N GLN C 131 0.04 -22.65 -28.17
CA GLN C 131 -0.25 -24.07 -28.14
C GLN C 131 0.35 -24.80 -29.33
N GLU C 132 0.26 -24.19 -30.52
CA GLU C 132 0.40 -24.88 -31.79
C GLU C 132 1.74 -24.64 -32.46
N TRP C 133 2.42 -23.52 -32.14
CA TRP C 133 3.51 -23.01 -32.97
C TRP C 133 4.86 -23.19 -32.27
N PRO C 134 5.97 -23.51 -33.00
CA PRO C 134 5.94 -23.87 -34.43
C PRO C 134 5.76 -25.35 -34.80
N GLN C 135 5.73 -26.24 -33.81
CA GLN C 135 5.78 -27.68 -34.04
C GLN C 135 4.59 -28.16 -34.87
N ASN C 136 3.42 -27.51 -34.72
CA ASN C 136 2.24 -27.89 -35.46
C ASN C 136 1.82 -26.79 -36.42
N TRP C 137 2.71 -25.82 -36.68
CA TRP C 137 2.38 -24.72 -37.57
C TRP C 137 3.67 -24.06 -38.06
N PRO C 138 4.56 -24.83 -38.73
CA PRO C 138 5.85 -24.31 -39.21
C PRO C 138 5.74 -23.17 -40.22
N GLU C 139 4.59 -23.06 -40.88
CA GLU C 139 4.40 -22.09 -41.96
C GLU C 139 3.90 -20.75 -41.44
N PHE C 140 3.64 -20.63 -40.12
CA PHE C 140 2.91 -19.48 -39.61
C PHE C 140 3.61 -18.18 -40.03
N ILE C 141 4.91 -18.09 -39.75
CA ILE C 141 5.62 -16.84 -39.96
C ILE C 141 5.75 -16.54 -41.46
N PRO C 142 6.26 -17.47 -42.32
CA PRO C 142 6.28 -17.25 -43.76
C PRO C 142 4.95 -16.78 -44.35
N GLU C 143 3.86 -17.43 -43.96
CA GLU C 143 2.54 -17.01 -44.39
C GLU C 143 2.19 -15.60 -43.90
N LEU C 144 2.49 -15.31 -42.62
CA LEU C 144 2.22 -13.99 -42.06
C LEU C 144 2.99 -12.93 -42.86
N ILE C 145 4.29 -13.19 -43.05
CA ILE C 145 5.15 -12.30 -43.82
C ILE C 145 4.62 -12.16 -45.24
N GLY C 146 4.21 -13.29 -45.83
CA GLY C 146 3.60 -13.29 -47.16
C GLY C 146 2.32 -12.46 -47.20
N SER C 147 1.39 -12.71 -46.25
CA SER C 147 0.10 -12.04 -46.24
C SER C 147 0.23 -10.52 -46.02
N SER C 148 1.38 -10.07 -45.50
CA SER C 148 1.61 -8.66 -45.20
C SER C 148 1.68 -7.84 -46.48
N SER C 149 2.29 -8.41 -47.55
CA SER C 149 2.43 -7.70 -48.82
C SER C 149 1.08 -7.51 -49.53
N SER C 150 0.07 -8.33 -49.19
CA SER C 150 -1.21 -8.30 -49.87
C SER C 150 -2.00 -7.03 -49.57
N SER C 151 -2.01 -6.60 -48.29
CA SER C 151 -2.87 -5.52 -47.81
C SER C 151 -2.14 -4.72 -46.72
N VAL C 152 -2.38 -3.40 -46.69
CA VAL C 152 -1.79 -2.50 -45.70
C VAL C 152 -2.45 -2.73 -44.34
N ASN C 153 -3.76 -2.97 -44.33
CA ASN C 153 -4.50 -3.26 -43.11
C ASN C 153 -3.98 -4.55 -42.49
N VAL C 154 -3.80 -5.58 -43.32
CA VAL C 154 -3.33 -6.88 -42.87
C VAL C 154 -1.89 -6.77 -42.39
N CYS C 155 -1.09 -5.95 -43.07
CA CYS C 155 0.29 -5.73 -42.69
C CYS C 155 0.36 -5.07 -41.31
N GLU C 156 -0.46 -4.04 -41.09
CA GLU C 156 -0.54 -3.34 -39.82
C GLU C 156 -0.99 -4.30 -38.71
N ASN C 157 -2.01 -5.10 -39.02
CA ASN C 157 -2.56 -6.02 -38.03
C ASN C 157 -1.55 -7.11 -37.70
N ASN C 158 -0.76 -7.53 -38.70
CA ASN C 158 0.27 -8.53 -38.49
C ASN C 158 1.35 -8.00 -37.54
N MET C 159 1.55 -6.68 -37.53
CA MET C 159 2.50 -6.10 -36.59
C MET C 159 1.94 -6.17 -35.17
N ILE C 160 0.63 -6.10 -35.02
CA ILE C 160 -0.02 -6.24 -33.72
C ILE C 160 0.11 -7.69 -33.24
N VAL C 161 -0.07 -8.66 -34.13
CA VAL C 161 0.06 -10.07 -33.78
C VAL C 161 1.48 -10.36 -33.30
N LEU C 162 2.48 -9.84 -34.01
CA LEU C 162 3.88 -10.08 -33.67
C LEU C 162 4.26 -9.42 -32.35
N LYS C 163 3.75 -8.20 -32.10
CA LYS C 163 3.93 -7.51 -30.84
C LYS C 163 3.40 -8.35 -29.68
N LEU C 164 2.15 -8.82 -29.81
CA LEU C 164 1.54 -9.64 -28.78
C LEU C 164 2.35 -10.92 -28.55
N LEU C 165 2.78 -11.57 -29.65
CA LEU C 165 3.53 -12.82 -29.55
C LEU C 165 4.83 -12.57 -28.79
N SER C 166 5.57 -11.53 -29.18
CA SER C 166 6.80 -11.19 -28.47
C SER C 166 6.52 -10.97 -26.98
N GLU C 167 5.43 -10.27 -26.64
CA GLU C 167 5.07 -10.03 -25.26
C GLU C 167 4.82 -11.36 -24.55
N GLU C 168 4.01 -12.21 -25.15
CA GLU C 168 3.60 -13.44 -24.48
C GLU C 168 4.80 -14.36 -24.28
N VAL C 169 5.79 -14.32 -25.20
CA VAL C 169 6.90 -15.26 -25.16
C VAL C 169 8.02 -14.75 -24.27
N PHE C 170 8.32 -13.45 -24.35
CA PHE C 170 9.51 -12.90 -23.69
C PHE C 170 9.16 -12.07 -22.46
N ASP C 171 7.99 -11.42 -22.41
CA ASP C 171 7.73 -10.45 -21.33
C ASP C 171 6.85 -11.08 -20.25
N PHE C 172 5.91 -11.96 -20.62
CA PHE C 172 4.95 -12.48 -19.65
C PHE C 172 4.99 -14.00 -19.54
N SER C 173 6.03 -14.66 -20.07
CA SER C 173 6.09 -16.11 -20.08
C SER C 173 6.44 -16.68 -18.71
N ALA C 174 7.17 -15.90 -17.88
CA ALA C 174 7.85 -16.41 -16.71
C ALA C 174 6.88 -17.12 -15.78
N GLU C 175 5.67 -16.59 -15.61
CA GLU C 175 4.78 -17.18 -14.63
C GLU C 175 3.67 -17.99 -15.30
N GLN C 176 3.60 -17.98 -16.63
CA GLN C 176 2.46 -18.51 -17.35
C GLN C 176 2.81 -19.80 -18.08
N MET C 177 4.10 -20.10 -18.18
CA MET C 177 4.59 -21.23 -18.97
C MET C 177 5.59 -21.99 -18.13
N THR C 178 5.79 -23.27 -18.47
CA THR C 178 6.89 -24.00 -17.87
C THR C 178 8.19 -23.37 -18.38
N GLN C 179 9.29 -23.59 -17.64
CA GLN C 179 10.62 -23.19 -18.09
C GLN C 179 10.92 -23.78 -19.47
N ALA C 180 10.63 -25.07 -19.68
CA ALA C 180 10.92 -25.73 -20.94
C ALA C 180 10.09 -25.13 -22.09
N LYS C 181 8.82 -24.81 -21.83
CA LYS C 181 8.00 -24.29 -22.91
C LYS C 181 8.40 -22.86 -23.27
N ALA C 182 8.76 -22.04 -22.26
CA ALA C 182 9.20 -20.67 -22.50
C ALA C 182 10.50 -20.66 -23.32
N LEU C 183 11.45 -21.55 -22.98
CA LEU C 183 12.69 -21.70 -23.72
C LEU C 183 12.41 -22.13 -25.16
N HIS C 184 11.49 -23.06 -25.36
CA HIS C 184 11.06 -23.50 -26.69
C HIS C 184 10.53 -22.34 -27.53
N LEU C 185 9.61 -21.52 -26.98
CA LEU C 185 9.02 -20.44 -27.78
C LEU C 185 10.03 -19.33 -27.99
N LYS C 186 10.92 -19.10 -27.02
CA LYS C 186 11.94 -18.07 -27.16
C LYS C 186 12.88 -18.44 -28.30
N ASN C 187 13.38 -19.68 -28.28
CA ASN C 187 14.25 -20.20 -29.34
C ASN C 187 13.58 -20.14 -30.70
N SER C 188 12.28 -20.51 -30.74
CA SER C 188 11.51 -20.49 -31.97
C SER C 188 11.45 -19.09 -32.55
N MET C 189 11.12 -18.09 -31.72
CA MET C 189 11.00 -16.74 -32.22
C MET C 189 12.36 -16.22 -32.69
N SER C 190 13.40 -16.57 -31.93
CA SER C 190 14.76 -16.16 -32.23
C SER C 190 15.20 -16.71 -33.60
N LYS C 191 14.88 -17.98 -33.86
CA LYS C 191 15.23 -18.63 -35.12
C LYS C 191 14.60 -17.93 -36.32
N GLU C 192 13.38 -17.41 -36.18
CA GLU C 192 12.68 -16.83 -37.32
C GLU C 192 12.72 -15.31 -37.29
N PHE C 193 13.56 -14.72 -36.43
CA PHE C 193 13.52 -13.28 -36.24
C PHE C 193 14.15 -12.58 -37.44
N GLU C 194 15.17 -13.18 -38.06
CA GLU C 194 15.81 -12.54 -39.20
C GLU C 194 14.72 -12.15 -40.20
N GLN C 195 13.78 -13.05 -40.48
CA GLN C 195 12.75 -12.80 -41.48
C GLN C 195 11.78 -11.74 -40.97
N ILE C 196 11.41 -11.80 -39.68
CA ILE C 196 10.48 -10.83 -39.14
C ILE C 196 11.10 -9.44 -39.24
N PHE C 197 12.39 -9.33 -38.89
CA PHE C 197 13.06 -8.04 -38.88
C PHE C 197 13.07 -7.45 -40.28
N LYS C 198 13.32 -8.30 -41.27
CA LYS C 198 13.40 -7.89 -42.67
C LYS C 198 12.10 -7.17 -43.06
N LEU C 199 10.95 -7.77 -42.71
CA LEU C 199 9.64 -7.17 -42.95
C LEU C 199 9.47 -5.84 -42.20
N CYS C 200 9.86 -5.81 -40.94
N CYS C 200 9.86 -5.83 -40.92
CA CYS C 200 9.74 -4.61 -40.13
CA CYS C 200 9.80 -4.67 -40.05
C CYS C 200 10.61 -3.49 -40.70
C CYS C 200 10.61 -3.52 -40.66
N PHE C 201 11.86 -3.82 -41.04
CA PHE C 201 12.77 -2.84 -41.62
C PHE C 201 12.23 -2.30 -42.94
N GLN C 202 11.69 -3.20 -43.77
CA GLN C 202 11.14 -2.78 -45.08
C GLN C 202 9.99 -1.77 -44.87
N VAL C 203 9.03 -2.12 -44.01
CA VAL C 203 7.89 -1.21 -43.73
C VAL C 203 8.44 0.16 -43.33
N LEU C 204 9.36 0.20 -42.36
CA LEU C 204 9.89 1.49 -41.86
C LEU C 204 10.66 2.21 -42.98
N GLU C 205 11.51 1.49 -43.71
CA GLU C 205 12.33 2.12 -44.77
C GLU C 205 11.41 2.68 -45.87
N GLN C 206 10.41 1.91 -46.28
CA GLN C 206 9.52 2.35 -47.38
C GLN C 206 8.06 2.23 -46.95
N GLY C 207 7.63 3.08 -46.02
CA GLY C 207 6.23 3.04 -45.54
C GLY C 207 5.63 4.43 -45.51
N SER C 208 4.37 4.57 -45.92
CA SER C 208 3.69 5.89 -45.92
C SER C 208 2.58 5.90 -44.85
N SER C 209 1.99 4.74 -44.56
CA SER C 209 0.88 4.67 -43.58
C SER C 209 1.43 4.91 -42.18
N SER C 210 1.05 6.04 -41.56
CA SER C 210 1.49 6.34 -40.17
C SER C 210 0.99 5.23 -39.23
N SER C 211 -0.27 4.81 -39.42
CA SER C 211 -0.84 3.73 -38.58
C SER C 211 0.03 2.47 -38.70
N LEU C 212 0.40 2.12 -39.93
CA LEU C 212 1.26 0.93 -40.15
C LEU C 212 2.64 1.18 -39.53
N ILE C 213 3.19 2.39 -39.71
CA ILE C 213 4.54 2.71 -39.17
C ILE C 213 4.47 2.66 -37.63
N VAL C 214 3.45 3.27 -37.04
CA VAL C 214 3.33 3.26 -35.58
C VAL C 214 3.19 1.82 -35.06
N ALA C 215 2.38 0.99 -35.73
CA ALA C 215 2.17 -0.39 -35.34
C ALA C 215 3.50 -1.16 -35.39
N THR C 216 4.28 -0.91 -36.44
CA THR C 216 5.57 -1.54 -36.60
C THR C 216 6.53 -1.11 -35.49
N LEU C 217 6.50 0.17 -35.14
CA LEU C 217 7.39 0.69 -34.10
C LEU C 217 6.97 0.15 -32.75
N GLU C 218 5.67 -0.10 -32.55
CA GLU C 218 5.19 -0.71 -31.31
C GLU C 218 5.77 -2.12 -31.19
N SER C 219 5.73 -2.92 -32.27
CA SER C 219 6.33 -4.25 -32.27
C SER C 219 7.83 -4.16 -31.97
N LEU C 220 8.51 -3.17 -32.57
CA LEU C 220 9.94 -3.00 -32.39
C LEU C 220 10.29 -2.75 -30.92
N LEU C 221 9.48 -1.93 -30.22
CA LEU C 221 9.70 -1.65 -28.82
C LEU C 221 9.80 -2.97 -28.05
N ARG C 222 8.89 -3.92 -28.35
CA ARG C 222 8.87 -5.22 -27.71
C ARG C 222 10.08 -6.05 -28.11
N TYR C 223 10.48 -6.03 -29.40
CA TYR C 223 11.65 -6.78 -29.84
C TYR C 223 12.89 -6.30 -29.11
N LEU C 224 12.93 -4.99 -28.81
CA LEU C 224 14.13 -4.40 -28.25
C LEU C 224 14.43 -5.00 -26.89
N HIS C 225 13.43 -5.66 -26.30
CA HIS C 225 13.60 -6.30 -25.01
C HIS C 225 14.53 -7.50 -25.08
N TRP C 226 14.72 -8.11 -26.28
CA TRP C 226 15.41 -9.39 -26.33
C TRP C 226 16.36 -9.55 -27.51
N ILE C 227 16.19 -8.80 -28.61
CA ILE C 227 16.94 -9.05 -29.82
C ILE C 227 18.39 -8.59 -29.64
N PRO C 228 19.36 -9.20 -30.36
CA PRO C 228 20.76 -8.74 -30.30
C PRO C 228 20.92 -7.35 -30.92
N TYR C 229 21.93 -6.62 -30.46
CA TYR C 229 22.12 -5.21 -30.82
C TYR C 229 22.40 -5.02 -32.32
N ARG C 230 22.93 -6.05 -32.98
CA ARG C 230 23.36 -5.91 -34.37
C ARG C 230 22.20 -5.49 -35.26
N TYR C 231 20.97 -5.94 -34.97
CA TYR C 231 19.81 -5.54 -35.75
C TYR C 231 19.57 -4.03 -35.69
N ILE C 232 20.10 -3.36 -34.66
CA ILE C 232 19.92 -1.93 -34.48
C ILE C 232 21.14 -1.16 -35.00
N TYR C 233 22.33 -1.64 -34.62
CA TYR C 233 23.58 -0.94 -34.91
C TYR C 233 24.14 -1.27 -36.31
N GLU C 234 23.83 -2.43 -36.88
CA GLU C 234 24.41 -2.83 -38.17
C GLU C 234 23.39 -2.72 -39.29
N THR C 235 22.29 -2.02 -39.04
CA THR C 235 21.34 -1.64 -40.07
C THR C 235 21.17 -0.12 -39.98
N ASN C 236 20.29 0.40 -40.84
CA ASN C 236 20.07 1.82 -40.94
C ASN C 236 19.04 2.27 -39.91
N ILE C 237 18.57 1.35 -39.06
CA ILE C 237 17.36 1.59 -38.28
C ILE C 237 17.62 2.69 -37.26
N LEU C 238 18.82 2.74 -36.67
CA LEU C 238 19.12 3.77 -35.69
C LEU C 238 18.91 5.16 -36.29
N GLU C 239 19.41 5.33 -37.51
CA GLU C 239 19.32 6.60 -38.21
C GLU C 239 17.86 6.95 -38.47
N LEU C 240 17.06 5.98 -38.92
CA LEU C 240 15.63 6.19 -39.15
C LEU C 240 14.92 6.64 -37.87
N LEU C 241 15.15 5.90 -36.77
CA LEU C 241 14.52 6.21 -35.49
C LEU C 241 14.86 7.63 -35.05
N SER C 242 16.16 8.00 -35.10
CA SER C 242 16.63 9.23 -34.47
C SER C 242 16.50 10.45 -35.39
N THR C 243 16.09 10.28 -36.67
CA THR C 243 15.85 11.41 -37.54
C THR C 243 14.38 11.42 -37.95
N LYS C 244 14.07 10.64 -38.99
CA LYS C 244 12.77 10.62 -39.63
C LYS C 244 11.64 10.48 -38.60
N PHE C 245 11.71 9.47 -37.73
CA PHE C 245 10.55 9.14 -36.92
C PHE C 245 10.41 10.13 -35.76
N MET C 246 11.47 10.89 -35.44
CA MET C 246 11.38 11.91 -34.42
C MET C 246 10.75 13.19 -34.98
N THR C 247 10.84 13.40 -36.29
CA THR C 247 10.31 14.62 -36.92
C THR C 247 8.77 14.64 -36.96
N SER C 248 8.14 13.51 -37.30
CA SER C 248 6.67 13.44 -37.35
C SER C 248 6.12 13.09 -35.97
N PRO C 249 5.10 13.82 -35.47
CA PRO C 249 4.59 13.61 -34.11
C PRO C 249 3.78 12.32 -33.92
N ASP C 250 3.26 11.76 -35.01
CA ASP C 250 2.54 10.49 -34.97
C ASP C 250 3.48 9.37 -34.51
N THR C 251 4.74 9.38 -34.99
CA THR C 251 5.71 8.33 -34.67
C THR C 251 6.62 8.71 -33.50
N ARG C 252 6.58 9.97 -33.07
CA ARG C 252 7.60 10.52 -32.18
C ARG C 252 7.54 9.85 -30.82
N ALA C 253 6.33 9.65 -30.32
CA ALA C 253 6.10 9.09 -29.01
C ALA C 253 6.67 7.67 -28.89
N ILE C 254 6.30 6.80 -29.84
CA ILE C 254 6.77 5.42 -29.82
C ILE C 254 8.28 5.37 -30.08
N THR C 255 8.80 6.25 -30.94
CA THR C 255 10.20 6.25 -31.32
C THR C 255 11.09 6.55 -30.13
N LEU C 256 10.70 7.55 -29.34
CA LEU C 256 11.45 7.96 -28.18
C LEU C 256 11.52 6.81 -27.18
N LYS C 257 10.41 6.07 -27.07
CA LYS C 257 10.36 4.87 -26.25
C LYS C 257 11.29 3.77 -26.80
N CYS C 258 11.32 3.58 -28.12
CA CYS C 258 12.24 2.64 -28.72
C CYS C 258 13.69 3.02 -28.40
N LEU C 259 14.01 4.32 -28.50
CA LEU C 259 15.37 4.79 -28.34
C LEU C 259 15.83 4.69 -26.89
N THR C 260 14.89 4.79 -25.95
CA THR C 260 15.17 4.53 -24.55
C THR C 260 15.61 3.07 -24.40
N GLU C 261 14.92 2.15 -25.07
CA GLU C 261 15.26 0.74 -24.96
C GLU C 261 16.53 0.43 -25.76
N VAL C 262 16.79 1.19 -26.83
CA VAL C 262 18.04 1.06 -27.57
C VAL C 262 19.21 1.36 -26.64
N SER C 263 19.00 2.36 -25.79
CA SER C 263 19.99 2.80 -24.84
C SER C 263 20.26 1.72 -23.80
N ASN C 264 19.35 0.75 -23.64
CA ASN C 264 19.52 -0.32 -22.67
C ASN C 264 20.04 -1.62 -23.33
N LEU C 265 20.37 -1.62 -24.63
CA LEU C 265 20.82 -2.84 -25.29
C LEU C 265 22.16 -3.27 -24.70
N LYS C 266 22.41 -4.58 -24.67
CA LYS C 266 23.72 -5.13 -24.38
C LYS C 266 24.58 -4.89 -25.63
N ILE C 267 25.70 -4.20 -25.43
CA ILE C 267 26.50 -3.63 -26.51
C ILE C 267 27.98 -3.88 -26.21
N PRO C 268 28.83 -4.10 -27.25
CA PRO C 268 30.29 -4.14 -27.08
C PRO C 268 30.83 -2.83 -26.50
N GLN C 269 31.79 -2.94 -25.57
CA GLN C 269 32.22 -1.79 -24.77
C GLN C 269 33.50 -1.15 -25.29
N ASP C 270 34.17 -1.83 -26.22
CA ASP C 270 35.54 -1.50 -26.59
C ASP C 270 35.60 -1.32 -28.10
N ASN C 271 34.60 -0.63 -28.65
CA ASN C 271 34.43 -0.54 -30.09
C ASN C 271 34.13 0.91 -30.46
N ASP C 272 35.00 1.53 -31.26
CA ASP C 272 34.89 2.96 -31.52
C ASP C 272 33.71 3.26 -32.44
N LEU C 273 33.42 2.37 -33.38
CA LEU C 273 32.30 2.60 -34.29
C LEU C 273 31.00 2.62 -33.49
N ILE C 274 30.82 1.65 -32.60
CA ILE C 274 29.60 1.56 -31.83
C ILE C 274 29.43 2.81 -30.96
N LYS C 275 30.51 3.30 -30.35
CA LYS C 275 30.46 4.49 -29.51
C LYS C 275 30.03 5.71 -30.32
N ARG C 276 30.58 5.84 -31.52
CA ARG C 276 30.22 6.91 -32.44
C ARG C 276 28.74 6.82 -32.83
N GLN C 277 28.26 5.61 -33.07
CA GLN C 277 26.85 5.41 -33.38
C GLN C 277 25.95 5.80 -32.21
N THR C 278 26.43 5.54 -30.99
CA THR C 278 25.66 5.78 -29.78
C THR C 278 25.56 7.29 -29.56
N VAL C 279 26.68 7.98 -29.75
CA VAL C 279 26.71 9.43 -29.70
C VAL C 279 25.77 9.99 -30.77
N LEU C 280 25.85 9.46 -32.01
CA LEU C 280 25.19 10.02 -33.17
C LEU C 280 23.67 9.94 -33.03
N PHE C 281 23.10 8.81 -32.60
CA PHE C 281 21.65 8.73 -32.50
C PHE C 281 21.13 9.72 -31.44
N PHE C 282 21.95 10.01 -30.42
CA PHE C 282 21.56 10.93 -29.36
C PHE C 282 21.57 12.36 -29.90
N GLN C 283 22.65 12.70 -30.63
CA GLN C 283 22.75 13.99 -31.31
C GLN C 283 21.54 14.20 -32.22
N ASN C 284 21.25 13.21 -33.07
CA ASN C 284 20.14 13.29 -34.01
C ASN C 284 18.85 13.52 -33.25
N THR C 285 18.64 12.75 -32.16
CA THR C 285 17.36 12.80 -31.45
C THR C 285 17.13 14.21 -30.89
N LEU C 286 18.15 14.73 -30.18
CA LEU C 286 18.08 16.02 -29.52
C LEU C 286 17.96 17.13 -30.57
N GLN C 287 18.61 16.95 -31.73
CA GLN C 287 18.49 17.92 -32.81
C GLN C 287 17.06 17.97 -33.33
N GLN C 288 16.43 16.83 -33.55
CA GLN C 288 15.03 16.80 -33.96
C GLN C 288 14.14 17.48 -32.94
N ILE C 289 14.41 17.30 -31.63
CA ILE C 289 13.57 17.89 -30.60
C ILE C 289 13.74 19.40 -30.62
N ALA C 290 14.98 19.87 -30.72
CA ALA C 290 15.30 21.29 -30.68
C ALA C 290 14.73 22.05 -31.88
N THR C 291 14.57 21.37 -33.02
CA THR C 291 14.09 22.01 -34.25
C THR C 291 12.61 21.77 -34.52
N SER C 292 12.05 20.62 -34.10
CA SER C 292 10.68 20.23 -34.43
C SER C 292 9.74 20.33 -33.24
N VAL C 293 10.24 20.33 -32.00
CA VAL C 293 9.35 20.32 -30.86
C VAL C 293 9.49 21.57 -30.01
N MET C 294 10.64 21.75 -29.35
CA MET C 294 10.86 22.92 -28.54
C MET C 294 12.35 23.10 -28.30
N PRO C 295 12.84 24.35 -28.27
CA PRO C 295 14.25 24.62 -28.03
C PRO C 295 14.63 24.42 -26.57
N VAL C 296 15.93 24.47 -26.30
CA VAL C 296 16.48 24.15 -24.99
C VAL C 296 15.96 25.13 -23.94
N THR C 297 15.62 26.35 -24.37
CA THR C 297 15.19 27.40 -23.45
C THR C 297 13.71 27.28 -23.08
N ALA C 298 12.95 26.39 -23.73
CA ALA C 298 11.51 26.35 -23.56
C ALA C 298 11.11 26.11 -22.11
N ASP C 299 10.00 26.73 -21.72
CA ASP C 299 9.41 26.58 -20.39
C ASP C 299 8.54 25.33 -20.36
N LEU C 300 9.15 24.19 -20.01
CA LEU C 300 8.43 22.93 -20.01
C LEU C 300 7.42 22.87 -18.87
N LYS C 301 7.71 23.57 -17.76
CA LYS C 301 6.76 23.64 -16.66
C LYS C 301 5.41 24.15 -17.17
N ALA C 302 5.44 25.24 -17.94
CA ALA C 302 4.26 25.85 -18.51
C ALA C 302 3.60 24.89 -19.49
N THR C 303 4.39 24.37 -20.43
CA THR C 303 3.85 23.44 -21.41
C THR C 303 3.14 22.28 -20.73
N TYR C 304 3.80 21.67 -19.76
CA TYR C 304 3.26 20.48 -19.13
C TYR C 304 1.93 20.82 -18.44
N ALA C 305 1.92 21.94 -17.69
CA ALA C 305 0.74 22.38 -16.95
C ALA C 305 -0.45 22.59 -17.89
N ASN C 306 -0.20 23.13 -19.09
CA ASN C 306 -1.21 23.40 -20.10
C ASN C 306 -1.80 22.10 -20.64
N ALA C 307 -0.97 21.04 -20.69
CA ALA C 307 -1.44 19.67 -20.92
C ALA C 307 -2.13 19.52 -22.27
N ASN C 308 -1.68 20.21 -23.31
CA ASN C 308 -2.28 20.06 -24.63
C ASN C 308 -1.92 18.70 -25.20
N GLY C 309 -2.90 18.06 -25.85
CA GLY C 309 -2.67 16.79 -26.54
C GLY C 309 -1.84 15.82 -25.71
N ASN C 310 -0.76 15.32 -26.31
CA ASN C 310 0.02 14.23 -25.72
C ASN C 310 1.34 14.76 -25.14
N ASP C 311 1.38 16.05 -24.85
CA ASP C 311 2.57 16.74 -24.40
C ASP C 311 3.08 16.18 -23.07
N GLN C 312 2.18 15.85 -22.13
CA GLN C 312 2.60 15.38 -20.83
C GLN C 312 3.36 14.06 -20.98
N SER C 313 2.79 13.13 -21.76
CA SER C 313 3.42 11.84 -22.01
C SER C 313 4.74 11.96 -22.75
N PHE C 314 4.76 12.86 -23.73
CA PHE C 314 5.97 13.15 -24.50
C PHE C 314 7.10 13.60 -23.57
N LEU C 315 6.81 14.56 -22.70
CA LEU C 315 7.80 15.12 -21.81
C LEU C 315 8.23 14.10 -20.75
N GLN C 316 7.31 13.26 -20.29
CA GLN C 316 7.67 12.14 -19.42
C GLN C 316 8.62 11.19 -20.16
N ASP C 317 8.31 10.87 -21.41
CA ASP C 317 9.13 9.97 -22.20
C ASP C 317 10.50 10.59 -22.49
N LEU C 318 10.56 11.92 -22.64
CA LEU C 318 11.81 12.60 -22.92
C LEU C 318 12.70 12.54 -21.69
N ALA C 319 12.11 12.73 -20.49
CA ALA C 319 12.85 12.60 -19.24
C ALA C 319 13.42 11.19 -19.11
N MET C 320 12.60 10.19 -19.41
CA MET C 320 13.03 8.79 -19.34
C MET C 320 14.17 8.54 -20.33
N PHE C 321 14.06 9.10 -21.54
CA PHE C 321 15.11 8.89 -22.52
C PHE C 321 16.42 9.55 -22.09
N LEU C 322 16.36 10.83 -21.73
CA LEU C 322 17.57 11.54 -21.36
C LEU C 322 18.24 10.88 -20.16
N THR C 323 17.48 10.54 -19.12
CA THR C 323 18.06 10.02 -17.90
C THR C 323 18.66 8.63 -18.17
N THR C 324 17.95 7.79 -18.93
CA THR C 324 18.43 6.47 -19.29
C THR C 324 19.75 6.59 -20.08
N TYR C 325 19.76 7.46 -21.10
CA TYR C 325 20.91 7.51 -21.97
C TYR C 325 22.11 8.05 -21.22
N LEU C 326 21.92 9.15 -20.49
CA LEU C 326 23.00 9.86 -19.85
C LEU C 326 23.58 9.04 -18.71
N ALA C 327 22.72 8.31 -17.99
CA ALA C 327 23.20 7.46 -16.92
C ALA C 327 24.15 6.42 -17.50
N ARG C 328 23.94 5.98 -18.74
CA ARG C 328 24.82 5.01 -19.35
C ARG C 328 25.99 5.65 -20.12
N ASN C 329 25.78 6.79 -20.79
CA ASN C 329 26.67 7.20 -21.87
C ASN C 329 27.31 8.56 -21.66
N ARG C 330 27.09 9.22 -20.52
CA ARG C 330 27.53 10.59 -20.45
C ARG C 330 29.05 10.68 -20.44
N ALA C 331 29.77 9.64 -19.99
CA ALA C 331 31.23 9.64 -20.08
C ALA C 331 31.66 9.69 -21.55
N LEU C 332 30.88 9.11 -22.48
CA LEU C 332 31.18 9.25 -23.91
C LEU C 332 31.18 10.73 -24.31
N LEU C 333 30.23 11.50 -23.77
CA LEU C 333 30.04 12.87 -24.25
C LEU C 333 31.02 13.82 -23.56
N GLU C 334 31.60 13.34 -22.45
CA GLU C 334 32.49 14.16 -21.64
C GLU C 334 33.90 14.20 -22.24
N SER C 335 34.30 13.16 -22.97
CA SER C 335 35.69 13.00 -23.39
C SER C 335 36.08 14.02 -24.48
N ASP C 336 35.24 14.18 -25.50
CA ASP C 336 35.53 15.07 -26.63
C ASP C 336 34.84 16.42 -26.41
N GLU C 337 35.53 17.52 -26.73
CA GLU C 337 35.01 18.85 -26.46
C GLU C 337 34.07 19.35 -27.56
N SER C 338 34.04 18.65 -28.69
CA SER C 338 33.04 18.90 -29.72
C SER C 338 31.68 18.33 -29.33
N LEU C 339 31.61 17.56 -28.23
CA LEU C 339 30.34 16.99 -27.75
C LEU C 339 29.84 17.72 -26.52
N ARG C 340 30.57 18.76 -26.12
CA ARG C 340 30.28 19.48 -24.89
C ARG C 340 28.91 20.14 -24.97
N GLU C 341 28.60 20.78 -26.11
CA GLU C 341 27.32 21.45 -26.28
C GLU C 341 26.16 20.45 -26.18
N LEU C 342 26.26 19.31 -26.86
CA LEU C 342 25.26 18.26 -26.81
C LEU C 342 25.05 17.77 -25.37
N LEU C 343 26.14 17.55 -24.64
CA LEU C 343 26.10 17.10 -23.27
C LEU C 343 25.36 18.13 -22.42
N LEU C 344 25.72 19.40 -22.56
CA LEU C 344 25.13 20.39 -21.70
C LEU C 344 23.68 20.69 -22.09
N ASN C 345 23.35 20.61 -23.38
CA ASN C 345 21.99 20.85 -23.84
C ASN C 345 21.06 19.76 -23.34
N ALA C 346 21.50 18.51 -23.39
CA ALA C 346 20.76 17.39 -22.82
C ALA C 346 20.46 17.61 -21.33
N HIS C 347 21.48 18.00 -20.57
CA HIS C 347 21.31 18.30 -19.17
C HIS C 347 20.42 19.52 -18.94
N GLN C 348 20.50 20.53 -19.84
CA GLN C 348 19.65 21.71 -19.71
C GLN C 348 18.18 21.32 -19.96
N TYR C 349 17.93 20.44 -20.93
CA TYR C 349 16.59 19.90 -21.09
C TYR C 349 16.14 19.26 -19.77
N LEU C 350 17.06 18.54 -19.08
CA LEU C 350 16.67 17.86 -17.85
C LEU C 350 16.36 18.87 -16.75
N ILE C 351 17.16 19.92 -16.64
CA ILE C 351 16.85 21.01 -15.73
C ILE C 351 15.43 21.52 -16.00
N GLN C 352 15.08 21.76 -17.27
CA GLN C 352 13.77 22.30 -17.59
C GLN C 352 12.67 21.32 -17.19
N LEU C 353 12.90 20.04 -17.42
CA LEU C 353 11.98 18.96 -17.05
C LEU C 353 11.77 18.87 -15.54
N SER C 354 12.81 19.19 -14.77
CA SER C 354 12.80 19.08 -13.33
C SER C 354 11.99 20.20 -12.72
N LYS C 355 11.67 21.23 -13.50
CA LYS C 355 10.87 22.33 -12.99
C LYS C 355 9.39 22.03 -13.16
N ILE C 356 9.06 20.94 -13.87
CA ILE C 356 7.68 20.58 -14.08
C ILE C 356 7.06 20.23 -12.71
N GLU C 357 5.85 20.73 -12.48
CA GLU C 357 5.10 20.47 -11.27
C GLU C 357 4.32 19.17 -11.47
N GLU C 358 5.00 18.06 -11.22
CA GLU C 358 4.50 16.71 -11.37
C GLU C 358 5.40 15.79 -10.54
N ARG C 359 4.92 15.39 -9.38
CA ARG C 359 5.72 14.72 -8.36
C ARG C 359 6.47 13.52 -8.92
N GLU C 360 5.80 12.68 -9.71
CA GLU C 360 6.40 11.41 -10.13
C GLU C 360 7.45 11.66 -11.21
N LEU C 361 7.23 12.69 -12.03
CA LEU C 361 8.22 13.07 -13.04
C LEU C 361 9.46 13.58 -12.34
N PHE C 362 9.27 14.48 -11.37
CA PHE C 362 10.35 15.04 -10.56
C PHE C 362 11.21 13.94 -9.92
N LYS C 363 10.58 12.90 -9.37
CA LYS C 363 11.32 11.81 -8.78
C LYS C 363 12.18 11.09 -9.81
N THR C 364 11.68 11.00 -11.04
CA THR C 364 12.42 10.36 -12.13
C THR C 364 13.69 11.13 -12.44
N THR C 365 13.56 12.47 -12.58
CA THR C 365 14.71 13.31 -12.84
C THR C 365 15.65 13.32 -11.63
N LEU C 366 15.10 13.31 -10.41
CA LEU C 366 15.88 13.34 -9.18
C LEU C 366 16.75 12.10 -9.03
N ASP C 367 16.23 10.92 -9.40
CA ASP C 367 17.06 9.72 -9.42
C ASP C 367 18.28 9.96 -10.31
N TYR C 368 18.08 10.57 -11.49
CA TYR C 368 19.20 10.86 -12.37
C TYR C 368 20.17 11.86 -11.73
N TRP C 369 19.65 12.98 -11.18
CA TRP C 369 20.52 13.98 -10.58
C TRP C 369 21.37 13.37 -9.47
N HIS C 370 20.79 12.46 -8.70
CA HIS C 370 21.51 11.79 -7.64
C HIS C 370 22.71 11.03 -8.21
N ASN C 371 22.48 10.27 -9.28
CA ASN C 371 23.53 9.60 -10.05
C ASN C 371 24.61 10.60 -10.47
N LEU C 372 24.19 11.74 -11.05
CA LEU C 372 25.18 12.67 -11.57
C LEU C 372 26.02 13.24 -10.44
N VAL C 373 25.40 13.80 -9.39
CA VAL C 373 26.16 14.58 -8.44
C VAL C 373 27.00 13.67 -7.54
N ALA C 374 26.51 12.46 -7.25
CA ALA C 374 27.31 11.41 -6.61
C ALA C 374 28.61 11.20 -7.37
N ASP C 375 28.49 11.05 -8.69
CA ASP C 375 29.64 10.85 -9.58
C ASP C 375 30.59 12.04 -9.61
N LEU C 376 30.06 13.27 -9.67
CA LEU C 376 30.91 14.47 -9.63
C LEU C 376 31.61 14.64 -8.28
N PHE C 377 31.03 14.09 -7.23
CA PHE C 377 31.63 14.14 -5.91
C PHE C 377 32.90 13.27 -5.86
N TYR C 378 32.96 12.22 -6.67
CA TYR C 378 34.10 11.27 -6.59
C TYR C 378 34.94 11.26 -7.89
N GLU C 379 34.31 11.39 -9.05
CA GLU C 379 35.05 11.26 -10.34
C GLU C 379 36.01 12.44 -10.55
N PRO C 380 37.30 12.18 -10.81
CA PRO C 380 38.29 13.24 -10.99
C PRO C 380 38.09 14.06 -12.28
N LEU C 381 38.23 15.38 -12.19
CA LEU C 381 38.17 16.25 -13.40
C LEU C 381 36.82 16.17 -14.09
N LYS C 382 35.72 16.21 -13.35
CA LYS C 382 34.41 16.24 -14.01
C LYS C 382 33.58 17.46 -13.59
N LYS C 383 33.58 17.81 -12.29
CA LYS C 383 32.58 18.73 -11.75
C LYS C 383 32.55 20.05 -12.53
N HIS C 384 33.71 20.54 -13.01
CA HIS C 384 33.80 21.83 -13.68
C HIS C 384 32.94 21.91 -14.97
N ILE C 385 32.73 20.77 -15.62
CA ILE C 385 31.88 20.65 -16.80
C ILE C 385 30.45 21.10 -16.47
N TYR C 386 29.99 20.79 -15.24
CA TYR C 386 28.58 20.84 -14.90
C TYR C 386 28.25 22.02 -14.00
N GLU C 387 29.16 22.99 -13.84
CA GLU C 387 29.00 24.01 -12.81
C GLU C 387 27.67 24.77 -12.95
N GLU C 388 27.30 25.09 -14.18
CA GLU C 388 26.10 25.88 -14.44
C GLU C 388 24.86 24.99 -14.33
N ILE C 389 24.96 23.73 -14.76
CA ILE C 389 23.90 22.76 -14.49
C ILE C 389 23.66 22.66 -13.00
N CYS C 390 24.74 22.51 -12.22
CA CYS C 390 24.63 22.26 -10.80
C CYS C 390 24.07 23.48 -10.07
N SER C 391 24.45 24.67 -10.52
CA SER C 391 23.97 25.89 -9.90
C SER C 391 22.45 25.96 -10.05
N GLN C 392 21.96 25.66 -11.25
CA GLN C 392 20.52 25.67 -11.50
C GLN C 392 19.84 24.59 -10.66
N LEU C 393 20.49 23.42 -10.59
CA LEU C 393 19.91 22.32 -9.85
C LEU C 393 19.75 22.68 -8.38
N ARG C 394 20.72 23.38 -7.80
CA ARG C 394 20.62 23.80 -6.37
C ARG C 394 19.30 24.55 -6.15
N LEU C 395 18.93 25.47 -7.05
CA LEU C 395 17.71 26.24 -6.91
C LEU C 395 16.51 25.31 -7.04
N VAL C 396 16.52 24.44 -8.04
CA VAL C 396 15.41 23.55 -8.27
C VAL C 396 15.17 22.67 -7.03
N ILE C 397 16.23 22.13 -6.42
CA ILE C 397 16.04 21.23 -5.28
C ILE C 397 15.52 22.04 -4.07
N ILE C 398 16.13 23.21 -3.82
CA ILE C 398 15.78 24.01 -2.67
C ILE C 398 14.30 24.40 -2.75
N GLU C 399 13.84 24.79 -3.95
CA GLU C 399 12.46 25.20 -4.16
C GLU C 399 11.51 24.01 -4.12
N ASN C 400 12.03 22.78 -4.22
CA ASN C 400 11.17 21.62 -4.21
C ASN C 400 11.35 20.75 -2.97
N MET C 401 12.04 21.26 -1.93
CA MET C 401 12.27 20.45 -0.75
C MET C 401 10.92 20.13 -0.11
N VAL C 402 10.78 18.86 0.27
CA VAL C 402 9.60 18.38 0.97
C VAL C 402 9.96 18.18 2.44
N ARG C 403 8.92 18.00 3.26
CA ARG C 403 9.05 17.80 4.70
C ARG C 403 9.71 16.45 4.93
N PRO C 404 10.51 16.30 6.02
CA PRO C 404 11.18 15.03 6.31
C PRO C 404 10.18 13.88 6.49
N GLU C 405 8.90 14.20 6.71
CA GLU C 405 7.86 13.15 6.82
C GLU C 405 7.80 12.36 5.51
N GLU C 406 7.94 13.02 4.37
CA GLU C 406 8.04 12.28 3.08
C GLU C 406 9.42 11.63 3.11
N ILE C 407 9.56 10.52 3.83
CA ILE C 407 10.89 9.89 4.08
C ILE C 407 11.74 9.66 2.83
N GLN C 408 11.22 8.99 1.80
CA GLN C 408 12.09 8.60 0.71
C GLN C 408 12.45 9.82 -0.16
N LEU C 409 11.46 10.67 -0.47
CA LEU C 409 11.69 11.82 -1.31
C LEU C 409 12.60 12.81 -0.58
N TYR C 410 12.35 13.06 0.71
CA TYR C 410 13.17 13.95 1.51
C TYR C 410 14.62 13.45 1.52
N LYS C 411 14.80 12.15 1.74
CA LYS C 411 16.10 11.53 1.72
C LYS C 411 16.81 11.73 0.39
N SER C 412 16.12 11.48 -0.73
CA SER C 412 16.70 11.64 -2.05
C SER C 412 17.13 13.10 -2.25
N GLU C 413 16.22 14.04 -1.96
CA GLU C 413 16.50 15.44 -2.13
C GLU C 413 17.68 15.88 -1.25
N ARG C 414 17.68 15.44 0.01
CA ARG C 414 18.76 15.84 0.95
C ARG C 414 20.11 15.36 0.38
N GLU C 415 20.19 14.08 0.02
CA GLU C 415 21.41 13.53 -0.52
C GLU C 415 21.92 14.34 -1.71
N VAL C 416 21.03 14.67 -2.64
CA VAL C 416 21.42 15.46 -3.80
C VAL C 416 21.96 16.81 -3.33
N LEU C 417 21.25 17.43 -2.39
CA LEU C 417 21.59 18.77 -1.96
C LEU C 417 22.90 18.76 -1.16
N VAL C 418 23.15 17.68 -0.40
CA VAL C 418 24.42 17.52 0.32
C VAL C 418 25.58 17.45 -0.66
N TYR C 419 25.49 16.60 -1.68
CA TYR C 419 26.50 16.53 -2.72
C TYR C 419 26.71 17.88 -3.40
N LEU C 420 25.62 18.56 -3.75
CA LEU C 420 25.71 19.86 -4.40
C LEU C 420 26.37 20.88 -3.49
N THR C 421 26.07 20.81 -2.20
CA THR C 421 26.64 21.74 -1.25
C THR C 421 28.15 21.55 -1.17
N HIS C 422 28.60 20.28 -1.12
CA HIS C 422 30.01 19.97 -1.13
C HIS C 422 30.67 20.49 -2.41
N LEU C 423 30.00 20.36 -3.57
CA LEU C 423 30.59 20.77 -4.83
C LEU C 423 30.76 22.29 -4.91
N ASN C 424 29.90 23.06 -4.21
CA ASN C 424 30.05 24.50 -4.16
C ASN C 424 29.25 25.06 -3.00
N VAL C 425 29.90 25.17 -1.83
CA VAL C 425 29.22 25.60 -0.61
C VAL C 425 28.78 27.06 -0.71
N ILE C 426 29.62 27.92 -1.29
CA ILE C 426 29.28 29.33 -1.41
C ILE C 426 27.99 29.48 -2.21
N ASP C 427 27.86 28.75 -3.32
CA ASP C 427 26.70 28.90 -4.20
C ASP C 427 25.46 28.49 -3.41
N THR C 428 25.55 27.37 -2.68
CA THR C 428 24.41 26.88 -1.93
C THR C 428 24.00 27.88 -0.87
N GLU C 429 24.98 28.36 -0.12
CA GLU C 429 24.79 29.32 0.94
C GLU C 429 24.15 30.61 0.40
N GLU C 430 24.68 31.13 -0.71
CA GLU C 430 24.15 32.36 -1.31
C GLU C 430 22.70 32.18 -1.70
N ILE C 431 22.37 31.02 -2.30
CA ILE C 431 21.02 30.77 -2.75
C ILE C 431 20.06 30.79 -1.56
N MET C 432 20.51 30.24 -0.43
CA MET C 432 19.63 30.07 0.71
C MET C 432 19.43 31.40 1.43
N ILE C 433 20.51 32.16 1.58
CA ILE C 433 20.45 33.48 2.17
C ILE C 433 19.60 34.41 1.30
N SER C 434 19.71 34.31 -0.03
CA SER C 434 18.92 35.21 -0.86
C SER C 434 17.44 34.80 -0.85
N LYS C 435 17.14 33.50 -0.77
CA LYS C 435 15.75 33.08 -0.68
C LYS C 435 15.16 33.55 0.65
N LEU C 436 16.00 33.62 1.69
CA LEU C 436 15.57 34.02 3.01
C LEU C 436 15.24 35.52 2.99
N ALA C 437 16.00 36.29 2.20
CA ALA C 437 15.77 37.73 2.07
C ALA C 437 14.45 38.02 1.35
N ARG C 438 14.06 37.14 0.42
CA ARG C 438 12.81 37.31 -0.32
C ARG C 438 11.59 36.96 0.56
N GLN C 439 11.80 36.17 1.62
CA GLN C 439 10.78 35.93 2.63
C GLN C 439 10.64 37.17 3.51
N ILE C 440 11.80 37.74 3.87
CA ILE C 440 11.86 38.91 4.74
C ILE C 440 11.28 40.15 4.05
N ASP C 441 11.49 40.29 2.74
CA ASP C 441 11.01 41.45 2.01
C ASP C 441 9.58 41.20 1.50
N GLY C 442 9.06 39.98 1.65
CA GLY C 442 7.66 39.72 1.41
C GLY C 442 7.35 39.30 -0.03
N SER C 443 8.33 39.39 -0.93
CA SER C 443 8.11 39.11 -2.34
C SER C 443 7.76 37.63 -2.54
N GLU C 444 8.31 36.74 -1.69
CA GLU C 444 8.12 35.31 -1.82
C GLU C 444 7.50 34.71 -0.57
N TRP C 445 7.08 35.58 0.38
CA TRP C 445 6.55 35.12 1.66
C TRP C 445 5.29 34.28 1.47
N SER C 446 5.33 33.09 2.07
CA SER C 446 4.15 32.27 2.36
C SER C 446 4.58 31.18 3.34
N TRP C 447 3.60 30.57 4.00
CA TRP C 447 3.87 29.51 4.94
C TRP C 447 4.56 28.36 4.22
N HIS C 448 4.03 27.99 3.05
CA HIS C 448 4.64 26.95 2.25
C HIS C 448 6.10 27.28 1.94
N ASN C 449 6.36 28.54 1.56
CA ASN C 449 7.67 28.96 1.07
C ASN C 449 8.68 29.03 2.20
N ILE C 450 8.27 29.50 3.38
CA ILE C 450 9.20 29.58 4.50
C ILE C 450 9.47 28.17 5.02
N ASN C 451 8.45 27.31 5.01
CA ASN C 451 8.57 25.93 5.47
C ASN C 451 9.54 25.19 4.55
N THR C 452 9.33 25.28 3.23
CA THR C 452 10.17 24.53 2.29
C THR C 452 11.63 24.97 2.45
N LEU C 453 11.85 26.28 2.55
CA LEU C 453 13.19 26.82 2.72
C LEU C 453 13.85 26.31 4.01
N SER C 454 13.09 26.26 5.10
CA SER C 454 13.59 25.78 6.39
C SER C 454 14.00 24.31 6.28
N TRP C 455 13.16 23.50 5.61
CA TRP C 455 13.47 22.09 5.36
C TRP C 455 14.79 21.96 4.59
N ALA C 456 14.99 22.82 3.58
CA ALA C 456 16.22 22.78 2.77
C ALA C 456 17.44 23.15 3.62
N ILE C 457 17.31 24.22 4.42
CA ILE C 457 18.41 24.70 5.24
C ILE C 457 18.80 23.62 6.25
N GLY C 458 17.79 22.93 6.80
CA GLY C 458 18.04 21.87 7.75
C GLY C 458 18.76 20.69 7.10
N SER C 459 18.45 20.43 5.82
CA SER C 459 18.89 19.22 5.16
C SER C 459 20.41 19.16 4.95
N ILE C 460 21.09 20.32 4.89
CA ILE C 460 22.51 20.36 4.59
C ILE C 460 23.38 20.47 5.85
N SER C 461 22.77 20.30 7.02
CA SER C 461 23.51 20.22 8.27
C SER C 461 24.63 19.19 8.17
N GLY C 462 25.86 19.60 8.52
CA GLY C 462 26.98 18.67 8.62
C GLY C 462 27.84 18.65 7.37
N THR C 463 27.51 19.48 6.37
CA THR C 463 28.22 19.48 5.11
C THR C 463 29.25 20.58 5.10
N MET C 464 29.01 21.66 5.85
CA MET C 464 29.93 22.80 5.86
C MET C 464 31.00 22.52 6.91
N SER C 465 32.12 23.22 6.81
CA SER C 465 33.09 23.24 7.90
C SER C 465 32.39 23.82 9.14
N GLU C 466 32.89 23.48 10.33
CA GLU C 466 32.30 23.96 11.56
C GLU C 466 32.25 25.50 11.56
N ASP C 467 33.31 26.15 11.09
CA ASP C 467 33.37 27.63 11.07
C ASP C 467 32.36 28.20 10.08
N THR C 468 32.36 27.70 8.83
CA THR C 468 31.40 28.17 7.85
C THR C 468 29.96 27.95 8.35
N GLU C 469 29.71 26.77 8.92
CA GLU C 469 28.39 26.46 9.45
C GLU C 469 28.00 27.45 10.54
N LYS C 470 28.96 27.78 11.42
CA LYS C 470 28.73 28.69 12.52
C LYS C 470 28.21 30.02 12.00
N ARG C 471 28.90 30.59 11.00
CA ARG C 471 28.50 31.88 10.44
C ARG C 471 27.15 31.76 9.73
N PHE C 472 26.94 30.64 9.04
CA PHE C 472 25.70 30.41 8.29
C PHE C 472 24.51 30.31 9.24
N VAL C 473 24.65 29.55 10.34
CA VAL C 473 23.56 29.32 11.27
C VAL C 473 23.19 30.63 11.96
N VAL C 474 24.20 31.38 12.42
CA VAL C 474 23.94 32.65 13.09
C VAL C 474 23.15 33.56 12.14
N THR C 475 23.58 33.60 10.87
CA THR C 475 22.92 34.41 9.86
C THR C 475 21.46 33.98 9.69
N VAL C 476 21.24 32.68 9.51
CA VAL C 476 19.89 32.15 9.33
C VAL C 476 19.01 32.47 10.54
N ILE C 477 19.51 32.17 11.76
CA ILE C 477 18.73 32.33 12.97
C ILE C 477 18.36 33.80 13.18
N LYS C 478 19.35 34.71 13.07
CA LYS C 478 19.10 36.14 13.11
C LYS C 478 18.00 36.52 12.11
N ASP C 479 18.08 36.01 10.90
CA ASP C 479 17.13 36.40 9.86
C ASP C 479 15.72 35.88 10.19
N LEU C 480 15.61 34.63 10.65
CA LEU C 480 14.32 34.04 10.96
C LEU C 480 13.69 34.73 12.18
N LEU C 481 14.52 35.03 13.20
CA LEU C 481 14.10 35.78 14.37
C LEU C 481 13.51 37.13 13.99
N GLY C 482 14.21 37.85 13.10
CA GLY C 482 13.71 39.10 12.54
C GLY C 482 12.38 38.89 11.82
N LEU C 483 12.28 37.83 11.00
CA LEU C 483 11.03 37.54 10.30
C LEU C 483 9.91 37.33 11.32
N CYS C 484 10.21 36.59 12.40
CA CYS C 484 9.22 36.26 13.43
C CYS C 484 8.71 37.55 14.09
N GLU C 485 9.60 38.55 14.25
CA GLU C 485 9.23 39.87 14.79
C GLU C 485 8.29 40.60 13.84
N GLN C 486 8.69 40.68 12.57
CA GLN C 486 7.95 41.38 11.53
C GLN C 486 6.48 40.97 11.50
N LYS C 487 6.24 39.67 11.62
CA LYS C 487 4.95 39.10 11.29
C LYS C 487 3.94 39.45 12.37
N ARG C 488 2.69 39.71 11.93
CA ARG C 488 1.62 40.08 12.83
C ARG C 488 0.69 38.88 13.00
N GLY C 489 0.20 38.69 14.22
CA GLY C 489 -0.74 37.62 14.51
C GLY C 489 0.03 36.32 14.71
N LYS C 490 -0.45 35.47 15.63
CA LYS C 490 0.34 34.32 16.02
C LYS C 490 0.22 33.18 15.01
N ASP C 491 -0.73 33.23 14.07
CA ASP C 491 -0.71 32.30 12.93
C ASP C 491 0.66 32.37 12.26
N ASN C 492 1.03 33.57 11.83
CA ASN C 492 2.28 33.83 11.12
C ASN C 492 3.49 33.58 12.01
N LYS C 493 3.45 34.13 13.22
CA LYS C 493 4.56 34.00 14.16
C LYS C 493 4.78 32.54 14.54
N ALA C 494 3.70 31.74 14.55
CA ALA C 494 3.83 30.36 14.96
C ALA C 494 4.50 29.56 13.84
N VAL C 495 4.17 29.88 12.59
CA VAL C 495 4.80 29.23 11.45
C VAL C 495 6.31 29.47 11.51
N VAL C 496 6.72 30.71 11.72
CA VAL C 496 8.14 31.04 11.70
C VAL C 496 8.83 30.42 12.91
N ALA C 497 8.19 30.49 14.08
CA ALA C 497 8.76 29.93 15.30
C ALA C 497 9.00 28.42 15.16
N ARG C 498 8.05 27.70 14.54
CA ARG C 498 8.19 26.27 14.29
C ARG C 498 9.38 26.00 13.35
N ASP C 499 9.58 26.88 12.37
CA ASP C 499 10.68 26.74 11.43
C ASP C 499 12.00 27.02 12.13
N ILE C 500 12.01 27.99 13.05
CA ILE C 500 13.20 28.27 13.84
C ILE C 500 13.55 27.03 14.65
N MET C 501 12.53 26.49 15.35
CA MET C 501 12.65 25.27 16.12
C MET C 501 13.18 24.14 15.24
N TYR C 502 12.58 23.98 14.04
CA TYR C 502 13.03 22.96 13.11
C TYR C 502 14.52 23.10 12.79
N VAL C 503 14.93 24.31 12.40
CA VAL C 503 16.30 24.52 11.94
C VAL C 503 17.31 24.24 13.07
N VAL C 504 17.03 24.77 14.26
CA VAL C 504 17.93 24.64 15.38
C VAL C 504 18.12 23.16 15.71
N GLY C 505 17.03 22.39 15.68
CA GLY C 505 17.08 20.97 15.97
C GLY C 505 17.86 20.16 14.92
N GLU C 506 18.09 20.74 13.74
CA GLU C 506 18.84 20.02 12.72
C GLU C 506 20.32 20.37 12.78
N TYR C 507 20.74 21.25 13.71
CA TYR C 507 22.13 21.69 13.76
C TYR C 507 22.77 21.41 15.11
N PRO C 508 22.88 20.12 15.53
CA PRO C 508 23.37 19.80 16.88
C PRO C 508 24.84 20.16 17.07
N ARG C 509 25.63 20.12 16.00
CA ARG C 509 27.03 20.50 16.14
C ARG C 509 27.15 21.94 16.64
N PHE C 510 26.34 22.85 16.08
CA PHE C 510 26.29 24.22 16.54
C PHE C 510 25.81 24.31 18.00
N LEU C 511 24.77 23.53 18.37
CA LEU C 511 24.24 23.54 19.74
C LEU C 511 25.29 23.07 20.75
N LYS C 512 26.05 22.03 20.40
CA LYS C 512 27.06 21.46 21.27
C LYS C 512 28.25 22.39 21.49
N ALA C 513 28.51 23.29 20.53
CA ALA C 513 29.62 24.23 20.67
C ALA C 513 29.16 25.50 21.40
N HIS C 514 27.85 25.72 21.60
CA HIS C 514 27.35 26.99 22.11
C HIS C 514 26.33 26.76 23.24
N TRP C 515 26.84 26.46 24.44
CA TRP C 515 26.01 26.07 25.57
C TRP C 515 24.96 27.12 25.90
N ASN C 516 25.37 28.39 25.95
CA ASN C 516 24.44 29.46 26.26
C ASN C 516 23.26 29.44 25.30
N PHE C 517 23.57 29.33 24.01
CA PHE C 517 22.56 29.25 22.97
C PHE C 517 21.67 28.03 23.20
N LEU C 518 22.26 26.86 23.47
CA LEU C 518 21.48 25.65 23.66
C LEU C 518 20.53 25.80 24.85
N ARG C 519 21.06 26.30 25.98
CA ARG C 519 20.25 26.54 27.18
C ARG C 519 19.08 27.46 26.83
N THR C 520 19.37 28.55 26.12
CA THR C 520 18.36 29.53 25.75
C THR C 520 17.27 28.88 24.91
N VAL C 521 17.69 28.03 23.95
CA VAL C 521 16.75 27.35 23.08
C VAL C 521 15.81 26.48 23.92
N ILE C 522 16.40 25.66 24.80
CA ILE C 522 15.60 24.79 25.67
C ILE C 522 14.63 25.61 26.50
N LEU C 523 15.10 26.72 27.09
CA LEU C 523 14.22 27.54 27.93
C LEU C 523 13.08 28.11 27.10
N LYS C 524 13.36 28.41 25.82
CA LYS C 524 12.34 28.95 24.94
C LYS C 524 11.31 27.87 24.61
N LEU C 525 11.77 26.63 24.39
CA LEU C 525 10.85 25.53 24.13
C LEU C 525 9.94 25.34 25.34
N PHE C 526 10.51 25.45 26.55
CA PHE C 526 9.72 25.37 27.78
C PHE C 526 8.64 26.45 27.80
N GLU C 527 8.96 27.69 27.39
CA GLU C 527 7.94 28.74 27.31
C GLU C 527 6.85 28.37 26.32
N PHE C 528 7.26 27.79 25.17
CA PHE C 528 6.31 27.37 24.15
C PHE C 528 5.42 26.22 24.63
N MET C 529 5.85 25.46 25.64
CA MET C 529 5.03 24.37 26.16
C MET C 529 3.81 24.92 26.92
N HIS C 530 3.74 26.25 27.06
CA HIS C 530 2.58 26.93 27.62
C HIS C 530 1.68 27.53 26.53
N GLU C 531 2.18 27.59 25.28
CA GLU C 531 1.45 28.18 24.17
C GLU C 531 0.43 27.18 23.62
N THR C 532 -0.86 27.53 23.76
CA THR C 532 -1.95 26.64 23.40
C THR C 532 -2.30 26.80 21.91
N HIS C 533 -1.70 27.77 21.22
CA HIS C 533 -1.90 27.89 19.77
C HIS C 533 -1.52 26.57 19.11
N GLU C 534 -2.34 26.16 18.14
CA GLU C 534 -2.32 24.83 17.58
C GLU C 534 -0.93 24.50 17.06
N GLY C 535 -0.43 23.33 17.47
CA GLY C 535 0.79 22.75 16.90
C GLY C 535 2.05 23.21 17.63
N VAL C 536 1.94 24.26 18.46
CA VAL C 536 3.12 24.88 19.03
C VAL C 536 3.70 24.00 20.14
N GLN C 537 2.82 23.42 20.98
CA GLN C 537 3.25 22.60 22.11
C GLN C 537 3.84 21.29 21.59
N ASP C 538 3.19 20.72 20.56
CA ASP C 538 3.69 19.53 19.87
C ASP C 538 5.09 19.79 19.29
N MET C 539 5.29 20.92 18.61
CA MET C 539 6.58 21.15 17.98
C MET C 539 7.64 21.39 19.04
N ALA C 540 7.28 22.10 20.12
CA ALA C 540 8.18 22.34 21.24
C ALA C 540 8.62 21.03 21.88
N CYS C 541 7.68 20.11 22.14
CA CYS C 541 8.02 18.82 22.74
C CYS C 541 8.83 17.95 21.77
N ASP C 542 8.45 17.93 20.50
CA ASP C 542 9.19 17.18 19.49
C ASP C 542 10.60 17.73 19.29
N THR C 543 10.73 19.07 19.32
CA THR C 543 12.05 19.66 19.18
C THR C 543 12.88 19.35 20.43
N PHE C 544 12.23 19.35 21.59
CA PHE C 544 12.96 19.09 22.83
C PHE C 544 13.60 17.71 22.78
N ILE C 545 12.81 16.68 22.44
CA ILE C 545 13.33 15.32 22.46
C ILE C 545 14.38 15.14 21.36
N LYS C 546 14.15 15.75 20.20
CA LYS C 546 15.12 15.68 19.11
C LYS C 546 16.46 16.27 19.54
N ILE C 547 16.45 17.44 20.19
CA ILE C 547 17.70 18.06 20.61
C ILE C 547 18.38 17.20 21.66
N VAL C 548 17.58 16.67 22.59
CA VAL C 548 18.08 15.78 23.63
C VAL C 548 18.72 14.54 23.01
N GLN C 549 18.06 13.90 22.06
CA GLN C 549 18.59 12.69 21.43
C GLN C 549 20.00 12.96 20.88
N LYS C 550 20.20 14.16 20.35
CA LYS C 550 21.46 14.51 19.70
C LYS C 550 22.47 15.15 20.65
N CYS C 551 22.03 15.88 21.69
CA CYS C 551 22.95 16.64 22.52
C CYS C 551 22.92 16.22 23.99
N LYS C 552 22.36 15.03 24.29
CA LYS C 552 22.10 14.57 25.66
C LYS C 552 23.29 14.78 26.61
N TYR C 553 24.52 14.51 26.16
CA TYR C 553 25.71 14.64 27.00
C TYR C 553 25.81 16.03 27.63
N HIS C 554 25.38 17.07 26.88
CA HIS C 554 25.49 18.44 27.33
C HIS C 554 24.50 18.77 28.46
N PHE C 555 23.54 17.88 28.71
CA PHE C 555 22.55 18.06 29.75
C PHE C 555 22.96 17.32 31.01
N VAL C 556 23.90 16.38 30.91
CA VAL C 556 24.25 15.49 32.01
C VAL C 556 25.55 15.95 32.67
N ILE C 557 26.43 16.65 31.93
CA ILE C 557 27.61 17.28 32.50
C ILE C 557 27.21 18.62 33.09
N GLN C 558 28.02 19.07 34.06
CA GLN C 558 27.93 20.42 34.57
C GLN C 558 28.70 21.33 33.61
N GLN C 559 27.98 22.28 33.01
CA GLN C 559 28.57 23.14 32.02
C GLN C 559 29.36 24.22 32.76
N PRO C 560 30.46 24.75 32.17
CA PRO C 560 31.13 25.93 32.73
C PRO C 560 30.13 27.02 33.10
N ARG C 561 30.28 27.53 34.34
CA ARG C 561 29.52 28.68 34.84
C ARG C 561 28.06 28.30 35.12
N GLU C 562 27.77 26.99 35.24
CA GLU C 562 26.50 26.49 35.75
C GLU C 562 26.76 25.85 37.10
N SER C 563 25.75 25.87 37.99
CA SER C 563 25.94 25.36 39.33
C SER C 563 25.64 23.86 39.40
N GLU C 564 25.03 23.29 38.34
CA GLU C 564 24.65 21.89 38.34
C GLU C 564 24.43 21.42 36.90
N PRO C 565 24.48 20.10 36.61
CA PRO C 565 24.01 19.54 35.34
C PRO C 565 22.58 20.00 35.02
N PHE C 566 22.32 20.32 33.75
CA PHE C 566 21.07 20.97 33.41
C PHE C 566 19.88 20.03 33.61
N ILE C 567 20.11 18.71 33.56
CA ILE C 567 19.04 17.76 33.81
C ILE C 567 18.45 17.99 35.20
N GLN C 568 19.27 18.41 36.18
CA GLN C 568 18.77 18.67 37.52
C GLN C 568 17.78 19.83 37.47
N THR C 569 18.14 20.87 36.71
CA THR C 569 17.31 22.06 36.57
C THR C 569 16.00 21.75 35.87
N ILE C 570 16.04 20.83 34.87
CA ILE C 570 14.85 20.44 34.15
C ILE C 570 13.91 19.70 35.10
N ILE C 571 14.49 18.79 35.90
CA ILE C 571 13.69 17.98 36.79
C ILE C 571 13.09 18.87 37.89
N ARG C 572 13.90 19.79 38.46
CA ARG C 572 13.45 20.66 39.54
C ARG C 572 12.17 21.38 39.15
N ASP C 573 12.05 21.75 37.88
CA ASP C 573 10.98 22.65 37.46
C ASP C 573 9.92 21.91 36.65
N ILE C 574 9.94 20.57 36.67
CA ILE C 574 9.22 19.78 35.69
C ILE C 574 7.71 19.99 35.83
N GLN C 575 7.23 20.21 37.05
CA GLN C 575 5.81 20.39 37.28
C GLN C 575 5.33 21.66 36.60
N LYS C 576 6.13 22.72 36.72
CA LYS C 576 5.83 24.00 36.09
C LYS C 576 5.98 23.86 34.57
N THR C 577 7.02 23.18 34.09
CA THR C 577 7.26 23.10 32.66
C THR C 577 6.10 22.39 31.94
N THR C 578 5.59 21.31 32.55
CA THR C 578 4.68 20.39 31.89
C THR C 578 3.20 20.67 32.21
N ALA C 579 2.95 21.71 33.02
CA ALA C 579 1.63 21.93 33.61
C ALA C 579 0.54 22.11 32.55
N ASP C 580 0.85 22.65 31.36
CA ASP C 580 -0.17 22.95 30.36
C ASP C 580 -0.20 21.95 29.21
N LEU C 581 0.57 20.87 29.31
CA LEU C 581 0.71 19.91 28.22
C LEU C 581 -0.41 18.87 28.31
N GLN C 582 -0.79 18.28 27.17
CA GLN C 582 -1.63 17.09 27.13
C GLN C 582 -0.82 15.89 27.61
N PRO C 583 -1.46 14.78 28.05
CA PRO C 583 -0.73 13.61 28.53
C PRO C 583 0.35 13.09 27.59
N GLN C 584 0.03 12.93 26.30
CA GLN C 584 0.99 12.43 25.32
C GLN C 584 2.23 13.31 25.26
N GLN C 585 2.05 14.63 25.39
CA GLN C 585 3.17 15.57 25.38
C GLN C 585 4.00 15.42 26.64
N VAL C 586 3.34 15.18 27.78
CA VAL C 586 4.03 14.98 29.05
C VAL C 586 4.88 13.71 28.94
N HIS C 587 4.32 12.67 28.32
CA HIS C 587 5.03 11.40 28.20
C HIS C 587 6.29 11.57 27.34
N THR C 588 6.18 12.36 26.25
CA THR C 588 7.34 12.70 25.43
C THR C 588 8.41 13.41 26.26
N PHE C 589 7.98 14.38 27.06
CA PHE C 589 8.88 15.14 27.92
C PHE C 589 9.63 14.22 28.88
N TYR C 590 8.90 13.34 29.58
CA TYR C 590 9.53 12.42 30.50
C TYR C 590 10.44 11.45 29.74
N LYS C 591 10.02 11.00 28.56
CA LYS C 591 10.88 10.15 27.74
C LYS C 591 12.20 10.87 27.44
N ALA C 592 12.11 12.16 27.09
CA ALA C 592 13.32 12.92 26.77
C ALA C 592 14.21 12.99 28.00
N CYS C 593 13.60 13.21 29.19
CA CYS C 593 14.42 13.25 30.39
C CYS C 593 15.11 11.91 30.62
N GLY C 594 14.39 10.81 30.34
CA GLY C 594 14.94 9.46 30.44
C GLY C 594 16.20 9.28 29.59
N ILE C 595 16.19 9.82 28.37
CA ILE C 595 17.34 9.77 27.49
C ILE C 595 18.55 10.42 28.16
N ILE C 596 18.35 11.63 28.71
CA ILE C 596 19.45 12.32 29.36
C ILE C 596 19.99 11.48 30.51
N ILE C 597 19.10 10.92 31.35
CA ILE C 597 19.49 10.25 32.58
C ILE C 597 20.27 8.96 32.28
N SER C 598 19.96 8.30 31.16
CA SER C 598 20.73 7.14 30.76
C SER C 598 22.16 7.50 30.34
N GLU C 599 22.45 8.77 30.06
CA GLU C 599 23.81 9.20 29.79
C GLU C 599 24.68 9.17 31.05
N GLU C 600 24.06 9.27 32.24
CA GLU C 600 24.78 9.29 33.51
C GLU C 600 25.20 7.88 33.88
N ARG C 601 26.52 7.62 33.92
CA ARG C 601 27.01 6.26 34.04
C ARG C 601 27.40 5.96 35.49
N SER C 602 27.51 6.99 36.34
CA SER C 602 27.51 6.77 37.78
C SER C 602 26.13 6.26 38.22
N VAL C 603 26.09 5.07 38.84
CA VAL C 603 24.84 4.39 39.13
C VAL C 603 24.06 5.15 40.20
N ALA C 604 24.76 5.58 41.27
CA ALA C 604 24.09 6.22 42.38
C ALA C 604 23.46 7.52 41.90
N GLU C 605 24.17 8.25 41.05
CA GLU C 605 23.68 9.52 40.54
C GLU C 605 22.53 9.26 39.55
N ARG C 606 22.65 8.22 38.73
CA ARG C 606 21.61 7.91 37.75
C ARG C 606 20.30 7.55 38.45
N ASN C 607 20.40 6.72 39.48
CA ASN C 607 19.23 6.26 40.23
C ASN C 607 18.57 7.41 40.98
N ARG C 608 19.39 8.35 41.48
CA ARG C 608 18.89 9.53 42.13
C ARG C 608 18.14 10.43 41.15
N LEU C 609 18.70 10.63 39.94
CA LEU C 609 18.01 11.37 38.91
C LEU C 609 16.70 10.69 38.53
N LEU C 610 16.71 9.37 38.39
CA LEU C 610 15.53 8.61 38.02
C LEU C 610 14.46 8.75 39.10
N SER C 611 14.88 8.65 40.36
CA SER C 611 14.00 8.83 41.51
C SER C 611 13.36 10.22 41.46
N ASP C 612 14.19 11.24 41.19
CA ASP C 612 13.75 12.63 41.16
C ASP C 612 12.78 12.86 39.99
N LEU C 613 13.07 12.25 38.82
CA LEU C 613 12.25 12.44 37.64
C LEU C 613 10.85 11.88 37.89
N MET C 614 10.79 10.73 38.55
CA MET C 614 9.55 9.97 38.73
C MET C 614 8.80 10.40 40.00
N GLN C 615 9.22 11.52 40.61
CA GLN C 615 8.66 11.99 41.87
C GLN C 615 7.16 12.25 41.76
N LEU C 616 6.70 13.01 40.74
CA LEU C 616 5.28 13.33 40.66
C LEU C 616 4.46 12.08 40.33
N PRO C 617 4.78 11.27 39.29
CA PRO C 617 4.05 10.01 39.09
C PRO C 617 4.08 9.09 40.31
N ASN C 618 5.24 9.00 41.01
CA ASN C 618 5.37 8.09 42.14
C ASN C 618 4.52 8.56 43.32
N MET C 619 4.44 9.88 43.53
CA MET C 619 3.63 10.41 44.63
C MET C 619 2.15 10.22 44.35
N ALA C 620 1.71 10.51 43.11
CA ALA C 620 0.34 10.26 42.71
C ALA C 620 -0.02 8.78 42.86
N TRP C 621 0.91 7.91 42.45
CA TRP C 621 0.78 6.47 42.54
C TRP C 621 0.59 6.02 43.99
N ASP C 622 1.49 6.47 44.86
CA ASP C 622 1.47 6.08 46.27
C ASP C 622 0.14 6.44 46.90
N THR C 623 -0.36 7.67 46.65
CA THR C 623 -1.60 8.14 47.24
C THR C 623 -2.76 7.30 46.70
N ILE C 624 -2.73 6.97 45.40
CA ILE C 624 -3.77 6.16 44.78
C ILE C 624 -3.70 4.73 45.30
N VAL C 625 -2.50 4.13 45.35
CA VAL C 625 -2.35 2.76 45.83
C VAL C 625 -2.93 2.65 47.25
N GLU C 626 -2.62 3.61 48.13
CA GLU C 626 -3.06 3.58 49.52
C GLU C 626 -4.57 3.76 49.60
N GLN C 627 -5.10 4.76 48.90
CA GLN C 627 -6.53 5.03 48.93
C GLN C 627 -7.29 3.99 48.12
N SER C 628 -6.66 3.41 47.10
CA SER C 628 -7.29 2.45 46.22
C SER C 628 -7.47 1.09 46.91
N THR C 629 -6.44 0.61 47.61
CA THR C 629 -6.49 -0.69 48.25
C THR C 629 -7.32 -0.61 49.54
N ALA C 630 -7.26 0.56 50.23
CA ALA C 630 -8.04 0.79 51.43
C ALA C 630 -9.52 0.98 51.08
N ASN C 631 -9.80 1.37 49.84
CA ASN C 631 -11.17 1.63 49.38
C ASN C 631 -11.28 1.22 47.91
N PRO C 632 -11.37 -0.10 47.58
CA PRO C 632 -11.46 -0.57 46.20
C PRO C 632 -12.51 0.06 45.28
N THR C 633 -13.42 0.84 45.88
CA THR C 633 -14.46 1.55 45.14
C THR C 633 -13.85 2.66 44.28
N LEU C 634 -12.70 3.21 44.70
CA LEU C 634 -12.14 4.41 44.10
C LEU C 634 -11.82 4.19 42.63
N LEU C 635 -11.57 2.93 42.23
CA LEU C 635 -11.27 2.57 40.84
C LEU C 635 -12.49 2.66 39.94
N LEU C 636 -13.70 2.84 40.50
CA LEU C 636 -14.90 3.06 39.73
C LEU C 636 -14.87 4.47 39.13
N ASP C 637 -14.15 5.38 39.81
CA ASP C 637 -14.06 6.77 39.38
C ASP C 637 -13.31 6.84 38.06
N SER C 638 -14.04 7.31 37.03
CA SER C 638 -13.55 7.62 35.71
C SER C 638 -12.23 8.40 35.77
N GLU C 639 -12.17 9.42 36.63
CA GLU C 639 -11.03 10.33 36.68
C GLU C 639 -9.80 9.61 37.24
N THR C 640 -10.01 8.75 38.23
CA THR C 640 -8.90 8.03 38.85
C THR C 640 -8.29 7.04 37.86
N VAL C 641 -9.15 6.36 37.09
CA VAL C 641 -8.70 5.39 36.09
C VAL C 641 -7.80 6.09 35.09
N LYS C 642 -8.14 7.33 34.71
CA LYS C 642 -7.37 8.10 33.77
C LYS C 642 -6.00 8.45 34.34
N ILE C 643 -5.98 8.94 35.57
CA ILE C 643 -4.74 9.25 36.25
C ILE C 643 -3.84 8.02 36.32
N ILE C 644 -4.40 6.85 36.69
CA ILE C 644 -3.59 5.65 36.83
C ILE C 644 -2.98 5.29 35.48
N ALA C 645 -3.79 5.34 34.39
CA ALA C 645 -3.30 5.01 33.06
C ALA C 645 -2.16 5.95 32.66
N ASN C 646 -2.30 7.24 32.97
CA ASN C 646 -1.27 8.20 32.63
C ASN C 646 0.00 8.00 33.48
N ILE C 647 -0.16 7.58 34.74
CA ILE C 647 1.00 7.21 35.53
C ILE C 647 1.75 6.06 34.85
N ILE C 648 1.01 5.02 34.45
CA ILE C 648 1.65 3.85 33.89
C ILE C 648 2.31 4.25 32.57
N LYS C 649 1.64 5.06 31.76
CA LYS C 649 2.19 5.48 30.47
C LYS C 649 3.47 6.29 30.64
N THR C 650 3.57 7.08 31.72
CA THR C 650 4.77 7.84 32.03
C THR C 650 5.93 6.87 32.32
N ASN C 651 5.63 5.81 33.07
CA ASN C 651 6.61 4.78 33.37
C ASN C 651 7.06 4.11 32.07
N VAL C 652 6.12 3.79 31.18
CA VAL C 652 6.46 3.21 29.89
C VAL C 652 7.39 4.12 29.11
N ALA C 653 7.08 5.43 29.08
CA ALA C 653 7.85 6.40 28.30
C ALA C 653 9.30 6.44 28.79
N VAL C 654 9.45 6.52 30.11
CA VAL C 654 10.77 6.61 30.70
C VAL C 654 11.50 5.27 30.55
N CYS C 655 10.80 4.16 30.75
CA CYS C 655 11.39 2.85 30.54
C CYS C 655 11.82 2.69 29.07
N THR C 656 11.07 3.27 28.13
CA THR C 656 11.42 3.15 26.72
C THR C 656 12.82 3.70 26.46
N SER C 657 13.16 4.84 27.06
CA SER C 657 14.45 5.45 26.79
C SER C 657 15.53 4.97 27.76
N MET C 658 15.17 4.42 28.92
CA MET C 658 16.18 4.03 29.89
C MET C 658 16.49 2.54 29.87
N GLY C 659 15.52 1.69 29.47
CA GLY C 659 15.75 0.26 29.37
C GLY C 659 16.23 -0.37 30.67
N ALA C 660 17.39 -1.04 30.61
CA ALA C 660 17.99 -1.71 31.76
C ALA C 660 18.08 -0.79 32.98
N ASP C 661 18.35 0.51 32.75
CA ASP C 661 18.55 1.47 33.82
C ASP C 661 17.25 1.77 34.58
N PHE C 662 16.10 1.34 34.03
CA PHE C 662 14.81 1.66 34.62
C PHE C 662 14.48 0.78 35.83
N TYR C 663 15.27 -0.29 36.05
CA TYR C 663 14.91 -1.34 36.99
C TYR C 663 14.55 -0.80 38.38
N PRO C 664 15.30 0.15 38.98
CA PRO C 664 14.96 0.65 40.31
C PRO C 664 13.56 1.24 40.37
N GLN C 665 13.12 1.91 39.30
CA GLN C 665 11.79 2.48 39.27
C GLN C 665 10.76 1.37 39.12
N LEU C 666 11.04 0.38 38.27
CA LEU C 666 10.17 -0.77 38.14
C LEU C 666 10.01 -1.46 39.51
N GLY C 667 11.12 -1.61 40.22
CA GLY C 667 11.14 -2.22 41.53
C GLY C 667 10.22 -1.49 42.53
N HIS C 668 10.18 -0.16 42.42
CA HIS C 668 9.36 0.67 43.28
C HIS C 668 7.86 0.37 43.12
N ILE C 669 7.40 0.09 41.88
CA ILE C 669 5.96 0.01 41.64
C ILE C 669 5.50 -1.43 41.40
N TYR C 670 6.44 -2.36 41.20
CA TYR C 670 6.12 -3.62 40.55
C TYR C 670 5.02 -4.40 41.28
N TYR C 671 5.17 -4.62 42.58
CA TYR C 671 4.25 -5.50 43.28
C TYR C 671 2.85 -4.88 43.36
N ASN C 672 2.76 -3.57 43.62
CA ASN C 672 1.46 -2.92 43.69
C ASN C 672 0.84 -2.79 42.29
N MET C 673 1.68 -2.68 41.26
CA MET C 673 1.19 -2.62 39.91
C MET C 673 0.53 -3.95 39.54
N LEU C 674 1.13 -5.08 39.96
CA LEU C 674 0.51 -6.37 39.70
C LEU C 674 -0.75 -6.56 40.54
N GLN C 675 -0.79 -5.98 41.74
CA GLN C 675 -2.02 -6.03 42.54
C GLN C 675 -3.12 -5.27 41.83
N LEU C 676 -2.79 -4.07 41.32
CA LEU C 676 -3.69 -3.25 40.55
C LEU C 676 -4.20 -3.99 39.32
N TYR C 677 -3.30 -4.69 38.61
CA TYR C 677 -3.71 -5.50 37.46
C TYR C 677 -4.84 -6.46 37.86
N ARG C 678 -4.68 -7.13 39.00
CA ARG C 678 -5.68 -8.08 39.48
C ARG C 678 -6.97 -7.36 39.87
N ALA C 679 -6.84 -6.23 40.57
CA ALA C 679 -8.01 -5.48 41.02
C ALA C 679 -8.82 -5.04 39.82
N VAL C 680 -8.12 -4.53 38.80
CA VAL C 680 -8.75 -4.00 37.59
C VAL C 680 -9.41 -5.13 36.81
N SER C 681 -8.75 -6.29 36.76
CA SER C 681 -9.28 -7.49 36.12
C SER C 681 -10.64 -7.88 36.69
N SER C 682 -10.74 -7.87 38.03
CA SER C 682 -11.97 -8.25 38.72
C SER C 682 -13.13 -7.35 38.31
N MET C 683 -12.88 -6.04 38.29
CA MET C 683 -13.89 -5.06 37.93
C MET C 683 -14.39 -5.30 36.51
N ILE C 684 -13.48 -5.57 35.59
CA ILE C 684 -13.89 -5.84 34.21
C ILE C 684 -14.79 -7.08 34.17
N SER C 685 -14.33 -8.18 34.79
CA SER C 685 -15.11 -9.42 34.85
C SER C 685 -16.48 -9.18 35.47
N THR C 686 -16.49 -8.40 36.56
CA THR C 686 -17.70 -8.03 37.28
C THR C 686 -18.65 -7.25 36.40
N GLN C 687 -18.09 -6.30 35.62
CA GLN C 687 -18.86 -5.39 34.80
C GLN C 687 -19.46 -6.14 33.62
N VAL C 688 -18.69 -7.09 33.07
CA VAL C 688 -19.15 -7.89 31.93
C VAL C 688 -20.31 -8.79 32.36
N ALA C 689 -20.21 -9.38 33.54
CA ALA C 689 -21.28 -10.21 34.07
C ALA C 689 -22.54 -9.35 34.33
N ALA C 690 -22.34 -8.19 34.98
CA ALA C 690 -23.43 -7.31 35.35
C ALA C 690 -24.10 -6.70 34.12
N GLU C 691 -23.32 -6.32 33.09
CA GLU C 691 -23.86 -5.51 32.00
C GLU C 691 -23.89 -6.24 30.65
N GLY C 692 -23.16 -7.35 30.51
CA GLY C 692 -23.06 -8.07 29.25
C GLY C 692 -21.76 -7.75 28.50
N LEU C 693 -21.58 -8.42 27.36
CA LEU C 693 -20.41 -8.21 26.52
C LEU C 693 -20.29 -6.76 26.05
N ILE C 694 -21.43 -6.04 25.99
CA ILE C 694 -21.46 -4.62 25.67
C ILE C 694 -20.54 -3.84 26.62
N ALA C 695 -20.37 -4.31 27.86
CA ALA C 695 -19.54 -3.61 28.83
C ALA C 695 -18.13 -3.35 28.29
N THR C 696 -17.61 -4.24 27.43
CA THR C 696 -16.25 -4.12 26.96
C THR C 696 -16.09 -2.89 26.05
N LYS C 697 -17.22 -2.37 25.55
CA LYS C 697 -17.24 -1.19 24.69
C LYS C 697 -17.31 0.11 25.50
N THR C 698 -17.67 0.02 26.78
CA THR C 698 -17.97 1.19 27.58
C THR C 698 -16.68 1.96 27.88
N PRO C 699 -16.73 3.31 27.98
CA PRO C 699 -15.56 4.10 28.35
C PRO C 699 -14.84 3.63 29.62
N LYS C 700 -15.61 3.18 30.61
CA LYS C 700 -15.04 2.81 31.91
C LYS C 700 -14.23 1.53 31.78
N VAL C 701 -14.79 0.52 31.11
CA VAL C 701 -14.11 -0.76 30.93
C VAL C 701 -12.92 -0.59 30.00
N ARG C 702 -13.07 0.25 28.95
CA ARG C 702 -11.97 0.53 28.03
C ARG C 702 -10.81 1.18 28.80
N GLY C 703 -11.14 2.12 29.70
CA GLY C 703 -10.16 2.73 30.59
C GLY C 703 -9.48 1.71 31.51
N LEU C 704 -10.24 0.73 32.00
CA LEU C 704 -9.69 -0.30 32.87
C LEU C 704 -8.77 -1.20 32.07
N ARG C 705 -9.18 -1.54 30.84
CA ARG C 705 -8.39 -2.42 30.00
C ARG C 705 -7.11 -1.72 29.57
N THR C 706 -7.16 -0.39 29.39
CA THR C 706 -5.98 0.40 29.07
C THR C 706 -4.94 0.25 30.19
N ILE C 707 -5.39 0.26 31.44
CA ILE C 707 -4.47 0.07 32.55
C ILE C 707 -3.77 -1.28 32.42
N LYS C 708 -4.52 -2.36 32.17
CA LYS C 708 -3.93 -3.68 32.05
C LYS C 708 -2.93 -3.73 30.90
N LYS C 709 -3.28 -3.15 29.75
CA LYS C 709 -2.43 -3.21 28.57
C LYS C 709 -1.16 -2.39 28.79
N GLU C 710 -1.26 -1.24 29.47
CA GLU C 710 -0.08 -0.43 29.73
C GLU C 710 0.84 -1.08 30.76
N ILE C 711 0.27 -1.82 31.73
CA ILE C 711 1.07 -2.60 32.66
C ILE C 711 1.86 -3.66 31.89
N LEU C 712 1.20 -4.35 30.93
CA LEU C 712 1.86 -5.40 30.17
C LEU C 712 2.95 -4.78 29.29
N LYS C 713 2.66 -3.60 28.72
CA LYS C 713 3.59 -2.89 27.86
C LYS C 713 4.83 -2.46 28.66
N LEU C 714 4.63 -1.99 29.89
CA LEU C 714 5.76 -1.59 30.72
C LEU C 714 6.67 -2.78 30.98
N VAL C 715 6.06 -3.92 31.34
CA VAL C 715 6.79 -5.12 31.65
C VAL C 715 7.52 -5.63 30.41
N GLU C 716 6.84 -5.64 29.26
CA GLU C 716 7.41 -6.02 27.98
C GLU C 716 8.62 -5.15 27.68
N THR C 717 8.43 -3.83 27.80
CA THR C 717 9.45 -2.85 27.49
C THR C 717 10.68 -3.09 28.35
N TYR C 718 10.49 -3.33 29.65
CA TYR C 718 11.64 -3.48 30.52
C TYR C 718 12.35 -4.80 30.21
N ILE C 719 11.59 -5.91 30.17
CA ILE C 719 12.21 -7.22 29.99
C ILE C 719 12.92 -7.28 28.63
N SER C 720 12.36 -6.67 27.59
CA SER C 720 12.97 -6.70 26.28
C SER C 720 14.36 -6.05 26.28
N LYS C 721 14.64 -5.17 27.26
CA LYS C 721 15.87 -4.39 27.27
C LYS C 721 16.74 -4.75 28.46
N ALA C 722 16.31 -5.72 29.28
CA ALA C 722 16.95 -5.99 30.56
C ALA C 722 18.36 -6.53 30.29
N ARG C 723 19.29 -6.22 31.19
CA ARG C 723 20.62 -6.80 31.18
C ARG C 723 20.73 -7.90 32.23
N ASN C 724 20.10 -7.70 33.39
CA ASN C 724 20.21 -8.65 34.47
C ASN C 724 19.01 -9.62 34.42
N LEU C 725 19.24 -10.76 33.76
CA LEU C 725 18.21 -11.72 33.45
C LEU C 725 17.91 -12.58 34.66
N ASP C 726 18.86 -12.67 35.61
CA ASP C 726 18.67 -13.39 36.85
C ASP C 726 17.59 -12.71 37.68
N ASP C 727 17.63 -11.38 37.75
CA ASP C 727 16.61 -10.59 38.43
C ASP C 727 15.28 -10.73 37.70
N VAL C 728 15.31 -10.79 36.37
CA VAL C 728 14.07 -10.96 35.62
C VAL C 728 13.41 -12.26 36.07
N VAL C 729 14.19 -13.35 36.09
CA VAL C 729 13.65 -14.66 36.39
C VAL C 729 13.26 -14.74 37.87
N LYS C 730 14.14 -14.26 38.74
CA LYS C 730 14.05 -14.52 40.16
C LYS C 730 13.06 -13.55 40.80
N VAL C 731 12.88 -12.35 40.25
CA VAL C 731 12.05 -11.33 40.86
C VAL C 731 10.77 -11.05 40.05
N LEU C 732 10.87 -10.98 38.71
CA LEU C 732 9.78 -10.40 37.92
C LEU C 732 8.82 -11.47 37.41
N VAL C 733 9.35 -12.62 37.00
CA VAL C 733 8.59 -13.53 36.16
C VAL C 733 7.47 -14.20 36.95
N GLU C 734 7.76 -14.70 38.14
CA GLU C 734 6.77 -15.53 38.82
C GLU C 734 5.56 -14.68 39.21
N PRO C 735 5.75 -13.49 39.83
CA PRO C 735 4.63 -12.58 40.09
C PRO C 735 3.85 -12.21 38.83
N LEU C 736 4.55 -12.07 37.70
CA LEU C 736 3.90 -11.71 36.45
C LEU C 736 2.96 -12.83 35.99
N LEU C 737 3.49 -14.05 35.90
CA LEU C 737 2.71 -15.18 35.42
C LEU C 737 1.52 -15.39 36.35
N ASN C 738 1.71 -15.23 37.67
CA ASN C 738 0.61 -15.39 38.62
C ASN C 738 -0.49 -14.37 38.38
N ALA C 739 -0.11 -13.13 38.05
CA ALA C 739 -1.05 -12.04 37.86
C ALA C 739 -1.84 -12.18 36.54
N VAL C 740 -1.23 -12.72 35.47
CA VAL C 740 -1.81 -12.54 34.15
C VAL C 740 -2.36 -13.84 33.55
N LEU C 741 -1.80 -15.00 33.90
CA LEU C 741 -2.08 -16.19 33.09
C LEU C 741 -3.49 -16.72 33.37
N GLU C 742 -3.78 -16.88 34.65
CA GLU C 742 -5.06 -17.41 35.06
C GLU C 742 -6.16 -16.42 34.67
N ASP C 743 -5.90 -15.13 34.89
CA ASP C 743 -6.81 -14.08 34.46
C ASP C 743 -7.15 -14.21 32.97
N TYR C 744 -6.14 -14.47 32.12
CA TYR C 744 -6.38 -14.60 30.70
C TYR C 744 -7.29 -15.81 30.42
N MET C 745 -6.91 -16.96 30.99
CA MET C 745 -7.60 -18.22 30.73
C MET C 745 -9.05 -18.15 31.22
N ASN C 746 -9.29 -17.45 32.32
CA ASN C 746 -10.56 -17.50 33.04
C ASN C 746 -11.51 -16.36 32.66
N ASN C 747 -11.11 -15.47 31.74
CA ASN C 747 -12.01 -14.49 31.15
C ASN C 747 -12.69 -15.08 29.91
N VAL C 748 -13.86 -14.55 29.56
CA VAL C 748 -14.52 -14.91 28.33
C VAL C 748 -13.66 -14.41 27.16
N PRO C 749 -13.71 -15.03 25.97
CA PRO C 749 -12.88 -14.62 24.83
C PRO C 749 -12.80 -13.10 24.60
N ASP C 750 -13.95 -12.40 24.70
CA ASP C 750 -14.04 -10.98 24.38
C ASP C 750 -13.37 -10.10 25.43
N ALA C 751 -13.06 -10.69 26.59
CA ALA C 751 -12.43 -9.93 27.66
C ALA C 751 -10.94 -10.25 27.77
N ARG C 752 -10.43 -11.17 26.92
CA ARG C 752 -9.03 -11.54 26.95
C ARG C 752 -8.20 -10.57 26.13
N ASP C 753 -7.08 -10.09 26.71
CA ASP C 753 -6.17 -9.16 26.06
C ASP C 753 -5.09 -9.90 25.30
N ALA C 754 -5.01 -9.67 23.99
CA ALA C 754 -4.00 -10.25 23.14
C ALA C 754 -2.59 -9.81 23.57
N GLU C 755 -2.49 -8.64 24.23
N GLU C 755 -2.51 -8.64 24.23
CA GLU C 755 -1.22 -8.15 24.73
CA GLU C 755 -1.24 -8.13 24.75
C GLU C 755 -0.60 -9.10 25.75
C GLU C 755 -0.61 -9.08 25.77
N VAL C 756 -1.42 -9.97 26.38
CA VAL C 756 -0.89 -10.97 27.30
C VAL C 756 0.02 -11.92 26.51
N LEU C 757 -0.46 -12.37 25.35
CA LEU C 757 0.32 -13.21 24.46
C LEU C 757 1.62 -12.53 24.05
N ASN C 758 1.57 -11.22 23.78
CA ASN C 758 2.72 -10.47 23.29
C ASN C 758 3.73 -10.30 24.43
N CYS C 759 3.21 -10.04 25.63
CA CYS C 759 4.05 -9.94 26.81
C CYS C 759 4.77 -11.26 27.06
N MET C 760 4.05 -12.37 26.94
CA MET C 760 4.64 -13.69 27.15
C MET C 760 5.68 -14.01 26.07
N THR C 761 5.46 -13.52 24.85
CA THR C 761 6.40 -13.75 23.77
C THR C 761 7.75 -13.14 24.16
N THR C 762 7.73 -11.91 24.70
CA THR C 762 8.92 -11.19 25.11
C THR C 762 9.61 -11.95 26.24
N VAL C 763 8.82 -12.44 27.20
CA VAL C 763 9.37 -13.18 28.33
C VAL C 763 10.10 -14.43 27.82
N VAL C 764 9.44 -15.22 26.97
CA VAL C 764 10.05 -16.46 26.48
C VAL C 764 11.31 -16.16 25.68
N GLU C 765 11.20 -15.18 24.78
CA GLU C 765 12.29 -14.70 23.96
C GLU C 765 13.54 -14.43 24.81
N LYS C 766 13.35 -13.70 25.92
CA LYS C 766 14.46 -13.18 26.68
C LYS C 766 15.00 -14.20 27.66
N VAL C 767 14.12 -14.93 28.37
CA VAL C 767 14.57 -15.75 29.47
C VAL C 767 13.99 -17.16 29.39
N GLY C 768 13.41 -17.54 28.25
CA GLY C 768 12.67 -18.79 28.13
C GLY C 768 13.53 -20.02 28.43
N HIS C 769 14.82 -19.95 28.06
CA HIS C 769 15.81 -20.96 28.41
C HIS C 769 15.92 -21.17 29.93
N MET C 770 15.67 -20.13 30.73
CA MET C 770 15.89 -20.19 32.17
C MET C 770 14.61 -20.57 32.94
N ILE C 771 13.44 -20.61 32.27
CA ILE C 771 12.17 -20.82 32.96
C ILE C 771 11.38 -21.93 32.27
N PRO C 772 11.91 -23.16 32.18
CA PRO C 772 11.20 -24.25 31.49
C PRO C 772 9.81 -24.50 32.07
N GLN C 773 9.69 -24.43 33.40
CA GLN C 773 8.42 -24.67 34.06
C GLN C 773 7.47 -23.48 33.81
N GLY C 774 8.01 -22.26 33.82
CA GLY C 774 7.22 -21.09 33.44
C GLY C 774 6.64 -21.21 32.03
N VAL C 775 7.42 -21.73 31.09
CA VAL C 775 6.97 -21.85 29.71
C VAL C 775 5.82 -22.84 29.60
N ILE C 776 5.94 -23.97 30.31
CA ILE C 776 4.86 -24.94 30.36
C ILE C 776 3.60 -24.27 30.91
N LEU C 777 3.73 -23.49 31.98
CA LEU C 777 2.58 -22.81 32.55
C LEU C 777 1.95 -21.88 31.52
N ILE C 778 2.80 -21.15 30.77
CA ILE C 778 2.31 -20.25 29.73
C ILE C 778 1.47 -21.05 28.74
N LEU C 779 2.04 -22.12 28.16
CA LEU C 779 1.31 -22.97 27.23
C LEU C 779 0.00 -23.47 27.82
N GLN C 780 0.06 -24.05 29.03
CA GLN C 780 -1.13 -24.61 29.62
C GLN C 780 -2.20 -23.54 29.81
N SER C 781 -1.82 -22.30 30.06
CA SER C 781 -2.81 -21.26 30.31
C SER C 781 -3.44 -20.71 29.03
N VAL C 782 -2.67 -20.58 27.94
CA VAL C 782 -3.13 -19.80 26.80
C VAL C 782 -3.43 -20.67 25.58
N PHE C 783 -2.86 -21.87 25.50
CA PHE C 783 -2.82 -22.62 24.26
C PHE C 783 -4.23 -22.99 23.78
N GLU C 784 -4.95 -23.81 24.55
CA GLU C 784 -6.22 -24.36 24.08
C GLU C 784 -7.29 -23.28 24.02
N CYS C 785 -7.35 -22.39 25.03
CA CYS C 785 -8.40 -21.40 25.01
C CYS C 785 -8.18 -20.41 23.86
N THR C 786 -6.93 -20.04 23.56
CA THR C 786 -6.71 -19.16 22.41
C THR C 786 -6.96 -19.89 21.08
N LEU C 787 -6.52 -21.16 20.98
CA LEU C 787 -6.75 -21.89 19.74
C LEU C 787 -8.25 -21.97 19.46
N ASP C 788 -9.06 -22.15 20.51
CA ASP C 788 -10.50 -22.26 20.35
C ASP C 788 -11.12 -20.93 19.90
N MET C 789 -10.47 -19.80 20.20
CA MET C 789 -10.97 -18.51 19.74
C MET C 789 -10.78 -18.35 18.23
N ILE C 790 -9.72 -18.96 17.67
CA ILE C 790 -9.24 -18.58 16.35
C ILE C 790 -9.39 -19.73 15.34
N ASN C 791 -9.98 -20.86 15.74
CA ASN C 791 -10.02 -22.03 14.87
C ASN C 791 -11.40 -22.25 14.24
N LYS C 792 -12.29 -21.25 14.27
CA LYS C 792 -13.61 -21.38 13.67
C LYS C 792 -13.67 -20.70 12.29
N ASP C 793 -12.82 -19.71 12.07
CA ASP C 793 -12.69 -18.99 10.81
C ASP C 793 -11.34 -18.30 10.80
N PHE C 794 -11.09 -17.46 9.78
CA PHE C 794 -9.81 -16.78 9.64
C PHE C 794 -9.89 -15.32 10.08
N THR C 795 -11.07 -14.84 10.48
CA THR C 795 -11.29 -13.41 10.68
C THR C 795 -11.38 -13.02 12.16
N GLU C 796 -12.07 -13.84 12.98
CA GLU C 796 -12.30 -13.47 14.38
C GLU C 796 -10.97 -13.29 15.13
N TYR C 797 -10.94 -12.30 16.04
CA TYR C 797 -9.84 -12.12 16.98
C TYR C 797 -8.52 -12.05 16.21
N PRO C 798 -8.34 -11.04 15.33
CA PRO C 798 -7.14 -10.95 14.50
C PRO C 798 -5.86 -10.71 15.28
N GLU C 799 -5.90 -9.94 16.36
CA GLU C 799 -4.70 -9.71 17.15
C GLU C 799 -4.25 -10.98 17.88
N HIS C 800 -5.21 -11.76 18.41
CA HIS C 800 -4.91 -12.97 19.18
C HIS C 800 -4.25 -14.01 18.26
N ARG C 801 -4.80 -14.13 17.06
CA ARG C 801 -4.32 -14.98 15.99
C ARG C 801 -2.83 -14.70 15.73
N VAL C 802 -2.48 -13.43 15.57
CA VAL C 802 -1.13 -13.03 15.24
C VAL C 802 -0.22 -13.25 16.44
N GLU C 803 -0.65 -12.83 17.63
CA GLU C 803 0.19 -12.94 18.80
C GLU C 803 0.37 -14.42 19.19
N PHE C 804 -0.63 -15.25 18.94
CA PHE C 804 -0.66 -16.65 19.30
C PHE C 804 0.45 -17.40 18.55
N TYR C 805 0.59 -17.15 17.25
CA TYR C 805 1.57 -17.86 16.44
C TYR C 805 2.97 -17.28 16.66
N LYS C 806 3.08 -16.00 17.03
CA LYS C 806 4.36 -15.47 17.47
C LYS C 806 4.82 -16.18 18.75
N LEU C 807 3.89 -16.43 19.68
CA LEU C 807 4.25 -17.05 20.94
C LEU C 807 4.67 -18.49 20.72
N LEU C 808 3.88 -19.25 19.96
CA LEU C 808 4.21 -20.63 19.66
C LEU C 808 5.57 -20.67 18.95
N LYS C 809 5.83 -19.69 18.09
CA LYS C 809 7.09 -19.65 17.34
C LYS C 809 8.28 -19.53 18.30
N VAL C 810 8.23 -18.57 19.22
CA VAL C 810 9.35 -18.41 20.14
C VAL C 810 9.43 -19.58 21.13
N ILE C 811 8.30 -20.17 21.55
CA ILE C 811 8.37 -21.32 22.45
C ILE C 811 9.05 -22.49 21.73
N ASN C 812 8.72 -22.66 20.44
CA ASN C 812 9.27 -23.74 19.64
C ASN C 812 10.77 -23.54 19.40
N GLU C 813 11.23 -22.28 19.39
CA GLU C 813 12.64 -21.96 19.20
C GLU C 813 13.44 -22.05 20.50
N LYS C 814 12.83 -21.65 21.63
CA LYS C 814 13.57 -21.42 22.87
C LYS C 814 13.39 -22.52 23.89
N SER C 815 12.22 -23.17 23.85
CA SER C 815 11.85 -24.07 24.93
C SER C 815 11.02 -25.22 24.37
N PHE C 816 11.61 -25.92 23.40
CA PHE C 816 10.93 -26.98 22.69
C PHE C 816 10.51 -28.08 23.64
N ALA C 817 11.29 -28.29 24.72
CA ALA C 817 10.97 -29.29 25.73
C ALA C 817 9.54 -29.12 26.24
N ALA C 818 9.02 -27.87 26.27
CA ALA C 818 7.66 -27.61 26.69
C ALA C 818 6.63 -28.36 25.83
N PHE C 819 6.94 -28.61 24.54
CA PHE C 819 6.04 -29.36 23.67
C PHE C 819 6.22 -30.86 23.89
N LEU C 820 7.42 -31.29 24.31
CA LEU C 820 7.66 -32.69 24.66
C LEU C 820 6.84 -33.10 25.87
N GLU C 821 6.50 -32.15 26.75
CA GLU C 821 5.75 -32.43 27.96
C GLU C 821 4.25 -32.52 27.67
N LEU C 822 3.80 -31.99 26.53
CA LEU C 822 2.38 -32.04 26.20
C LEU C 822 1.92 -33.49 26.19
N PRO C 823 0.67 -33.78 26.63
CA PRO C 823 0.03 -35.06 26.32
C PRO C 823 -0.11 -35.24 24.81
N PRO C 824 0.03 -36.47 24.26
CA PRO C 824 -0.14 -36.71 22.82
C PRO C 824 -1.30 -35.95 22.17
N ALA C 825 -2.45 -35.87 22.86
CA ALA C 825 -3.65 -35.25 22.31
C ALA C 825 -3.46 -33.74 22.18
N ALA C 826 -2.69 -33.15 23.10
CA ALA C 826 -2.43 -31.73 23.04
C ALA C 826 -1.34 -31.44 22.01
N PHE C 827 -0.39 -32.39 21.84
CA PHE C 827 0.63 -32.26 20.81
C PHE C 827 0.00 -32.40 19.42
N LYS C 828 -1.09 -33.17 19.31
CA LYS C 828 -1.83 -33.27 18.07
C LYS C 828 -2.49 -31.94 17.74
N LEU C 829 -2.99 -31.25 18.77
CA LEU C 829 -3.59 -29.94 18.58
C LEU C 829 -2.54 -28.93 18.13
N PHE C 830 -1.29 -29.11 18.59
CA PHE C 830 -0.19 -28.25 18.21
C PHE C 830 0.06 -28.38 16.71
N VAL C 831 0.16 -29.60 16.20
CA VAL C 831 0.34 -29.84 14.78
C VAL C 831 -0.84 -29.29 13.98
N ASP C 832 -2.07 -29.51 14.47
CA ASP C 832 -3.27 -28.96 13.85
C ASP C 832 -3.19 -27.43 13.81
N ALA C 833 -2.68 -26.82 14.90
CA ALA C 833 -2.60 -25.37 14.96
C ALA C 833 -1.62 -24.84 13.91
N ILE C 834 -0.52 -25.57 13.70
CA ILE C 834 0.53 -25.14 12.77
C ILE C 834 -0.01 -25.17 11.34
N CYS C 835 -0.70 -26.26 10.98
CA CYS C 835 -1.27 -26.38 9.62
C CYS C 835 -2.38 -25.34 9.42
N TRP C 836 -3.14 -25.04 10.48
CA TRP C 836 -4.19 -24.00 10.42
C TRP C 836 -3.56 -22.67 9.99
N ALA C 837 -2.39 -22.35 10.56
CA ALA C 837 -1.67 -21.11 10.22
C ALA C 837 -1.28 -21.13 8.73
N PHE C 838 -0.85 -22.30 8.23
CA PHE C 838 -0.48 -22.44 6.79
C PHE C 838 -1.66 -22.03 5.92
N LYS C 839 -2.88 -22.42 6.29
CA LYS C 839 -4.07 -22.16 5.45
C LYS C 839 -4.51 -20.69 5.56
N HIS C 840 -3.88 -19.92 6.45
CA HIS C 840 -4.22 -18.47 6.58
C HIS C 840 -3.71 -17.71 5.36
N ASN C 841 -4.43 -16.65 4.98
CA ASN C 841 -3.98 -15.79 3.85
C ASN C 841 -3.16 -14.63 4.45
N ASN C 842 -3.46 -14.24 5.69
CA ASN C 842 -2.68 -13.17 6.37
C ASN C 842 -1.23 -13.65 6.51
N ARG C 843 -0.28 -12.90 5.94
CA ARG C 843 1.15 -13.30 5.99
C ARG C 843 1.62 -13.31 7.45
N ASP C 844 1.11 -12.39 8.28
CA ASP C 844 1.54 -12.31 9.69
C ASP C 844 1.39 -13.69 10.36
N VAL C 845 0.35 -14.46 10.00
CA VAL C 845 0.12 -15.80 10.60
C VAL C 845 0.73 -16.87 9.69
N GLU C 846 0.52 -16.77 8.38
CA GLU C 846 1.00 -17.82 7.43
C GLU C 846 2.52 -18.01 7.56
N VAL C 847 3.28 -16.91 7.55
CA VAL C 847 4.76 -17.00 7.61
C VAL C 847 5.18 -17.68 8.91
N ASN C 848 4.59 -17.27 10.03
CA ASN C 848 4.94 -17.86 11.35
C ASN C 848 4.62 -19.36 11.34
N GLY C 849 3.48 -19.73 10.75
CA GLY C 849 3.08 -21.15 10.70
C GLY C 849 4.10 -21.99 9.96
N LEU C 850 4.50 -21.54 8.77
CA LEU C 850 5.50 -22.29 7.96
C LEU C 850 6.83 -22.34 8.72
N GLN C 851 7.21 -21.23 9.37
CA GLN C 851 8.48 -21.17 10.12
C GLN C 851 8.44 -22.17 11.28
N ILE C 852 7.33 -22.24 12.00
CA ILE C 852 7.20 -23.17 13.17
C ILE C 852 7.35 -24.61 12.67
N ALA C 853 6.72 -24.93 11.54
CA ALA C 853 6.81 -26.29 10.97
C ALA C 853 8.27 -26.63 10.66
N LEU C 854 8.98 -25.73 9.98
CA LEU C 854 10.39 -25.97 9.62
C LEU C 854 11.21 -26.13 10.90
N ASP C 855 11.00 -25.24 11.86
CA ASP C 855 11.72 -25.30 13.16
C ASP C 855 11.38 -26.60 13.88
N LEU C 856 10.10 -27.00 13.82
CA LEU C 856 9.68 -28.23 14.48
C LEU C 856 10.37 -29.45 13.88
N VAL C 857 10.41 -29.51 12.55
CA VAL C 857 11.12 -30.55 11.84
C VAL C 857 12.58 -30.56 12.30
N LYS C 858 13.20 -29.38 12.36
CA LYS C 858 14.58 -29.26 12.79
C LYS C 858 14.70 -29.77 14.23
N ASN C 859 13.76 -29.37 15.12
CA ASN C 859 13.78 -29.79 16.52
C ASN C 859 13.68 -31.31 16.63
N ILE C 860 12.81 -31.93 15.82
CA ILE C 860 12.64 -33.38 15.81
C ILE C 860 13.90 -34.07 15.27
N GLU C 861 14.50 -33.46 14.25
CA GLU C 861 15.72 -33.98 13.66
C GLU C 861 16.84 -34.02 14.70
N ARG C 862 16.99 -32.94 15.48
CA ARG C 862 18.01 -32.83 16.51
C ARG C 862 17.96 -33.99 17.49
N MET C 863 16.75 -34.46 17.79
CA MET C 863 16.54 -35.46 18.83
C MET C 863 17.20 -36.78 18.47
N GLY C 864 17.44 -37.01 17.17
CA GLY C 864 18.12 -38.21 16.72
C GLY C 864 17.19 -39.42 16.74
N ASN C 865 17.79 -40.62 16.75
CA ASN C 865 17.02 -41.84 16.61
C ASN C 865 16.43 -42.25 17.95
N VAL C 866 15.34 -41.59 18.38
CA VAL C 866 14.68 -41.90 19.64
C VAL C 866 13.18 -42.10 19.38
N PRO C 867 12.44 -42.80 20.27
CA PRO C 867 11.02 -43.09 20.02
C PRO C 867 10.14 -41.89 19.69
N PHE C 868 10.37 -40.74 20.35
CA PHE C 868 9.50 -39.58 20.15
C PHE C 868 9.61 -39.09 18.71
N ALA C 869 10.85 -39.02 18.21
CA ALA C 869 11.13 -38.57 16.86
C ALA C 869 10.54 -39.54 15.83
N ASN C 870 10.71 -40.84 16.09
CA ASN C 870 10.20 -41.88 15.20
C ASN C 870 8.67 -41.88 15.20
N GLU C 871 8.07 -41.69 16.39
CA GLU C 871 6.64 -41.58 16.54
C GLU C 871 6.12 -40.33 15.82
N PHE C 872 6.83 -39.22 15.95
CA PHE C 872 6.44 -37.97 15.33
C PHE C 872 6.27 -38.16 13.82
N HIS C 873 7.28 -38.78 13.19
CA HIS C 873 7.27 -39.00 11.75
C HIS C 873 6.13 -39.92 11.33
N LYS C 874 5.96 -41.03 12.06
CA LYS C 874 4.86 -41.93 11.77
C LYS C 874 3.51 -41.22 11.87
N ASN C 875 3.37 -40.27 12.81
CA ASN C 875 2.09 -39.63 13.06
C ASN C 875 1.88 -38.43 12.13
N TYR C 876 2.95 -37.70 11.77
CA TYR C 876 2.80 -36.34 11.28
C TYR C 876 3.53 -36.03 9.98
N PHE C 877 4.46 -36.90 9.55
CA PHE C 877 5.26 -36.59 8.37
C PHE C 877 4.36 -36.35 7.16
N PHE C 878 3.42 -37.27 6.93
CA PHE C 878 2.56 -37.21 5.77
C PHE C 878 1.50 -36.11 5.90
N ILE C 879 1.07 -35.80 7.12
CA ILE C 879 0.22 -34.64 7.33
C ILE C 879 0.95 -33.37 6.89
N PHE C 880 2.22 -33.20 7.30
CA PHE C 880 2.93 -32.00 6.89
C PHE C 880 3.16 -31.96 5.38
N VAL C 881 3.46 -33.11 4.77
CA VAL C 881 3.74 -33.12 3.34
C VAL C 881 2.47 -32.77 2.58
N SER C 882 1.34 -33.36 2.97
CA SER C 882 0.10 -33.18 2.24
C SER C 882 -0.45 -31.78 2.46
N GLU C 883 -0.34 -31.25 3.70
CA GLU C 883 -0.82 -29.90 3.97
C GLU C 883 0.00 -28.87 3.22
N THR C 884 1.33 -29.08 3.11
CA THR C 884 2.19 -28.17 2.39
C THR C 884 1.81 -28.18 0.91
N PHE C 885 1.64 -29.37 0.34
CA PHE C 885 1.18 -29.49 -1.03
C PHE C 885 -0.17 -28.80 -1.27
N PHE C 886 -1.08 -28.89 -0.31
CA PHE C 886 -2.38 -28.24 -0.44
C PHE C 886 -2.21 -26.74 -0.63
N VAL C 887 -1.44 -26.10 0.25
CA VAL C 887 -1.33 -24.65 0.20
C VAL C 887 -0.48 -24.23 -0.99
N LEU C 888 0.43 -25.09 -1.44
CA LEU C 888 1.23 -24.84 -2.63
C LEU C 888 0.38 -24.75 -3.88
N THR C 889 -0.64 -25.60 -3.98
CA THR C 889 -1.31 -25.88 -5.24
C THR C 889 -2.72 -25.31 -5.33
N ASP C 890 -3.22 -24.66 -4.28
CA ASP C 890 -4.63 -24.28 -4.29
C ASP C 890 -4.79 -22.85 -4.81
N SER C 891 -3.67 -22.14 -5.05
CA SER C 891 -3.68 -20.83 -5.70
C SER C 891 -4.13 -19.74 -4.74
N ASP C 892 -4.27 -20.04 -3.45
CA ASP C 892 -4.83 -19.07 -2.52
C ASP C 892 -3.75 -18.60 -1.54
N HIS C 893 -2.49 -19.03 -1.75
CA HIS C 893 -1.46 -18.89 -0.73
C HIS C 893 -0.11 -18.59 -1.39
N LYS C 894 -0.13 -17.74 -2.41
CA LYS C 894 1.00 -17.59 -3.31
C LYS C 894 2.11 -16.80 -2.63
N SER C 895 1.75 -15.90 -1.70
CA SER C 895 2.74 -15.13 -0.97
C SER C 895 3.64 -16.05 -0.14
N GLY C 896 3.11 -17.21 0.30
CA GLY C 896 3.86 -18.18 1.07
C GLY C 896 4.75 -19.14 0.25
N PHE C 897 4.82 -18.95 -1.07
CA PHE C 897 5.42 -19.97 -1.94
C PHE C 897 6.82 -20.37 -1.47
N SER C 898 7.67 -19.38 -1.19
CA SER C 898 9.07 -19.65 -0.89
C SER C 898 9.25 -20.53 0.32
N LYS C 899 8.52 -20.25 1.40
CA LYS C 899 8.69 -21.02 2.63
C LYS C 899 7.93 -22.33 2.56
N GLN C 900 6.83 -22.38 1.81
CA GLN C 900 6.22 -23.67 1.48
C GLN C 900 7.24 -24.58 0.79
N ALA C 901 7.97 -24.04 -0.20
CA ALA C 901 8.91 -24.84 -0.98
C ALA C 901 10.06 -25.33 -0.10
N LEU C 902 10.51 -24.47 0.81
CA LEU C 902 11.61 -24.81 1.71
C LEU C 902 11.20 -25.96 2.60
N LEU C 903 9.98 -25.88 3.14
CA LEU C 903 9.46 -26.91 4.02
C LEU C 903 9.32 -28.22 3.26
N LEU C 904 8.73 -28.18 2.07
CA LEU C 904 8.55 -29.40 1.30
C LEU C 904 9.90 -30.03 0.96
N MET C 905 10.85 -29.17 0.58
CA MET C 905 12.20 -29.63 0.27
C MET C 905 12.81 -30.31 1.49
N LYS C 906 12.59 -29.74 2.68
CA LYS C 906 13.13 -30.33 3.90
C LYS C 906 12.53 -31.71 4.15
N LEU C 907 11.20 -31.83 4.01
CA LEU C 907 10.52 -33.09 4.27
C LEU C 907 10.97 -34.16 3.28
N ILE C 908 11.10 -33.81 2.00
CA ILE C 908 11.48 -34.77 0.98
C ILE C 908 12.94 -35.19 1.20
N SER C 909 13.82 -34.23 1.51
CA SER C 909 15.23 -34.53 1.72
C SER C 909 15.44 -35.48 2.91
N LEU C 910 14.59 -35.38 3.94
CA LEU C 910 14.65 -36.32 5.06
C LEU C 910 14.59 -37.76 4.57
N VAL C 911 13.70 -38.02 3.61
CA VAL C 911 13.45 -39.37 3.13
C VAL C 911 14.54 -39.79 2.15
N TYR C 912 14.95 -38.89 1.26
CA TYR C 912 15.94 -39.24 0.25
C TYR C 912 17.36 -39.09 0.78
N ASP C 913 17.51 -38.89 2.10
CA ASP C 913 18.79 -39.07 2.78
C ASP C 913 18.75 -40.28 3.69
N ASN C 914 17.57 -40.91 3.85
CA ASN C 914 17.34 -41.97 4.81
C ASN C 914 17.65 -41.52 6.24
N LYS C 915 17.12 -40.34 6.63
CA LYS C 915 17.28 -39.84 7.98
C LYS C 915 16.08 -40.17 8.85
N ILE C 916 15.10 -40.91 8.32
CA ILE C 916 14.00 -41.40 9.12
C ILE C 916 14.20 -42.90 9.32
N SER C 917 14.41 -43.30 10.56
CA SER C 917 14.89 -44.65 10.87
C SER C 917 13.80 -45.68 10.60
N VAL C 918 12.59 -45.41 11.11
CA VAL C 918 11.49 -46.36 11.02
C VAL C 918 10.76 -46.21 9.69
N PRO C 919 10.01 -47.25 9.25
CA PRO C 919 9.10 -47.11 8.11
C PRO C 919 7.89 -46.22 8.41
N LEU C 920 7.53 -45.37 7.44
CA LEU C 920 6.44 -44.42 7.61
C LEU C 920 5.11 -45.12 7.32
N TYR C 921 5.18 -46.22 6.57
CA TYR C 921 3.99 -47.00 6.25
C TYR C 921 3.69 -47.97 7.39
N GLN C 922 2.40 -48.20 7.66
CA GLN C 922 1.97 -49.21 8.63
C GLN C 922 2.01 -50.56 7.94
N GLU C 923 2.27 -51.63 8.71
CA GLU C 923 2.41 -52.96 8.14
C GLU C 923 1.13 -53.34 7.38
N ALA C 924 1.30 -54.25 6.42
CA ALA C 924 0.25 -54.69 5.50
C ALA C 924 -0.11 -53.56 4.54
N GLU C 925 0.91 -52.80 4.10
CA GLU C 925 0.72 -51.74 3.12
C GLU C 925 1.62 -51.95 1.91
N VAL C 926 2.89 -52.32 2.16
CA VAL C 926 3.88 -52.57 1.13
C VAL C 926 4.77 -53.70 1.61
N PRO C 927 5.65 -54.28 0.75
CA PRO C 927 6.63 -55.26 1.21
C PRO C 927 7.35 -54.78 2.46
N GLN C 928 7.66 -55.69 3.39
CA GLN C 928 8.23 -55.33 4.68
C GLN C 928 9.55 -54.57 4.47
N GLY C 929 10.32 -54.93 3.43
CA GLY C 929 11.60 -54.30 3.17
C GLY C 929 11.53 -52.94 2.45
N THR C 930 10.33 -52.48 2.08
CA THR C 930 10.15 -51.31 1.22
C THR C 930 10.81 -50.07 1.84
N SER C 931 11.60 -49.34 1.04
CA SER C 931 12.23 -48.11 1.48
C SER C 931 11.19 -47.00 1.61
N ASN C 932 11.47 -46.02 2.48
CA ASN C 932 10.60 -44.87 2.66
C ASN C 932 10.57 -44.05 1.37
N GLN C 933 11.68 -44.05 0.61
CA GLN C 933 11.75 -43.39 -0.70
C GLN C 933 10.63 -43.89 -1.60
N VAL C 934 10.54 -45.21 -1.76
CA VAL C 934 9.61 -45.84 -2.69
C VAL C 934 8.18 -45.56 -2.22
N TYR C 935 7.94 -45.67 -0.92
CA TYR C 935 6.61 -45.44 -0.37
C TYR C 935 6.18 -43.99 -0.53
N LEU C 936 7.12 -43.05 -0.34
CA LEU C 936 6.84 -41.63 -0.47
C LEU C 936 6.39 -41.31 -1.91
N SER C 937 7.14 -41.83 -2.89
CA SER C 937 6.83 -41.66 -4.30
C SER C 937 5.42 -42.16 -4.60
N GLN C 938 5.11 -43.32 -4.05
CA GLN C 938 3.83 -43.98 -4.25
C GLN C 938 2.70 -43.15 -3.65
N TYR C 939 2.90 -42.69 -2.41
CA TYR C 939 1.93 -41.90 -1.69
C TYR C 939 1.66 -40.59 -2.44
N LEU C 940 2.72 -39.88 -2.85
CA LEU C 940 2.56 -38.59 -3.52
C LEU C 940 1.89 -38.79 -4.89
N ALA C 941 2.30 -39.82 -5.62
CA ALA C 941 1.74 -40.09 -6.94
C ALA C 941 0.25 -40.34 -6.80
N ASN C 942 -0.13 -41.15 -5.80
CA ASN C 942 -1.52 -41.47 -5.55
C ASN C 942 -2.25 -40.19 -5.12
N MET C 943 -1.65 -39.40 -4.24
CA MET C 943 -2.28 -38.20 -3.73
C MET C 943 -2.49 -37.20 -4.88
N LEU C 944 -1.49 -37.01 -5.74
CA LEU C 944 -1.62 -35.99 -6.78
C LEU C 944 -2.60 -36.45 -7.85
N SER C 945 -2.58 -37.74 -8.15
CA SER C 945 -3.53 -38.35 -9.08
C SER C 945 -4.97 -38.06 -8.65
N ASN C 946 -5.26 -38.15 -7.34
CA ASN C 946 -6.60 -37.89 -6.82
C ASN C 946 -6.93 -36.40 -6.84
N ALA C 947 -5.95 -35.58 -6.45
CA ALA C 947 -6.16 -34.15 -6.34
C ALA C 947 -6.27 -33.49 -7.72
N PHE C 948 -5.56 -34.05 -8.71
CA PHE C 948 -5.43 -33.47 -10.05
C PHE C 948 -5.64 -34.58 -11.09
N PRO C 949 -6.88 -35.09 -11.24
CA PRO C 949 -7.13 -36.26 -12.09
C PRO C 949 -6.91 -36.04 -13.59
N HIS C 950 -6.82 -34.78 -14.01
CA HIS C 950 -6.59 -34.46 -15.41
C HIS C 950 -5.12 -34.61 -15.80
N LEU C 951 -4.23 -34.79 -14.82
CA LEU C 951 -2.83 -35.04 -15.11
C LEU C 951 -2.67 -36.50 -15.54
N THR C 952 -1.70 -36.77 -16.41
CA THR C 952 -1.32 -38.14 -16.72
C THR C 952 -0.41 -38.68 -15.64
N SER C 953 -0.31 -40.01 -15.58
CA SER C 953 0.59 -40.68 -14.66
C SER C 953 2.02 -40.25 -14.94
N GLU C 954 2.33 -40.07 -16.22
CA GLU C 954 3.65 -39.73 -16.73
C GLU C 954 4.04 -38.32 -16.25
N GLN C 955 3.11 -37.37 -16.30
CA GLN C 955 3.33 -36.03 -15.75
C GLN C 955 3.71 -36.11 -14.27
N ILE C 956 2.92 -36.86 -13.51
CA ILE C 956 3.07 -36.92 -12.08
C ILE C 956 4.40 -37.59 -11.74
N ALA C 957 4.69 -38.71 -12.42
CA ALA C 957 5.92 -39.46 -12.17
C ALA C 957 7.14 -38.62 -12.52
N SER C 958 7.11 -37.92 -13.66
CA SER C 958 8.22 -37.06 -14.06
C SER C 958 8.42 -35.93 -13.04
N PHE C 959 7.32 -35.27 -12.65
CA PHE C 959 7.35 -34.21 -11.65
C PHE C 959 8.06 -34.71 -10.40
N LEU C 960 7.64 -35.89 -9.91
CA LEU C 960 8.07 -36.38 -8.60
C LEU C 960 9.54 -36.83 -8.66
N SER C 961 9.90 -37.49 -9.76
CA SER C 961 11.27 -37.82 -10.08
C SER C 961 12.16 -36.57 -10.03
N ALA C 962 11.77 -35.51 -10.76
CA ALA C 962 12.47 -34.24 -10.73
C ALA C 962 12.56 -33.67 -9.31
N LEU C 963 11.42 -33.59 -8.63
CA LEU C 963 11.34 -33.00 -7.31
C LEU C 963 12.32 -33.67 -6.34
N THR C 964 12.38 -35.02 -6.35
CA THR C 964 13.18 -35.76 -5.39
C THR C 964 14.68 -35.68 -5.74
N LYS C 965 15.02 -35.50 -7.01
CA LYS C 965 16.42 -35.31 -7.41
C LYS C 965 16.89 -33.90 -7.07
N GLN C 966 15.97 -32.94 -6.94
CA GLN C 966 16.34 -31.55 -6.83
C GLN C 966 16.12 -31.06 -5.40
N CYS C 967 16.03 -31.98 -4.45
CA CYS C 967 15.60 -31.61 -3.11
C CYS C 967 16.79 -31.14 -2.27
N LYS C 968 17.92 -30.82 -2.91
CA LYS C 968 19.02 -30.12 -2.26
C LYS C 968 19.39 -28.87 -3.04
N ASP C 969 18.50 -28.41 -3.94
CA ASP C 969 18.78 -27.25 -4.77
C ASP C 969 17.51 -26.41 -4.88
N LEU C 970 17.39 -25.45 -3.97
CA LEU C 970 16.13 -24.80 -3.69
C LEU C 970 15.60 -24.07 -4.93
N VAL C 971 16.49 -23.36 -5.65
CA VAL C 971 15.99 -22.50 -6.72
C VAL C 971 15.48 -23.37 -7.87
N VAL C 972 16.12 -24.53 -8.08
CA VAL C 972 15.72 -25.47 -9.12
C VAL C 972 14.43 -26.19 -8.69
N PHE C 973 14.40 -26.67 -7.44
CA PHE C 973 13.23 -27.25 -6.80
C PHE C 973 12.03 -26.33 -6.99
N LYS C 974 12.20 -25.06 -6.63
CA LYS C 974 11.16 -24.07 -6.80
C LYS C 974 10.74 -23.96 -8.27
N GLY C 975 11.72 -24.03 -9.18
CA GLY C 975 11.40 -24.05 -10.60
C GLY C 975 10.44 -25.20 -10.96
N THR C 976 10.75 -26.38 -10.45
CA THR C 976 9.95 -27.58 -10.72
C THR C 976 8.54 -27.41 -10.14
N LEU C 977 8.45 -26.84 -8.94
CA LEU C 977 7.17 -26.55 -8.33
C LEU C 977 6.37 -25.58 -9.19
N ARG C 978 7.02 -24.53 -9.70
CA ARG C 978 6.33 -23.55 -10.52
C ARG C 978 5.84 -24.17 -11.83
N ASP C 979 6.65 -25.05 -12.42
CA ASP C 979 6.27 -25.77 -13.64
C ASP C 979 5.02 -26.60 -13.37
N PHE C 980 4.99 -27.28 -12.22
CA PHE C 980 3.83 -28.07 -11.84
C PHE C 980 2.58 -27.19 -11.72
N LEU C 981 2.73 -26.01 -11.09
CA LEU C 981 1.64 -25.09 -10.90
C LEU C 981 1.08 -24.60 -12.24
N VAL C 982 1.95 -24.47 -13.25
CA VAL C 982 1.51 -24.19 -14.61
C VAL C 982 0.73 -25.38 -15.17
N GLN C 983 1.31 -26.60 -15.08
CA GLN C 983 0.75 -27.76 -15.74
C GLN C 983 -0.61 -28.15 -15.15
N ILE C 984 -0.84 -27.89 -13.87
CA ILE C 984 -2.13 -28.24 -13.26
C ILE C 984 -3.26 -27.32 -13.75
N LYS C 985 -2.93 -26.22 -14.42
CA LYS C 985 -3.94 -25.29 -14.92
C LYS C 985 -4.38 -25.65 -16.33
N GLU C 986 -3.85 -26.73 -16.90
CA GLU C 986 -4.17 -27.09 -18.26
C GLU C 986 -4.17 -28.60 -18.40
N VAL C 987 -4.61 -29.05 -19.58
CA VAL C 987 -4.59 -30.44 -19.96
C VAL C 987 -3.43 -30.68 -20.91
N GLY C 988 -2.73 -31.80 -20.71
CA GLY C 988 -1.80 -32.31 -21.70
C GLY C 988 -0.44 -31.62 -21.60
N GLY C 989 -0.08 -31.14 -20.40
CA GLY C 989 1.28 -30.66 -20.17
C GLY C 989 2.33 -31.74 -20.48
N ASP C 990 3.46 -31.32 -21.05
CA ASP C 990 4.53 -32.23 -21.44
C ASP C 990 5.30 -32.68 -20.22
N PRO C 991 5.38 -34.01 -19.95
CA PRO C 991 6.16 -34.51 -18.83
C PRO C 991 7.67 -34.31 -18.95
N THR C 992 8.20 -34.13 -20.17
CA THR C 992 9.62 -33.87 -20.34
C THR C 992 10.00 -32.47 -19.86
N ASP C 993 9.01 -31.60 -19.63
CA ASP C 993 9.25 -30.28 -19.04
C ASP C 993 10.06 -30.38 -17.74
N TYR C 994 9.87 -31.47 -17.00
CA TYR C 994 10.51 -31.64 -15.71
C TYR C 994 11.98 -32.06 -15.86
N LEU C 995 12.47 -32.19 -17.10
CA LEU C 995 13.89 -32.43 -17.35
C LEU C 995 14.64 -31.13 -17.63
N PHE C 996 13.99 -29.96 -17.53
CA PHE C 996 14.60 -28.70 -17.94
C PHE C 996 15.99 -28.51 -17.32
#